data_4N6J
# 
_entry.id   4N6J 
# 
_audit_conform.dict_name       mmcif_pdbx.dic 
_audit_conform.dict_version    5.398 
_audit_conform.dict_location   http://mmcif.pdb.org/dictionaries/ascii/mmcif_pdbx.dic 
# 
loop_
_database_2.database_id 
_database_2.database_code 
_database_2.pdbx_database_accession 
_database_2.pdbx_DOI 
PDB   4N6J         pdb_00004n6j 10.2210/pdb4n6j/pdb 
RCSB  RCSB082814   ?            ?                   
WWPDB D_1000082814 ?            ?                   
# 
loop_
_pdbx_audit_revision_history.ordinal 
_pdbx_audit_revision_history.data_content_type 
_pdbx_audit_revision_history.major_revision 
_pdbx_audit_revision_history.minor_revision 
_pdbx_audit_revision_history.revision_date 
1 'Structure model' 1 0 2014-02-26 
2 'Structure model' 1 1 2019-12-25 
3 'Structure model' 1 2 2024-11-06 
# 
_pdbx_audit_revision_details.ordinal             1 
_pdbx_audit_revision_details.revision_ordinal    1 
_pdbx_audit_revision_details.data_content_type   'Structure model' 
_pdbx_audit_revision_details.provider            repository 
_pdbx_audit_revision_details.type                'Initial release' 
_pdbx_audit_revision_details.description         ? 
_pdbx_audit_revision_details.details             ? 
# 
loop_
_pdbx_audit_revision_group.ordinal 
_pdbx_audit_revision_group.revision_ordinal 
_pdbx_audit_revision_group.data_content_type 
_pdbx_audit_revision_group.group 
1 2 'Structure model' 'Database references'  
2 2 'Structure model' 'Derived calculations' 
3 2 'Structure model' 'Structure summary'    
4 3 'Structure model' 'Data collection'      
5 3 'Structure model' 'Database references'  
6 3 'Structure model' 'Derived calculations' 
7 3 'Structure model' 'Structure summary'    
# 
loop_
_pdbx_audit_revision_category.ordinal 
_pdbx_audit_revision_category.revision_ordinal 
_pdbx_audit_revision_category.data_content_type 
_pdbx_audit_revision_category.category 
1  2 'Structure model' audit_author              
2  2 'Structure model' citation                  
3  2 'Structure model' citation_author           
4  2 'Structure model' struct_conn               
5  2 'Structure model' struct_ref_seq_dif        
6  3 'Structure model' chem_comp_atom            
7  3 'Structure model' chem_comp_bond            
8  3 'Structure model' database_2                
9  3 'Structure model' pdbx_entry_details        
10 3 'Structure model' pdbx_modification_feature 
11 3 'Structure model' struct_conn               
# 
loop_
_pdbx_audit_revision_item.ordinal 
_pdbx_audit_revision_item.revision_ordinal 
_pdbx_audit_revision_item.data_content_type 
_pdbx_audit_revision_item.item 
1  2 'Structure model' '_audit_author.name'                  
2  2 'Structure model' '_citation.journal_volume'            
3  2 'Structure model' '_citation.page_first'                
4  2 'Structure model' '_citation.page_last'                 
5  2 'Structure model' '_citation.pdbx_database_id_PubMed'   
6  2 'Structure model' '_citation.title'                     
7  2 'Structure model' '_citation_author.name'               
8  2 'Structure model' '_struct_conn.pdbx_leaving_atom_flag' 
9  2 'Structure model' '_struct_ref_seq_dif.details'         
10 3 'Structure model' '_database_2.pdbx_DOI'                
11 3 'Structure model' '_database_2.pdbx_database_accession' 
12 3 'Structure model' '_struct_conn.pdbx_dist_value'        
13 3 'Structure model' '_struct_conn.ptnr1_auth_comp_id'     
14 3 'Structure model' '_struct_conn.ptnr1_auth_seq_id'      
15 3 'Structure model' '_struct_conn.ptnr1_label_comp_id'    
16 3 'Structure model' '_struct_conn.ptnr1_label_seq_id'     
17 3 'Structure model' '_struct_conn.ptnr2_auth_comp_id'     
18 3 'Structure model' '_struct_conn.ptnr2_auth_seq_id'      
19 3 'Structure model' '_struct_conn.ptnr2_label_comp_id'    
20 3 'Structure model' '_struct_conn.ptnr2_label_seq_id'     
# 
_pdbx_database_status.status_code                     REL 
_pdbx_database_status.entry_id                        4N6J 
_pdbx_database_status.recvd_initial_deposition_date   2013-10-13 
_pdbx_database_status.deposit_site                    RCSB 
_pdbx_database_status.process_site                    PDBJ 
_pdbx_database_status.methods_development_category    ? 
_pdbx_database_status.status_code_sf                  REL 
_pdbx_database_status.status_code_mr                  ? 
_pdbx_database_status.SG_entry                        ? 
_pdbx_database_status.status_code_cs                  ? 
_pdbx_database_status.pdb_format_compatible           Y 
_pdbx_database_status.status_code_nmr_data            ? 
# 
loop_
_audit_author.name 
_audit_author.pdbx_ordinal 
_audit_author.identifier_ORCID 
'Chen, C.' 1 ? 
'Shi, Z.'  2 ? 
'Zhou, Z.' 3 ? 
# 
_citation.id                        primary 
_citation.title                     
;Striatins contain a noncanonical coiled coil that binds protein phosphatase 2A A subunit to form a 2:2 heterotetrameric core of striatin-interacting phosphatase and kinase (STRIPAK) complex.
;
_citation.journal_abbrev            J.Biol.Chem. 
_citation.journal_volume            289 
_citation.page_first                9651 
_citation.page_last                 9661 
_citation.year                      2014 
_citation.journal_id_ASTM           JBCHA3 
_citation.country                   US 
_citation.journal_id_ISSN           1083-351X 
_citation.journal_id_CSD            0071 
_citation.book_publisher            ? 
_citation.pdbx_database_id_PubMed   24550388 
_citation.pdbx_database_id_DOI      10.1074/jbc.M113.529297 
# 
loop_
_citation_author.citation_id 
_citation_author.name 
_citation_author.ordinal 
_citation_author.identifier_ORCID 
primary 'Chen, C.'    1  ? 
primary 'Shi, Z.'     2  ? 
primary 'Zhang, W.'   3  ? 
primary 'Chen, M.'    4  ? 
primary 'He, F.'      5  ? 
primary 'Zhang, Z.'   6  ? 
primary 'Wang, Y.'    7  ? 
primary 'Feng, M.'    8  ? 
primary 'Wang, W.'    9  ? 
primary 'Zhao, Y.'    10 ? 
primary 'Brown, J.H.' 11 ? 
primary 'Jiao, S.'    12 ? 
primary 'Zhou, Z.'    13 ? 
# 
loop_
_entity.id 
_entity.type 
_entity.src_method 
_entity.pdbx_description 
_entity.formula_weight 
_entity.pdbx_number_of_molecules 
_entity.pdbx_ec 
_entity.pdbx_mutation 
_entity.pdbx_fragment 
_entity.details 
1 polymer man Striatin-3 6156.616 2   ? 'F99M, Y123M' 'UNP residues 86-131' ? 
2 water   nat water      18.015   114 ? ?             ?                     ? 
# 
_entity_name_com.entity_id   1 
_entity_name_com.name        'Cell cycle autoantigen SG2NA, S/G2 antigen' 
# 
_entity_poly.entity_id                      1 
_entity_poly.type                           'polypeptide(L)' 
_entity_poly.nstd_linkage                   no 
_entity_poly.nstd_monomer                   yes 
_entity_poly.pdbx_seq_one_letter_code       'ST(MSE)DWEVERAELQARIA(MSE)LQGERKGQENLKKDLVRRIK(MSE)LE(MSE)ALKQERAK' 
_entity_poly.pdbx_seq_one_letter_code_can   STMDWEVERAELQARIAMLQGERKGQENLKKDLVRRIKMLEMALKQERAK 
_entity_poly.pdbx_strand_id                 A,B 
_entity_poly.pdbx_target_identifier         ? 
# 
_pdbx_entity_nonpoly.entity_id   2 
_pdbx_entity_nonpoly.name        water 
_pdbx_entity_nonpoly.comp_id     HOH 
# 
loop_
_entity_poly_seq.entity_id 
_entity_poly_seq.num 
_entity_poly_seq.mon_id 
_entity_poly_seq.hetero 
1 1  SER n 
1 2  THR n 
1 3  MSE n 
1 4  ASP n 
1 5  TRP n 
1 6  GLU n 
1 7  VAL n 
1 8  GLU n 
1 9  ARG n 
1 10 ALA n 
1 11 GLU n 
1 12 LEU n 
1 13 GLN n 
1 14 ALA n 
1 15 ARG n 
1 16 ILE n 
1 17 ALA n 
1 18 MSE n 
1 19 LEU n 
1 20 GLN n 
1 21 GLY n 
1 22 GLU n 
1 23 ARG n 
1 24 LYS n 
1 25 GLY n 
1 26 GLN n 
1 27 GLU n 
1 28 ASN n 
1 29 LEU n 
1 30 LYS n 
1 31 LYS n 
1 32 ASP n 
1 33 LEU n 
1 34 VAL n 
1 35 ARG n 
1 36 ARG n 
1 37 ILE n 
1 38 LYS n 
1 39 MSE n 
1 40 LEU n 
1 41 GLU n 
1 42 MSE n 
1 43 ALA n 
1 44 LEU n 
1 45 LYS n 
1 46 GLN n 
1 47 GLU n 
1 48 ARG n 
1 49 ALA n 
1 50 LYS n 
# 
_entity_src_gen.entity_id                          1 
_entity_src_gen.pdbx_src_id                        1 
_entity_src_gen.pdbx_alt_source_flag               sample 
_entity_src_gen.pdbx_seq_type                      ? 
_entity_src_gen.pdbx_beg_seq_num                   ? 
_entity_src_gen.pdbx_end_seq_num                   ? 
_entity_src_gen.gene_src_common_name               human 
_entity_src_gen.gene_src_genus                     ? 
_entity_src_gen.pdbx_gene_src_gene                 'GS2NA, SG2NA, STRN3' 
_entity_src_gen.gene_src_species                   ? 
_entity_src_gen.gene_src_strain                    ? 
_entity_src_gen.gene_src_tissue                    ? 
_entity_src_gen.gene_src_tissue_fraction           ? 
_entity_src_gen.gene_src_details                   ? 
_entity_src_gen.pdbx_gene_src_fragment             ? 
_entity_src_gen.pdbx_gene_src_scientific_name      'Homo sapiens' 
_entity_src_gen.pdbx_gene_src_ncbi_taxonomy_id     9606 
_entity_src_gen.pdbx_gene_src_variant              ? 
_entity_src_gen.pdbx_gene_src_cell_line            ? 
_entity_src_gen.pdbx_gene_src_atcc                 ? 
_entity_src_gen.pdbx_gene_src_organ                ? 
_entity_src_gen.pdbx_gene_src_organelle            ? 
_entity_src_gen.pdbx_gene_src_cell                 ? 
_entity_src_gen.pdbx_gene_src_cellular_location    ? 
_entity_src_gen.host_org_common_name               ? 
_entity_src_gen.pdbx_host_org_scientific_name      'Escherichia coli' 
_entity_src_gen.pdbx_host_org_ncbi_taxonomy_id     562 
_entity_src_gen.host_org_genus                     ? 
_entity_src_gen.pdbx_host_org_gene                 ? 
_entity_src_gen.pdbx_host_org_organ                ? 
_entity_src_gen.host_org_species                   ? 
_entity_src_gen.pdbx_host_org_tissue               ? 
_entity_src_gen.pdbx_host_org_tissue_fraction      ? 
_entity_src_gen.pdbx_host_org_strain               'BL21(DE3) codonplus' 
_entity_src_gen.pdbx_host_org_variant              ? 
_entity_src_gen.pdbx_host_org_cell_line            ? 
_entity_src_gen.pdbx_host_org_atcc                 ? 
_entity_src_gen.pdbx_host_org_culture_collection   ? 
_entity_src_gen.pdbx_host_org_cell                 ? 
_entity_src_gen.pdbx_host_org_organelle            ? 
_entity_src_gen.pdbx_host_org_cellular_location    ? 
_entity_src_gen.pdbx_host_org_vector_type          plasmid 
_entity_src_gen.pdbx_host_org_vector               ? 
_entity_src_gen.host_org_details                   ? 
_entity_src_gen.expression_system_id               ? 
_entity_src_gen.plasmid_name                       HST-pET28a 
_entity_src_gen.plasmid_details                    ? 
_entity_src_gen.pdbx_description                   ? 
# 
loop_
_chem_comp.id 
_chem_comp.type 
_chem_comp.mon_nstd_flag 
_chem_comp.name 
_chem_comp.pdbx_synonyms 
_chem_comp.formula 
_chem_comp.formula_weight 
ALA 'L-peptide linking' y ALANINE          ? 'C3 H7 N O2'     89.093  
ARG 'L-peptide linking' y ARGININE         ? 'C6 H15 N4 O2 1' 175.209 
ASN 'L-peptide linking' y ASPARAGINE       ? 'C4 H8 N2 O3'    132.118 
ASP 'L-peptide linking' y 'ASPARTIC ACID'  ? 'C4 H7 N O4'     133.103 
GLN 'L-peptide linking' y GLUTAMINE        ? 'C5 H10 N2 O3'   146.144 
GLU 'L-peptide linking' y 'GLUTAMIC ACID'  ? 'C5 H9 N O4'     147.129 
GLY 'peptide linking'   y GLYCINE          ? 'C2 H5 N O2'     75.067  
HOH non-polymer         . WATER            ? 'H2 O'           18.015  
ILE 'L-peptide linking' y ISOLEUCINE       ? 'C6 H13 N O2'    131.173 
LEU 'L-peptide linking' y LEUCINE          ? 'C6 H13 N O2'    131.173 
LYS 'L-peptide linking' y LYSINE           ? 'C6 H15 N2 O2 1' 147.195 
MSE 'L-peptide linking' n SELENOMETHIONINE ? 'C5 H11 N O2 Se' 196.106 
PHE 'L-peptide linking' y PHENYLALANINE    ? 'C9 H11 N O2'    165.189 
SER 'L-peptide linking' y SERINE           ? 'C3 H7 N O3'     105.093 
THR 'L-peptide linking' y THREONINE        ? 'C4 H9 N O3'     119.119 
TRP 'L-peptide linking' y TRYPTOPHAN       ? 'C11 H12 N2 O2'  204.225 
TYR 'L-peptide linking' y TYROSINE         ? 'C9 H11 N O3'    181.189 
VAL 'L-peptide linking' y VALINE           ? 'C5 H11 N O2'    117.146 
# 
loop_
_pdbx_poly_seq_scheme.asym_id 
_pdbx_poly_seq_scheme.entity_id 
_pdbx_poly_seq_scheme.seq_id 
_pdbx_poly_seq_scheme.mon_id 
_pdbx_poly_seq_scheme.ndb_seq_num 
_pdbx_poly_seq_scheme.pdb_seq_num 
_pdbx_poly_seq_scheme.auth_seq_num 
_pdbx_poly_seq_scheme.pdb_mon_id 
_pdbx_poly_seq_scheme.auth_mon_id 
_pdbx_poly_seq_scheme.pdb_strand_id 
_pdbx_poly_seq_scheme.pdb_ins_code 
_pdbx_poly_seq_scheme.hetero 
A 1 1  SER 1  82  82  SER SER A . n 
A 1 2  THR 2  83  83  THR THR A . n 
A 1 3  MSE 3  84  84  MSE MSE A . n 
A 1 4  ASP 4  85  85  ASP ASP A . n 
A 1 5  TRP 5  86  86  TRP TRP A . n 
A 1 6  GLU 6  87  87  GLU GLU A . n 
A 1 7  VAL 7  88  88  VAL VAL A . n 
A 1 8  GLU 8  89  89  GLU GLU A . n 
A 1 9  ARG 9  90  90  ARG ARG A . n 
A 1 10 ALA 10 91  91  ALA ALA A . n 
A 1 11 GLU 11 92  92  GLU GLU A . n 
A 1 12 LEU 12 93  93  LEU LEU A . n 
A 1 13 GLN 13 94  94  GLN GLN A . n 
A 1 14 ALA 14 95  95  ALA ALA A . n 
A 1 15 ARG 15 96  96  ARG ARG A . n 
A 1 16 ILE 16 97  97  ILE ILE A . n 
A 1 17 ALA 17 98  98  ALA ALA A . n 
A 1 18 MSE 18 99  99  MSE MSE A . n 
A 1 19 LEU 19 100 100 LEU LEU A . n 
A 1 20 GLN 20 101 101 GLN GLN A . n 
A 1 21 GLY 21 102 102 GLY GLY A . n 
A 1 22 GLU 22 103 103 GLU GLU A . n 
A 1 23 ARG 23 104 104 ARG ARG A . n 
A 1 24 LYS 24 105 105 LYS LYS A . n 
A 1 25 GLY 25 106 106 GLY GLY A . n 
A 1 26 GLN 26 107 107 GLN GLN A . n 
A 1 27 GLU 27 108 108 GLU GLU A . n 
A 1 28 ASN 28 109 109 ASN ASN A . n 
A 1 29 LEU 29 110 110 LEU LEU A . n 
A 1 30 LYS 30 111 111 LYS LYS A . n 
A 1 31 LYS 31 112 112 LYS LYS A . n 
A 1 32 ASP 32 113 113 ASP ASP A . n 
A 1 33 LEU 33 114 114 LEU LEU A . n 
A 1 34 VAL 34 115 115 VAL VAL A . n 
A 1 35 ARG 35 116 116 ARG ARG A . n 
A 1 36 ARG 36 117 117 ARG ARG A . n 
A 1 37 ILE 37 118 118 ILE ILE A . n 
A 1 38 LYS 38 119 119 LYS LYS A . n 
A 1 39 MSE 39 120 120 MSE MSE A . n 
A 1 40 LEU 40 121 121 LEU LEU A . n 
A 1 41 GLU 41 122 122 GLU GLU A . n 
A 1 42 MSE 42 123 123 MSE MSE A . n 
A 1 43 ALA 43 124 124 ALA ALA A . n 
A 1 44 LEU 44 125 125 LEU LEU A . n 
A 1 45 LYS 45 126 126 LYS LYS A . n 
A 1 46 GLN 46 127 127 GLN GLN A . n 
A 1 47 GLU 47 128 128 GLU GLU A . n 
A 1 48 ARG 48 129 129 ARG ARG A . n 
A 1 49 ALA 49 130 130 ALA ALA A . n 
A 1 50 LYS 50 131 ?   ?   ?   A . n 
B 1 1  SER 1  82  ?   ?   ?   B . n 
B 1 2  THR 2  83  ?   ?   ?   B . n 
B 1 3  MSE 3  84  84  MSE MSE B . n 
B 1 4  ASP 4  85  85  ASP ASP B . n 
B 1 5  TRP 5  86  86  TRP TRP B . n 
B 1 6  GLU 6  87  87  GLU GLU B . n 
B 1 7  VAL 7  88  88  VAL VAL B . n 
B 1 8  GLU 8  89  89  GLU GLU B . n 
B 1 9  ARG 9  90  90  ARG ARG B . n 
B 1 10 ALA 10 91  91  ALA ALA B . n 
B 1 11 GLU 11 92  92  GLU GLU B . n 
B 1 12 LEU 12 93  93  LEU LEU B . n 
B 1 13 GLN 13 94  94  GLN GLN B . n 
B 1 14 ALA 14 95  95  ALA ALA B . n 
B 1 15 ARG 15 96  96  ARG ARG B . n 
B 1 16 ILE 16 97  97  ILE ILE B . n 
B 1 17 ALA 17 98  98  ALA ALA B . n 
B 1 18 MSE 18 99  99  MSE MSE B . n 
B 1 19 LEU 19 100 100 LEU LEU B . n 
B 1 20 GLN 20 101 101 GLN GLN B . n 
B 1 21 GLY 21 102 102 GLY GLY B . n 
B 1 22 GLU 22 103 103 GLU GLU B . n 
B 1 23 ARG 23 104 104 ARG ARG B . n 
B 1 24 LYS 24 105 105 LYS LYS B . n 
B 1 25 GLY 25 106 106 GLY GLY B . n 
B 1 26 GLN 26 107 107 GLN GLN B . n 
B 1 27 GLU 27 108 108 GLU GLU B . n 
B 1 28 ASN 28 109 109 ASN ASN B . n 
B 1 29 LEU 29 110 110 LEU LEU B . n 
B 1 30 LYS 30 111 111 LYS LYS B . n 
B 1 31 LYS 31 112 112 LYS LYS B . n 
B 1 32 ASP 32 113 113 ASP ASP B . n 
B 1 33 LEU 33 114 114 LEU LEU B . n 
B 1 34 VAL 34 115 115 VAL VAL B . n 
B 1 35 ARG 35 116 116 ARG ARG B . n 
B 1 36 ARG 36 117 117 ARG ARG B . n 
B 1 37 ILE 37 118 118 ILE ILE B . n 
B 1 38 LYS 38 119 119 LYS LYS B . n 
B 1 39 MSE 39 120 120 MSE MSE B . n 
B 1 40 LEU 40 121 121 LEU LEU B . n 
B 1 41 GLU 41 122 122 GLU GLU B . n 
B 1 42 MSE 42 123 123 MSE MSE B . n 
B 1 43 ALA 43 124 124 ALA ALA B . n 
B 1 44 LEU 44 125 125 LEU LEU B . n 
B 1 45 LYS 45 126 126 LYS LYS B . n 
B 1 46 GLN 46 127 127 GLN GLN B . n 
B 1 47 GLU 47 128 128 GLU GLU B . n 
B 1 48 ARG 48 129 129 ARG ARG B . n 
B 1 49 ALA 49 130 130 ALA ALA B . n 
B 1 50 LYS 50 131 ?   ?   ?   B . n 
# 
loop_
_pdbx_nonpoly_scheme.asym_id 
_pdbx_nonpoly_scheme.entity_id 
_pdbx_nonpoly_scheme.mon_id 
_pdbx_nonpoly_scheme.ndb_seq_num 
_pdbx_nonpoly_scheme.pdb_seq_num 
_pdbx_nonpoly_scheme.auth_seq_num 
_pdbx_nonpoly_scheme.pdb_mon_id 
_pdbx_nonpoly_scheme.auth_mon_id 
_pdbx_nonpoly_scheme.pdb_strand_id 
_pdbx_nonpoly_scheme.pdb_ins_code 
C 2 HOH 1  201 1   HOH HOH A . 
C 2 HOH 2  202 3   HOH HOH A . 
C 2 HOH 3  203 4   HOH HOH A . 
C 2 HOH 4  204 6   HOH HOH A . 
C 2 HOH 5  205 7   HOH HOH A . 
C 2 HOH 6  206 9   HOH HOH A . 
C 2 HOH 7  207 10  HOH HOH A . 
C 2 HOH 8  208 11  HOH HOH A . 
C 2 HOH 9  209 12  HOH HOH A . 
C 2 HOH 10 210 13  HOH HOH A . 
C 2 HOH 11 211 14  HOH HOH A . 
C 2 HOH 12 212 15  HOH HOH A . 
C 2 HOH 13 213 16  HOH HOH A . 
C 2 HOH 14 214 18  HOH HOH A . 
C 2 HOH 15 215 19  HOH HOH A . 
C 2 HOH 16 216 20  HOH HOH A . 
C 2 HOH 17 217 21  HOH HOH A . 
C 2 HOH 18 218 23  HOH HOH A . 
C 2 HOH 19 219 24  HOH HOH A . 
C 2 HOH 20 220 26  HOH HOH A . 
C 2 HOH 21 221 28  HOH HOH A . 
C 2 HOH 22 222 29  HOH HOH A . 
C 2 HOH 23 223 30  HOH HOH A . 
C 2 HOH 24 224 31  HOH HOH A . 
C 2 HOH 25 225 36  HOH HOH A . 
C 2 HOH 26 226 38  HOH HOH A . 
C 2 HOH 27 227 39  HOH HOH A . 
C 2 HOH 28 228 44  HOH HOH A . 
C 2 HOH 29 229 45  HOH HOH A . 
C 2 HOH 30 230 46  HOH HOH A . 
C 2 HOH 31 231 47  HOH HOH A . 
C 2 HOH 32 232 52  HOH HOH A . 
C 2 HOH 33 233 53  HOH HOH A . 
C 2 HOH 34 234 56  HOH HOH A . 
C 2 HOH 35 235 57  HOH HOH A . 
C 2 HOH 36 236 58  HOH HOH A . 
C 2 HOH 37 237 61  HOH HOH A . 
C 2 HOH 38 238 64  HOH HOH A . 
C 2 HOH 39 239 65  HOH HOH A . 
C 2 HOH 40 240 66  HOH HOH A . 
C 2 HOH 41 241 67  HOH HOH A . 
C 2 HOH 42 242 69  HOH HOH A . 
C 2 HOH 43 243 70  HOH HOH A . 
C 2 HOH 44 244 71  HOH HOH A . 
C 2 HOH 45 245 72  HOH HOH A . 
C 2 HOH 46 246 77  HOH HOH A . 
C 2 HOH 47 247 78  HOH HOH A . 
C 2 HOH 48 248 80  HOH HOH A . 
C 2 HOH 49 249 86  HOH HOH A . 
C 2 HOH 50 250 88  HOH HOH A . 
C 2 HOH 51 251 91  HOH HOH A . 
C 2 HOH 52 252 94  HOH HOH A . 
C 2 HOH 53 253 96  HOH HOH A . 
C 2 HOH 54 254 97  HOH HOH A . 
C 2 HOH 55 255 99  HOH HOH A . 
C 2 HOH 56 256 100 HOH HOH A . 
C 2 HOH 57 257 102 HOH HOH A . 
C 2 HOH 58 258 105 HOH HOH A . 
C 2 HOH 59 259 106 HOH HOH A . 
C 2 HOH 60 260 110 HOH HOH A . 
C 2 HOH 61 261 120 HOH HOH A . 
C 2 HOH 62 262 121 HOH HOH A . 
C 2 HOH 63 263 122 HOH HOH A . 
C 2 HOH 64 264 126 HOH HOH A . 
D 2 HOH 1  201 2   HOH HOH B . 
D 2 HOH 2  202 5   HOH HOH B . 
D 2 HOH 3  203 8   HOH HOH B . 
D 2 HOH 4  204 17  HOH HOH B . 
D 2 HOH 5  205 22  HOH HOH B . 
D 2 HOH 6  206 25  HOH HOH B . 
D 2 HOH 7  207 27  HOH HOH B . 
D 2 HOH 8  208 32  HOH HOH B . 
D 2 HOH 9  209 33  HOH HOH B . 
D 2 HOH 10 210 34  HOH HOH B . 
D 2 HOH 11 211 35  HOH HOH B . 
D 2 HOH 12 212 37  HOH HOH B . 
D 2 HOH 13 213 40  HOH HOH B . 
D 2 HOH 14 214 41  HOH HOH B . 
D 2 HOH 15 215 42  HOH HOH B . 
D 2 HOH 16 216 43  HOH HOH B . 
D 2 HOH 17 217 48  HOH HOH B . 
D 2 HOH 18 218 49  HOH HOH B . 
D 2 HOH 19 219 50  HOH HOH B . 
D 2 HOH 20 220 51  HOH HOH B . 
D 2 HOH 21 221 54  HOH HOH B . 
D 2 HOH 22 222 55  HOH HOH B . 
D 2 HOH 23 223 59  HOH HOH B . 
D 2 HOH 24 224 60  HOH HOH B . 
D 2 HOH 25 225 62  HOH HOH B . 
D 2 HOH 26 226 63  HOH HOH B . 
D 2 HOH 27 227 68  HOH HOH B . 
D 2 HOH 28 228 73  HOH HOH B . 
D 2 HOH 29 229 74  HOH HOH B . 
D 2 HOH 30 230 75  HOH HOH B . 
D 2 HOH 31 231 76  HOH HOH B . 
D 2 HOH 32 232 79  HOH HOH B . 
D 2 HOH 33 233 81  HOH HOH B . 
D 2 HOH 34 234 82  HOH HOH B . 
D 2 HOH 35 235 83  HOH HOH B . 
D 2 HOH 36 236 84  HOH HOH B . 
D 2 HOH 37 237 85  HOH HOH B . 
D 2 HOH 38 238 87  HOH HOH B . 
D 2 HOH 39 239 90  HOH HOH B . 
D 2 HOH 40 240 92  HOH HOH B . 
D 2 HOH 41 241 93  HOH HOH B . 
D 2 HOH 42 242 95  HOH HOH B . 
D 2 HOH 43 243 98  HOH HOH B . 
D 2 HOH 44 244 101 HOH HOH B . 
D 2 HOH 45 245 103 HOH HOH B . 
D 2 HOH 46 246 108 HOH HOH B . 
D 2 HOH 47 247 111 HOH HOH B . 
D 2 HOH 48 248 115 HOH HOH B . 
D 2 HOH 49 249 118 HOH HOH B . 
D 2 HOH 50 250 124 HOH HOH B . 
# 
loop_
_pdbx_unobs_or_zero_occ_atoms.id 
_pdbx_unobs_or_zero_occ_atoms.PDB_model_num 
_pdbx_unobs_or_zero_occ_atoms.polymer_flag 
_pdbx_unobs_or_zero_occ_atoms.occupancy_flag 
_pdbx_unobs_or_zero_occ_atoms.auth_asym_id 
_pdbx_unobs_or_zero_occ_atoms.auth_comp_id 
_pdbx_unobs_or_zero_occ_atoms.auth_seq_id 
_pdbx_unobs_or_zero_occ_atoms.PDB_ins_code 
_pdbx_unobs_or_zero_occ_atoms.auth_atom_id 
_pdbx_unobs_or_zero_occ_atoms.label_alt_id 
_pdbx_unobs_or_zero_occ_atoms.label_asym_id 
_pdbx_unobs_or_zero_occ_atoms.label_comp_id 
_pdbx_unobs_or_zero_occ_atoms.label_seq_id 
_pdbx_unobs_or_zero_occ_atoms.label_atom_id 
1 1 Y 1 A MSE 99  ? CG ? A MSE 18 CG 
2 1 Y 1 A MSE 99  ? CE ? A MSE 18 CE 
3 1 Y 1 B LYS 105 ? CD ? B LYS 24 CD 
4 1 Y 1 B LYS 105 ? CE ? B LYS 24 CE 
5 1 Y 1 B LYS 105 ? NZ ? B LYS 24 NZ 
# 
loop_
_software.name 
_software.classification 
_software.version 
_software.citation_id 
_software.pdbx_ordinal 
HKL-2000 'data collection' .                             ? 1 
AutoSol  phasing           .                             ? 2 
PHENIX   refinement        '(phenix.refine: 1.8.1_1168)' ? 3 
HKL-2000 'data reduction'  .                             ? 4 
HKL-2000 'data scaling'    .                             ? 5 
# 
_cell.entry_id           4N6J 
_cell.length_a           34.064 
_cell.length_b           34.064 
_cell.length_c           161.388 
_cell.angle_alpha        90.00 
_cell.angle_beta         90.00 
_cell.angle_gamma        120.00 
_cell.Z_PDB              12 
_cell.pdbx_unique_axis   ? 
_cell.length_a_esd       ? 
_cell.length_b_esd       ? 
_cell.length_c_esd       ? 
_cell.angle_alpha_esd    ? 
_cell.angle_beta_esd     ? 
_cell.angle_gamma_esd    ? 
# 
_symmetry.entry_id                         4N6J 
_symmetry.space_group_name_H-M             'P 32 2 1' 
_symmetry.pdbx_full_space_group_name_H-M   ? 
_symmetry.cell_setting                     ? 
_symmetry.Int_Tables_number                154 
_symmetry.space_group_name_Hall            ? 
# 
_exptl.entry_id          4N6J 
_exptl.method            'X-RAY DIFFRACTION' 
_exptl.crystals_number   1 
# 
_exptl_crystal.id                    1 
_exptl_crystal.density_meas          ? 
_exptl_crystal.density_Matthews      2.20 
_exptl_crystal.density_percent_sol   43.97 
_exptl_crystal.description           'THE ENTRY CONTAINS FRIEDEL PAIRS IN F_PLUS/MINUS COLUMNS.' 
_exptl_crystal.F_000                 ? 
_exptl_crystal.preparation           ? 
# 
_exptl_crystal_grow.crystal_id      1 
_exptl_crystal_grow.method          'VAPOR DIFFUSION, SITTING DROP' 
_exptl_crystal_grow.temp            289 
_exptl_crystal_grow.temp_details    ? 
_exptl_crystal_grow.pH              6.5 
_exptl_crystal_grow.pdbx_details    
'0.1M Bis-Tris pH 6.5, 0.2M MgCl2, 23% PEG3350, VAPOR DIFFUSION, SITTING DROP, temperature 289K' 
_exptl_crystal_grow.pdbx_pH_range   . 
# 
_diffrn.id                     1 
_diffrn.ambient_temp           100 
_diffrn.ambient_temp_details   ? 
_diffrn.crystal_id             1 
# 
_diffrn_detector.diffrn_id              1 
_diffrn_detector.detector               'IMAGE PLATE' 
_diffrn_detector.type                   'MAR scanner 345 mm plate' 
_diffrn_detector.pdbx_collection_date   2012-09-17 
_diffrn_detector.details                ? 
# 
_diffrn_radiation.diffrn_id                        1 
_diffrn_radiation.wavelength_id                    1 
_diffrn_radiation.pdbx_monochromatic_or_laue_m_l   M 
_diffrn_radiation.monochromator                    'Si 111 CHANNEL' 
_diffrn_radiation.pdbx_diffrn_protocol             'SINGLE WAVELENGTH' 
_diffrn_radiation.pdbx_scattering_type             x-ray 
# 
_diffrn_radiation_wavelength.id           1 
_diffrn_radiation_wavelength.wavelength   0.9793 
_diffrn_radiation_wavelength.wt           1.0 
# 
_diffrn_source.diffrn_id                   1 
_diffrn_source.source                      SYNCHROTRON 
_diffrn_source.type                        'BSRF BEAMLINE 1W2B' 
_diffrn_source.pdbx_synchrotron_site       BSRF 
_diffrn_source.pdbx_synchrotron_beamline   1W2B 
_diffrn_source.pdbx_wavelength             ? 
_diffrn_source.pdbx_wavelength_list        0.9793 
# 
_reflns.entry_id                     4N6J 
_reflns.observed_criterion_sigma_I   2.0 
_reflns.observed_criterion_sigma_F   2.0 
_reflns.d_resolution_low             50 
_reflns.d_resolution_high            2.0 
_reflns.number_obs                   8009 
_reflns.number_all                   ? 
_reflns.percent_possible_obs         99.9 
_reflns.pdbx_Rmerge_I_obs            0.041 
_reflns.pdbx_Rsym_value              ? 
_reflns.pdbx_netI_over_sigmaI        43.11 
_reflns.B_iso_Wilson_estimate        ? 
_reflns.pdbx_redundancy              16.2 
_reflns.R_free_details               ? 
_reflns.limit_h_max                  ? 
_reflns.limit_h_min                  ? 
_reflns.limit_k_max                  ? 
_reflns.limit_k_min                  ? 
_reflns.limit_l_max                  ? 
_reflns.limit_l_min                  ? 
_reflns.observed_criterion_F_max     ? 
_reflns.observed_criterion_F_min     ? 
_reflns.pdbx_chi_squared             ? 
_reflns.pdbx_scaling_rejects         ? 
_reflns.pdbx_ordinal                 1 
_reflns.pdbx_diffrn_id               1 
# 
_reflns_shell.d_res_high                  2.0 
_reflns_shell.d_res_low                   2.03 
_reflns_shell.percent_possible_all        99.4 
_reflns_shell.Rmerge_I_obs                0.083 
_reflns_shell.pdbx_Rsym_value             ? 
_reflns_shell.meanI_over_sigI_obs         24.19 
_reflns_shell.pdbx_redundancy             10.0 
_reflns_shell.percent_possible_obs        ? 
_reflns_shell.number_unique_all           8009 
_reflns_shell.number_measured_all         ? 
_reflns_shell.number_measured_obs         ? 
_reflns_shell.number_unique_obs           ? 
_reflns_shell.pdbx_chi_squared            ? 
_reflns_shell.pdbx_rejects                ? 
_reflns_shell.pdbx_netI_over_sigmaI_obs   ? 
_reflns_shell.number_possible             ? 
_reflns_shell.Rmerge_F_all                ? 
_reflns_shell.Rmerge_F_obs                ? 
_reflns_shell.Rmerge_I_all                ? 
_reflns_shell.meanI_over_sigI_all         ? 
_reflns_shell.pdbx_Rrim_I_all             ? 
_reflns_shell.pdbx_Rpim_I_all             ? 
_reflns_shell.pdbx_ordinal                1 
_reflns_shell.pdbx_diffrn_id              1 
# 
_refine.entry_id                                 4N6J 
_refine.ls_number_reflns_obs                     7949 
_refine.ls_number_reflns_all                     ? 
_refine.pdbx_ls_sigma_I                          ? 
_refine.pdbx_ls_sigma_F                          1.34 
_refine.pdbx_data_cutoff_high_absF               ? 
_refine.pdbx_data_cutoff_low_absF                ? 
_refine.pdbx_data_cutoff_high_rms_absF           ? 
_refine.ls_d_res_low                             29.500 
_refine.ls_d_res_high                            2.001 
_refine.ls_percent_reflns_obs                    99.56 
_refine.ls_R_factor_obs                          0.2085 
_refine.ls_R_factor_all                          ? 
_refine.ls_R_factor_R_work                       0.2035 
_refine.ls_R_factor_R_free                       0.2521 
_refine.ls_R_factor_R_free_error                 ? 
_refine.ls_R_factor_R_free_error_details         ? 
_refine.ls_percent_reflns_R_free                 9.99 
_refine.ls_number_reflns_R_free                  1404 
_refine.ls_number_parameters                     ? 
_refine.ls_number_restraints                     ? 
_refine.occupancy_min                            ? 
_refine.occupancy_max                            ? 
_refine.correlation_coeff_Fo_to_Fc               ? 
_refine.correlation_coeff_Fo_to_Fc_free          ? 
_refine.B_iso_mean                               ? 
_refine.aniso_B[1][1]                            ? 
_refine.aniso_B[2][2]                            ? 
_refine.aniso_B[3][3]                            ? 
_refine.aniso_B[1][2]                            ? 
_refine.aniso_B[1][3]                            ? 
_refine.aniso_B[2][3]                            ? 
_refine.solvent_model_details                    'FLAT BULK SOLVENT MODEL' 
_refine.solvent_model_param_ksol                 ? 
_refine.solvent_model_param_bsol                 ? 
_refine.pdbx_solvent_vdw_probe_radii             1.11 
_refine.pdbx_solvent_ion_probe_radii             ? 
_refine.pdbx_solvent_shrinkage_radii             0.90 
_refine.pdbx_ls_cross_valid_method               ? 
_refine.details                                  'SF FILE CONTAINS FRIEDEL PAIRS UNDER I/F_MINUS AND I/F_PLUS COLUMNS.' 
_refine.pdbx_starting_model                      ? 
_refine.pdbx_method_to_determine_struct          SAD 
_refine.pdbx_isotropic_thermal_model             ? 
_refine.pdbx_stereochemistry_target_values       ML 
_refine.pdbx_stereochem_target_val_spec_case     ? 
_refine.pdbx_R_Free_selection_details            RANDOM 
_refine.pdbx_overall_ESU_R                       ? 
_refine.pdbx_overall_ESU_R_Free                  ? 
_refine.overall_SU_ML                            0.22 
_refine.pdbx_overall_phase_error                 25.95 
_refine.overall_SU_B                             ? 
_refine.overall_SU_R_Cruickshank_DPI             ? 
_refine.ls_redundancy_reflns_obs                 ? 
_refine.B_iso_min                                ? 
_refine.B_iso_max                                ? 
_refine.overall_SU_R_free                        ? 
_refine.ls_wR_factor_R_free                      ? 
_refine.ls_wR_factor_R_work                      ? 
_refine.overall_FOM_free_R_set                   ? 
_refine.overall_FOM_work_R_set                   ? 
_refine.pdbx_diffrn_id                           1 
_refine.pdbx_refine_id                           'X-RAY DIFFRACTION' 
_refine.pdbx_TLS_residual_ADP_flag               ? 
_refine.pdbx_overall_SU_R_free_Cruickshank_DPI   ? 
_refine.pdbx_overall_SU_R_Blow_DPI               ? 
_refine.pdbx_overall_SU_R_free_Blow_DPI          ? 
# 
_refine_hist.pdbx_refine_id                   'X-RAY DIFFRACTION' 
_refine_hist.cycle_id                         LAST 
_refine_hist.pdbx_number_atoms_protein        790 
_refine_hist.pdbx_number_atoms_nucleic_acid   0 
_refine_hist.pdbx_number_atoms_ligand         0 
_refine_hist.number_atoms_solvent             114 
_refine_hist.number_atoms_total               904 
_refine_hist.d_res_high                       2.001 
_refine_hist.d_res_low                        29.500 
# 
loop_
_refine_ls_restr.type 
_refine_ls_restr.dev_ideal 
_refine_ls_restr.dev_ideal_target 
_refine_ls_restr.weight 
_refine_ls_restr.number 
_refine_ls_restr.pdbx_restraint_function 
_refine_ls_restr.pdbx_refine_id 
f_bond_d           0.008  ? ? 791  ? 'X-RAY DIFFRACTION' 
f_angle_d          0.924  ? ? 1046 ? 'X-RAY DIFFRACTION' 
f_dihedral_angle_d 14.063 ? ? 332  ? 'X-RAY DIFFRACTION' 
f_chiral_restr     0.056  ? ? 113  ? 'X-RAY DIFFRACTION' 
f_plane_restr      0.003  ? ? 136  ? 'X-RAY DIFFRACTION' 
# 
loop_
_refine_ls_shell.pdbx_refine_id 
_refine_ls_shell.pdbx_total_number_of_bins_used 
_refine_ls_shell.d_res_high 
_refine_ls_shell.d_res_low 
_refine_ls_shell.number_reflns_R_work 
_refine_ls_shell.R_factor_R_work 
_refine_ls_shell.percent_reflns_obs 
_refine_ls_shell.R_factor_R_free 
_refine_ls_shell.R_factor_R_free_error 
_refine_ls_shell.percent_reflns_R_free 
_refine_ls_shell.number_reflns_R_free 
_refine_ls_shell.number_reflns_all 
_refine_ls_shell.R_factor_all 
_refine_ls_shell.number_reflns_obs 
_refine_ls_shell.redundancy_reflns_obs 
'X-RAY DIFFRACTION' 10 2.001  2.0726  1188 0.2151 97.00  0.3064 . . 133 . . . . 
'X-RAY DIFFRACTION' 10 2.0726 2.1556  1296 0.1938 100.00 0.2759 . . 145 . . . . 
'X-RAY DIFFRACTION' 10 2.1556 2.2536  1290 0.2200 100.00 0.3469 . . 138 . . . . 
'X-RAY DIFFRACTION' 10 2.2536 2.3724  1245 0.2104 99.00  0.2584 . . 133 . . . . 
'X-RAY DIFFRACTION' 10 2.3724 2.5210  1254 0.2206 100.00 0.2977 . . 148 . . . . 
'X-RAY DIFFRACTION' 10 2.5210 2.7155  1261 0.2083 100.00 0.2454 . . 142 . . . . 
'X-RAY DIFFRACTION' 10 2.7155 2.9885  1292 0.1996 100.00 0.2939 . . 132 . . . . 
'X-RAY DIFFRACTION' 10 2.9885 3.4204  1296 0.2083 100.00 0.2169 . . 152 . . . . 
'X-RAY DIFFRACTION' 10 3.4204 4.3072  1265 0.1693 100.00 0.1780 . . 142 . . . . 
'X-RAY DIFFRACTION' 10 4.3072 29.5035 1266 0.2229 100.00 0.2688 . . 139 . . . . 
# 
_struct.entry_id                  4N6J 
_struct.title                     'Crystal structure of human Striatin-3 coiled coil domain' 
_struct.pdbx_model_details        ? 
_struct.pdbx_CASP_flag            ? 
_struct.pdbx_model_type_details   ? 
# 
_struct_keywords.entry_id        4N6J 
_struct_keywords.pdbx_keywords   'SIGNALING PROTEIN' 
_struct_keywords.text            'WD40, scaffolding protein, PP2A, CCM3, CaM, CaV, Rassf., SIGNALING PROTEIN' 
# 
loop_
_struct_asym.id 
_struct_asym.pdbx_blank_PDB_chainid_flag 
_struct_asym.pdbx_modified 
_struct_asym.entity_id 
_struct_asym.details 
A N N 1 ? 
B N N 1 ? 
C N N 2 ? 
D N N 2 ? 
# 
_struct_ref.id                         1 
_struct_ref.db_name                    UNP 
_struct_ref.db_code                    STRN3_HUMAN 
_struct_ref.pdbx_db_accession          Q13033 
_struct_ref.entity_id                  1 
_struct_ref.pdbx_seq_one_letter_code   WEVERAELQARIAFLQGERKGQENLKKDLVRRIKMLEYALKQERAK 
_struct_ref.pdbx_align_begin           86 
_struct_ref.pdbx_db_isoform            ? 
# 
loop_
_struct_ref_seq.align_id 
_struct_ref_seq.ref_id 
_struct_ref_seq.pdbx_PDB_id_code 
_struct_ref_seq.pdbx_strand_id 
_struct_ref_seq.seq_align_beg 
_struct_ref_seq.pdbx_seq_align_beg_ins_code 
_struct_ref_seq.seq_align_end 
_struct_ref_seq.pdbx_seq_align_end_ins_code 
_struct_ref_seq.pdbx_db_accession 
_struct_ref_seq.db_align_beg 
_struct_ref_seq.pdbx_db_align_beg_ins_code 
_struct_ref_seq.db_align_end 
_struct_ref_seq.pdbx_db_align_end_ins_code 
_struct_ref_seq.pdbx_auth_seq_align_beg 
_struct_ref_seq.pdbx_auth_seq_align_end 
1 1 4N6J A 5 ? 50 ? Q13033 86 ? 131 ? 86 131 
2 1 4N6J B 5 ? 50 ? Q13033 86 ? 131 ? 86 131 
# 
loop_
_struct_ref_seq_dif.align_id 
_struct_ref_seq_dif.pdbx_pdb_id_code 
_struct_ref_seq_dif.mon_id 
_struct_ref_seq_dif.pdbx_pdb_strand_id 
_struct_ref_seq_dif.seq_num 
_struct_ref_seq_dif.pdbx_pdb_ins_code 
_struct_ref_seq_dif.pdbx_seq_db_name 
_struct_ref_seq_dif.pdbx_seq_db_accession_code 
_struct_ref_seq_dif.db_mon_id 
_struct_ref_seq_dif.pdbx_seq_db_seq_num 
_struct_ref_seq_dif.details 
_struct_ref_seq_dif.pdbx_auth_seq_num 
_struct_ref_seq_dif.pdbx_ordinal 
1 4N6J SER A 1  ? UNP Q13033 ?   ?   'expression tag'      82  1  
1 4N6J THR A 2  ? UNP Q13033 ?   ?   'expression tag'      83  2  
1 4N6J MSE A 3  ? UNP Q13033 ?   ?   'expression tag'      84  3  
1 4N6J ASP A 4  ? UNP Q13033 ?   ?   'expression tag'      85  4  
1 4N6J MSE A 18 ? UNP Q13033 PHE 99  'engineered mutation' 99  5  
1 4N6J MSE A 42 ? UNP Q13033 TYR 123 'engineered mutation' 123 6  
2 4N6J SER B 1  ? UNP Q13033 ?   ?   'expression tag'      82  7  
2 4N6J THR B 2  ? UNP Q13033 ?   ?   'expression tag'      83  8  
2 4N6J MSE B 3  ? UNP Q13033 ?   ?   'expression tag'      84  9  
2 4N6J ASP B 4  ? UNP Q13033 ?   ?   'expression tag'      85  10 
2 4N6J MSE B 18 ? UNP Q13033 PHE 99  'engineered mutation' 99  11 
2 4N6J MSE B 42 ? UNP Q13033 TYR 123 'engineered mutation' 123 12 
# 
_pdbx_struct_assembly.id                   1 
_pdbx_struct_assembly.details              author_and_software_defined_assembly 
_pdbx_struct_assembly.method_details       PISA 
_pdbx_struct_assembly.oligomeric_details   dimeric 
_pdbx_struct_assembly.oligomeric_count     2 
# 
loop_
_pdbx_struct_assembly_prop.biol_id 
_pdbx_struct_assembly_prop.type 
_pdbx_struct_assembly_prop.value 
_pdbx_struct_assembly_prop.details 
1 'ABSA (A^2)' 2570 ? 
1 MORE         -19  ? 
1 'SSA (A^2)'  7590 ? 
# 
_pdbx_struct_assembly_gen.assembly_id       1 
_pdbx_struct_assembly_gen.oper_expression   1 
_pdbx_struct_assembly_gen.asym_id_list      A,B,C,D 
# 
_pdbx_struct_oper_list.id                   1 
_pdbx_struct_oper_list.type                 'identity operation' 
_pdbx_struct_oper_list.name                 1_555 
_pdbx_struct_oper_list.symmetry_operation   x,y,z 
_pdbx_struct_oper_list.matrix[1][1]         1.0000000000 
_pdbx_struct_oper_list.matrix[1][2]         0.0000000000 
_pdbx_struct_oper_list.matrix[1][3]         0.0000000000 
_pdbx_struct_oper_list.vector[1]            0.0000000000 
_pdbx_struct_oper_list.matrix[2][1]         0.0000000000 
_pdbx_struct_oper_list.matrix[2][2]         1.0000000000 
_pdbx_struct_oper_list.matrix[2][3]         0.0000000000 
_pdbx_struct_oper_list.vector[2]            0.0000000000 
_pdbx_struct_oper_list.matrix[3][1]         0.0000000000 
_pdbx_struct_oper_list.matrix[3][2]         0.0000000000 
_pdbx_struct_oper_list.matrix[3][3]         1.0000000000 
_pdbx_struct_oper_list.vector[3]            0.0000000000 
# 
loop_
_struct_conf.conf_type_id 
_struct_conf.id 
_struct_conf.pdbx_PDB_helix_id 
_struct_conf.beg_label_comp_id 
_struct_conf.beg_label_asym_id 
_struct_conf.beg_label_seq_id 
_struct_conf.pdbx_beg_PDB_ins_code 
_struct_conf.end_label_comp_id 
_struct_conf.end_label_asym_id 
_struct_conf.end_label_seq_id 
_struct_conf.pdbx_end_PDB_ins_code 
_struct_conf.beg_auth_comp_id 
_struct_conf.beg_auth_asym_id 
_struct_conf.beg_auth_seq_id 
_struct_conf.end_auth_comp_id 
_struct_conf.end_auth_asym_id 
_struct_conf.end_auth_seq_id 
_struct_conf.pdbx_PDB_helix_class 
_struct_conf.details 
_struct_conf.pdbx_PDB_helix_length 
HELX_P HELX_P1 1 THR A 2  ? ALA A 49 ? THR A 83  ALA A 130 1 ? 48 
HELX_P HELX_P2 2 ASP B 4  ? GLU B 22 ? ASP B 85  GLU B 103 1 ? 19 
HELX_P HELX_P3 3 GLU B 22 ? ALA B 49 ? GLU B 103 ALA B 130 1 ? 28 
# 
_struct_conf_type.id          HELX_P 
_struct_conf_type.criteria    ? 
_struct_conf_type.reference   ? 
# 
loop_
_struct_conn.id 
_struct_conn.conn_type_id 
_struct_conn.pdbx_leaving_atom_flag 
_struct_conn.pdbx_PDB_id 
_struct_conn.ptnr1_label_asym_id 
_struct_conn.ptnr1_label_comp_id 
_struct_conn.ptnr1_label_seq_id 
_struct_conn.ptnr1_label_atom_id 
_struct_conn.pdbx_ptnr1_label_alt_id 
_struct_conn.pdbx_ptnr1_PDB_ins_code 
_struct_conn.pdbx_ptnr1_standard_comp_id 
_struct_conn.ptnr1_symmetry 
_struct_conn.ptnr2_label_asym_id 
_struct_conn.ptnr2_label_comp_id 
_struct_conn.ptnr2_label_seq_id 
_struct_conn.ptnr2_label_atom_id 
_struct_conn.pdbx_ptnr2_label_alt_id 
_struct_conn.pdbx_ptnr2_PDB_ins_code 
_struct_conn.ptnr1_auth_asym_id 
_struct_conn.ptnr1_auth_comp_id 
_struct_conn.ptnr1_auth_seq_id 
_struct_conn.ptnr2_auth_asym_id 
_struct_conn.ptnr2_auth_comp_id 
_struct_conn.ptnr2_auth_seq_id 
_struct_conn.ptnr2_symmetry 
_struct_conn.pdbx_ptnr3_label_atom_id 
_struct_conn.pdbx_ptnr3_label_seq_id 
_struct_conn.pdbx_ptnr3_label_comp_id 
_struct_conn.pdbx_ptnr3_label_asym_id 
_struct_conn.pdbx_ptnr3_label_alt_id 
_struct_conn.pdbx_ptnr3_PDB_ins_code 
_struct_conn.details 
_struct_conn.pdbx_dist_value 
_struct_conn.pdbx_value_order 
_struct_conn.pdbx_role 
covale1  covale both ? A THR 2  C ? ? ? 1_555 A MSE 3  N ? ? A THR 83  A MSE 84  1_555 ? ? ? ? ? ? ? 1.329 ? ? 
covale2  covale both ? A MSE 3  C ? ? ? 1_555 A ASP 4  N ? ? A MSE 84  A ASP 85  1_555 ? ? ? ? ? ? ? 1.330 ? ? 
covale3  covale both ? A ALA 17 C ? ? ? 1_555 A MSE 18 N ? ? A ALA 98  A MSE 99  1_555 ? ? ? ? ? ? ? 1.329 ? ? 
covale4  covale both ? A MSE 18 C ? ? ? 1_555 A LEU 19 N ? ? A MSE 99  A LEU 100 1_555 ? ? ? ? ? ? ? 1.330 ? ? 
covale5  covale both ? A LYS 38 C ? ? ? 1_555 A MSE 39 N ? ? A LYS 119 A MSE 120 1_555 ? ? ? ? ? ? ? 1.335 ? ? 
covale6  covale both ? A MSE 39 C ? ? ? 1_555 A LEU 40 N ? ? A MSE 120 A LEU 121 1_555 ? ? ? ? ? ? ? 1.332 ? ? 
covale7  covale both ? A GLU 41 C ? ? ? 1_555 A MSE 42 N ? ? A GLU 122 A MSE 123 1_555 ? ? ? ? ? ? ? 1.329 ? ? 
covale8  covale both ? A MSE 42 C ? ? ? 1_555 A ALA 43 N ? ? A MSE 123 A ALA 124 1_555 ? ? ? ? ? ? ? 1.331 ? ? 
covale9  covale both ? B MSE 3  C ? ? ? 1_555 B ASP 4  N ? ? B MSE 84  B ASP 85  1_555 ? ? ? ? ? ? ? 1.329 ? ? 
covale10 covale both ? B ALA 17 C ? ? ? 1_555 B MSE 18 N ? ? B ALA 98  B MSE 99  1_555 ? ? ? ? ? ? ? 1.331 ? ? 
covale11 covale both ? B MSE 18 C ? ? ? 1_555 B LEU 19 N ? ? B MSE 99  B LEU 100 1_555 ? ? ? ? ? ? ? 1.335 ? ? 
covale12 covale both ? B LYS 38 C ? ? ? 1_555 B MSE 39 N ? ? B LYS 119 B MSE 120 1_555 ? ? ? ? ? ? ? 1.330 ? ? 
covale13 covale both ? B MSE 39 C ? ? ? 1_555 B LEU 40 N ? ? B MSE 120 B LEU 121 1_555 ? ? ? ? ? ? ? 1.327 ? ? 
covale14 covale both ? B GLU 41 C ? ? ? 1_555 B MSE 42 N ? ? B GLU 122 B MSE 123 1_555 ? ? ? ? ? ? ? 1.333 ? ? 
covale15 covale both ? B MSE 42 C ? ? ? 1_555 B ALA 43 N ? ? B MSE 123 B ALA 124 1_555 ? ? ? ? ? ? ? 1.329 ? ? 
# 
_struct_conn_type.id          covale 
_struct_conn_type.criteria    ? 
_struct_conn_type.reference   ? 
# 
loop_
_pdbx_modification_feature.ordinal 
_pdbx_modification_feature.label_comp_id 
_pdbx_modification_feature.label_asym_id 
_pdbx_modification_feature.label_seq_id 
_pdbx_modification_feature.label_alt_id 
_pdbx_modification_feature.modified_residue_label_comp_id 
_pdbx_modification_feature.modified_residue_label_asym_id 
_pdbx_modification_feature.modified_residue_label_seq_id 
_pdbx_modification_feature.modified_residue_label_alt_id 
_pdbx_modification_feature.auth_comp_id 
_pdbx_modification_feature.auth_asym_id 
_pdbx_modification_feature.auth_seq_id 
_pdbx_modification_feature.PDB_ins_code 
_pdbx_modification_feature.symmetry 
_pdbx_modification_feature.modified_residue_auth_comp_id 
_pdbx_modification_feature.modified_residue_auth_asym_id 
_pdbx_modification_feature.modified_residue_auth_seq_id 
_pdbx_modification_feature.modified_residue_PDB_ins_code 
_pdbx_modification_feature.modified_residue_symmetry 
_pdbx_modification_feature.comp_id_linking_atom 
_pdbx_modification_feature.modified_residue_id_linking_atom 
_pdbx_modification_feature.modified_residue_id 
_pdbx_modification_feature.ref_pcm_id 
_pdbx_modification_feature.ref_comp_id 
_pdbx_modification_feature.type 
_pdbx_modification_feature.category 
1 MSE A 3  ? . . . . MSE A 84  ? 1_555 . . . . . . . MET 1 MSE Selenomethionine 'Named protein modification' 
2 MSE A 18 ? . . . . MSE A 99  ? 1_555 . . . . . . . MET 1 MSE Selenomethionine 'Named protein modification' 
3 MSE A 39 ? . . . . MSE A 120 ? 1_555 . . . . . . . MET 1 MSE Selenomethionine 'Named protein modification' 
4 MSE A 42 ? . . . . MSE A 123 ? 1_555 . . . . . . . MET 1 MSE Selenomethionine 'Named protein modification' 
5 MSE B 3  ? . . . . MSE B 84  ? 1_555 . . . . . . . MET 1 MSE Selenomethionine 'Named protein modification' 
6 MSE B 18 ? . . . . MSE B 99  ? 1_555 . . . . . . . MET 1 MSE Selenomethionine 'Named protein modification' 
7 MSE B 39 ? . . . . MSE B 120 ? 1_555 . . . . . . . MET 1 MSE Selenomethionine 'Named protein modification' 
8 MSE B 42 ? . . . . MSE B 123 ? 1_555 . . . . . . . MET 1 MSE Selenomethionine 'Named protein modification' 
# 
_pdbx_entry_details.entry_id                   4N6J 
_pdbx_entry_details.compound_details           ? 
_pdbx_entry_details.source_details             ? 
_pdbx_entry_details.nonpolymer_details         ? 
_pdbx_entry_details.sequence_details           ? 
_pdbx_entry_details.has_ligand_of_interest     ? 
_pdbx_entry_details.has_protein_modification   Y 
# 
_pdbx_validate_close_contact.id               1 
_pdbx_validate_close_contact.PDB_model_num    1 
_pdbx_validate_close_contact.auth_atom_id_1   NH1 
_pdbx_validate_close_contact.auth_asym_id_1   A 
_pdbx_validate_close_contact.auth_comp_id_1   ARG 
_pdbx_validate_close_contact.auth_seq_id_1    116 
_pdbx_validate_close_contact.PDB_ins_code_1   ? 
_pdbx_validate_close_contact.label_alt_id_1   ? 
_pdbx_validate_close_contact.auth_atom_id_2   O 
_pdbx_validate_close_contact.auth_asym_id_2   A 
_pdbx_validate_close_contact.auth_comp_id_2   HOH 
_pdbx_validate_close_contact.auth_seq_id_2    245 
_pdbx_validate_close_contact.PDB_ins_code_2   ? 
_pdbx_validate_close_contact.label_alt_id_2   ? 
_pdbx_validate_close_contact.dist             2.14 
# 
loop_
_pdbx_validate_symm_contact.id 
_pdbx_validate_symm_contact.PDB_model_num 
_pdbx_validate_symm_contact.auth_atom_id_1 
_pdbx_validate_symm_contact.auth_asym_id_1 
_pdbx_validate_symm_contact.auth_comp_id_1 
_pdbx_validate_symm_contact.auth_seq_id_1 
_pdbx_validate_symm_contact.PDB_ins_code_1 
_pdbx_validate_symm_contact.label_alt_id_1 
_pdbx_validate_symm_contact.site_symmetry_1 
_pdbx_validate_symm_contact.auth_atom_id_2 
_pdbx_validate_symm_contact.auth_asym_id_2 
_pdbx_validate_symm_contact.auth_comp_id_2 
_pdbx_validate_symm_contact.auth_seq_id_2 
_pdbx_validate_symm_contact.PDB_ins_code_2 
_pdbx_validate_symm_contact.label_alt_id_2 
_pdbx_validate_symm_contact.site_symmetry_2 
_pdbx_validate_symm_contact.dist 
1 1 OE2 A GLU 122 ? ? 1_555 O A HOH 229 ? ? 4_456 2.11 
2 1 O   B HOH 233 ? ? 1_555 O B HOH 239 ? ? 2_774 2.13 
# 
loop_
_pdbx_struct_mod_residue.id 
_pdbx_struct_mod_residue.label_asym_id 
_pdbx_struct_mod_residue.label_comp_id 
_pdbx_struct_mod_residue.label_seq_id 
_pdbx_struct_mod_residue.auth_asym_id 
_pdbx_struct_mod_residue.auth_comp_id 
_pdbx_struct_mod_residue.auth_seq_id 
_pdbx_struct_mod_residue.PDB_ins_code 
_pdbx_struct_mod_residue.parent_comp_id 
_pdbx_struct_mod_residue.details 
1 A MSE 3  A MSE 84  ? MET SELENOMETHIONINE 
2 A MSE 18 A MSE 99  ? MET SELENOMETHIONINE 
3 A MSE 39 A MSE 120 ? MET SELENOMETHIONINE 
4 A MSE 42 A MSE 123 ? MET SELENOMETHIONINE 
5 B MSE 3  B MSE 84  ? MET SELENOMETHIONINE 
6 B MSE 18 B MSE 99  ? MET SELENOMETHIONINE 
7 B MSE 39 B MSE 120 ? MET SELENOMETHIONINE 
8 B MSE 42 B MSE 123 ? MET SELENOMETHIONINE 
# 
loop_
_pdbx_unobs_or_zero_occ_residues.id 
_pdbx_unobs_or_zero_occ_residues.PDB_model_num 
_pdbx_unobs_or_zero_occ_residues.polymer_flag 
_pdbx_unobs_or_zero_occ_residues.occupancy_flag 
_pdbx_unobs_or_zero_occ_residues.auth_asym_id 
_pdbx_unobs_or_zero_occ_residues.auth_comp_id 
_pdbx_unobs_or_zero_occ_residues.auth_seq_id 
_pdbx_unobs_or_zero_occ_residues.PDB_ins_code 
_pdbx_unobs_or_zero_occ_residues.label_asym_id 
_pdbx_unobs_or_zero_occ_residues.label_comp_id 
_pdbx_unobs_or_zero_occ_residues.label_seq_id 
1 1 Y 1 A LYS 131 ? A LYS 50 
2 1 Y 1 B SER 82  ? B SER 1  
3 1 Y 1 B THR 83  ? B THR 2  
4 1 Y 1 B LYS 131 ? B LYS 50 
# 
loop_
_chem_comp_atom.comp_id 
_chem_comp_atom.atom_id 
_chem_comp_atom.type_symbol 
_chem_comp_atom.pdbx_aromatic_flag 
_chem_comp_atom.pdbx_stereo_config 
_chem_comp_atom.pdbx_ordinal 
ALA N    N  N N 1   
ALA CA   C  N S 2   
ALA C    C  N N 3   
ALA O    O  N N 4   
ALA CB   C  N N 5   
ALA OXT  O  N N 6   
ALA H    H  N N 7   
ALA H2   H  N N 8   
ALA HA   H  N N 9   
ALA HB1  H  N N 10  
ALA HB2  H  N N 11  
ALA HB3  H  N N 12  
ALA HXT  H  N N 13  
ARG N    N  N N 14  
ARG CA   C  N S 15  
ARG C    C  N N 16  
ARG O    O  N N 17  
ARG CB   C  N N 18  
ARG CG   C  N N 19  
ARG CD   C  N N 20  
ARG NE   N  N N 21  
ARG CZ   C  N N 22  
ARG NH1  N  N N 23  
ARG NH2  N  N N 24  
ARG OXT  O  N N 25  
ARG H    H  N N 26  
ARG H2   H  N N 27  
ARG HA   H  N N 28  
ARG HB2  H  N N 29  
ARG HB3  H  N N 30  
ARG HG2  H  N N 31  
ARG HG3  H  N N 32  
ARG HD2  H  N N 33  
ARG HD3  H  N N 34  
ARG HE   H  N N 35  
ARG HH11 H  N N 36  
ARG HH12 H  N N 37  
ARG HH21 H  N N 38  
ARG HH22 H  N N 39  
ARG HXT  H  N N 40  
ASN N    N  N N 41  
ASN CA   C  N S 42  
ASN C    C  N N 43  
ASN O    O  N N 44  
ASN CB   C  N N 45  
ASN CG   C  N N 46  
ASN OD1  O  N N 47  
ASN ND2  N  N N 48  
ASN OXT  O  N N 49  
ASN H    H  N N 50  
ASN H2   H  N N 51  
ASN HA   H  N N 52  
ASN HB2  H  N N 53  
ASN HB3  H  N N 54  
ASN HD21 H  N N 55  
ASN HD22 H  N N 56  
ASN HXT  H  N N 57  
ASP N    N  N N 58  
ASP CA   C  N S 59  
ASP C    C  N N 60  
ASP O    O  N N 61  
ASP CB   C  N N 62  
ASP CG   C  N N 63  
ASP OD1  O  N N 64  
ASP OD2  O  N N 65  
ASP OXT  O  N N 66  
ASP H    H  N N 67  
ASP H2   H  N N 68  
ASP HA   H  N N 69  
ASP HB2  H  N N 70  
ASP HB3  H  N N 71  
ASP HD2  H  N N 72  
ASP HXT  H  N N 73  
GLN N    N  N N 74  
GLN CA   C  N S 75  
GLN C    C  N N 76  
GLN O    O  N N 77  
GLN CB   C  N N 78  
GLN CG   C  N N 79  
GLN CD   C  N N 80  
GLN OE1  O  N N 81  
GLN NE2  N  N N 82  
GLN OXT  O  N N 83  
GLN H    H  N N 84  
GLN H2   H  N N 85  
GLN HA   H  N N 86  
GLN HB2  H  N N 87  
GLN HB3  H  N N 88  
GLN HG2  H  N N 89  
GLN HG3  H  N N 90  
GLN HE21 H  N N 91  
GLN HE22 H  N N 92  
GLN HXT  H  N N 93  
GLU N    N  N N 94  
GLU CA   C  N S 95  
GLU C    C  N N 96  
GLU O    O  N N 97  
GLU CB   C  N N 98  
GLU CG   C  N N 99  
GLU CD   C  N N 100 
GLU OE1  O  N N 101 
GLU OE2  O  N N 102 
GLU OXT  O  N N 103 
GLU H    H  N N 104 
GLU H2   H  N N 105 
GLU HA   H  N N 106 
GLU HB2  H  N N 107 
GLU HB3  H  N N 108 
GLU HG2  H  N N 109 
GLU HG3  H  N N 110 
GLU HE2  H  N N 111 
GLU HXT  H  N N 112 
GLY N    N  N N 113 
GLY CA   C  N N 114 
GLY C    C  N N 115 
GLY O    O  N N 116 
GLY OXT  O  N N 117 
GLY H    H  N N 118 
GLY H2   H  N N 119 
GLY HA2  H  N N 120 
GLY HA3  H  N N 121 
GLY HXT  H  N N 122 
HOH O    O  N N 123 
HOH H1   H  N N 124 
HOH H2   H  N N 125 
ILE N    N  N N 126 
ILE CA   C  N S 127 
ILE C    C  N N 128 
ILE O    O  N N 129 
ILE CB   C  N S 130 
ILE CG1  C  N N 131 
ILE CG2  C  N N 132 
ILE CD1  C  N N 133 
ILE OXT  O  N N 134 
ILE H    H  N N 135 
ILE H2   H  N N 136 
ILE HA   H  N N 137 
ILE HB   H  N N 138 
ILE HG12 H  N N 139 
ILE HG13 H  N N 140 
ILE HG21 H  N N 141 
ILE HG22 H  N N 142 
ILE HG23 H  N N 143 
ILE HD11 H  N N 144 
ILE HD12 H  N N 145 
ILE HD13 H  N N 146 
ILE HXT  H  N N 147 
LEU N    N  N N 148 
LEU CA   C  N S 149 
LEU C    C  N N 150 
LEU O    O  N N 151 
LEU CB   C  N N 152 
LEU CG   C  N N 153 
LEU CD1  C  N N 154 
LEU CD2  C  N N 155 
LEU OXT  O  N N 156 
LEU H    H  N N 157 
LEU H2   H  N N 158 
LEU HA   H  N N 159 
LEU HB2  H  N N 160 
LEU HB3  H  N N 161 
LEU HG   H  N N 162 
LEU HD11 H  N N 163 
LEU HD12 H  N N 164 
LEU HD13 H  N N 165 
LEU HD21 H  N N 166 
LEU HD22 H  N N 167 
LEU HD23 H  N N 168 
LEU HXT  H  N N 169 
LYS N    N  N N 170 
LYS CA   C  N S 171 
LYS C    C  N N 172 
LYS O    O  N N 173 
LYS CB   C  N N 174 
LYS CG   C  N N 175 
LYS CD   C  N N 176 
LYS CE   C  N N 177 
LYS NZ   N  N N 178 
LYS OXT  O  N N 179 
LYS H    H  N N 180 
LYS H2   H  N N 181 
LYS HA   H  N N 182 
LYS HB2  H  N N 183 
LYS HB3  H  N N 184 
LYS HG2  H  N N 185 
LYS HG3  H  N N 186 
LYS HD2  H  N N 187 
LYS HD3  H  N N 188 
LYS HE2  H  N N 189 
LYS HE3  H  N N 190 
LYS HZ1  H  N N 191 
LYS HZ2  H  N N 192 
LYS HZ3  H  N N 193 
LYS HXT  H  N N 194 
MSE N    N  N N 195 
MSE CA   C  N S 196 
MSE C    C  N N 197 
MSE O    O  N N 198 
MSE OXT  O  N N 199 
MSE CB   C  N N 200 
MSE CG   C  N N 201 
MSE SE   SE N N 202 
MSE CE   C  N N 203 
MSE H    H  N N 204 
MSE H2   H  N N 205 
MSE HA   H  N N 206 
MSE HXT  H  N N 207 
MSE HB2  H  N N 208 
MSE HB3  H  N N 209 
MSE HG2  H  N N 210 
MSE HG3  H  N N 211 
MSE HE1  H  N N 212 
MSE HE2  H  N N 213 
MSE HE3  H  N N 214 
PHE N    N  N N 215 
PHE CA   C  N S 216 
PHE C    C  N N 217 
PHE O    O  N N 218 
PHE CB   C  N N 219 
PHE CG   C  Y N 220 
PHE CD1  C  Y N 221 
PHE CD2  C  Y N 222 
PHE CE1  C  Y N 223 
PHE CE2  C  Y N 224 
PHE CZ   C  Y N 225 
PHE OXT  O  N N 226 
PHE H    H  N N 227 
PHE H2   H  N N 228 
PHE HA   H  N N 229 
PHE HB2  H  N N 230 
PHE HB3  H  N N 231 
PHE HD1  H  N N 232 
PHE HD2  H  N N 233 
PHE HE1  H  N N 234 
PHE HE2  H  N N 235 
PHE HZ   H  N N 236 
PHE HXT  H  N N 237 
SER N    N  N N 238 
SER CA   C  N S 239 
SER C    C  N N 240 
SER O    O  N N 241 
SER CB   C  N N 242 
SER OG   O  N N 243 
SER OXT  O  N N 244 
SER H    H  N N 245 
SER H2   H  N N 246 
SER HA   H  N N 247 
SER HB2  H  N N 248 
SER HB3  H  N N 249 
SER HG   H  N N 250 
SER HXT  H  N N 251 
THR N    N  N N 252 
THR CA   C  N S 253 
THR C    C  N N 254 
THR O    O  N N 255 
THR CB   C  N R 256 
THR OG1  O  N N 257 
THR CG2  C  N N 258 
THR OXT  O  N N 259 
THR H    H  N N 260 
THR H2   H  N N 261 
THR HA   H  N N 262 
THR HB   H  N N 263 
THR HG1  H  N N 264 
THR HG21 H  N N 265 
THR HG22 H  N N 266 
THR HG23 H  N N 267 
THR HXT  H  N N 268 
TRP N    N  N N 269 
TRP CA   C  N S 270 
TRP C    C  N N 271 
TRP O    O  N N 272 
TRP CB   C  N N 273 
TRP CG   C  Y N 274 
TRP CD1  C  Y N 275 
TRP CD2  C  Y N 276 
TRP NE1  N  Y N 277 
TRP CE2  C  Y N 278 
TRP CE3  C  Y N 279 
TRP CZ2  C  Y N 280 
TRP CZ3  C  Y N 281 
TRP CH2  C  Y N 282 
TRP OXT  O  N N 283 
TRP H    H  N N 284 
TRP H2   H  N N 285 
TRP HA   H  N N 286 
TRP HB2  H  N N 287 
TRP HB3  H  N N 288 
TRP HD1  H  N N 289 
TRP HE1  H  N N 290 
TRP HE3  H  N N 291 
TRP HZ2  H  N N 292 
TRP HZ3  H  N N 293 
TRP HH2  H  N N 294 
TRP HXT  H  N N 295 
TYR N    N  N N 296 
TYR CA   C  N S 297 
TYR C    C  N N 298 
TYR O    O  N N 299 
TYR CB   C  N N 300 
TYR CG   C  Y N 301 
TYR CD1  C  Y N 302 
TYR CD2  C  Y N 303 
TYR CE1  C  Y N 304 
TYR CE2  C  Y N 305 
TYR CZ   C  Y N 306 
TYR OH   O  N N 307 
TYR OXT  O  N N 308 
TYR H    H  N N 309 
TYR H2   H  N N 310 
TYR HA   H  N N 311 
TYR HB2  H  N N 312 
TYR HB3  H  N N 313 
TYR HD1  H  N N 314 
TYR HD2  H  N N 315 
TYR HE1  H  N N 316 
TYR HE2  H  N N 317 
TYR HH   H  N N 318 
TYR HXT  H  N N 319 
VAL N    N  N N 320 
VAL CA   C  N S 321 
VAL C    C  N N 322 
VAL O    O  N N 323 
VAL CB   C  N N 324 
VAL CG1  C  N N 325 
VAL CG2  C  N N 326 
VAL OXT  O  N N 327 
VAL H    H  N N 328 
VAL H2   H  N N 329 
VAL HA   H  N N 330 
VAL HB   H  N N 331 
VAL HG11 H  N N 332 
VAL HG12 H  N N 333 
VAL HG13 H  N N 334 
VAL HG21 H  N N 335 
VAL HG22 H  N N 336 
VAL HG23 H  N N 337 
VAL HXT  H  N N 338 
# 
loop_
_chem_comp_bond.comp_id 
_chem_comp_bond.atom_id_1 
_chem_comp_bond.atom_id_2 
_chem_comp_bond.value_order 
_chem_comp_bond.pdbx_aromatic_flag 
_chem_comp_bond.pdbx_stereo_config 
_chem_comp_bond.pdbx_ordinal 
ALA N   CA   sing N N 1   
ALA N   H    sing N N 2   
ALA N   H2   sing N N 3   
ALA CA  C    sing N N 4   
ALA CA  CB   sing N N 5   
ALA CA  HA   sing N N 6   
ALA C   O    doub N N 7   
ALA C   OXT  sing N N 8   
ALA CB  HB1  sing N N 9   
ALA CB  HB2  sing N N 10  
ALA CB  HB3  sing N N 11  
ALA OXT HXT  sing N N 12  
ARG N   CA   sing N N 13  
ARG N   H    sing N N 14  
ARG N   H2   sing N N 15  
ARG CA  C    sing N N 16  
ARG CA  CB   sing N N 17  
ARG CA  HA   sing N N 18  
ARG C   O    doub N N 19  
ARG C   OXT  sing N N 20  
ARG CB  CG   sing N N 21  
ARG CB  HB2  sing N N 22  
ARG CB  HB3  sing N N 23  
ARG CG  CD   sing N N 24  
ARG CG  HG2  sing N N 25  
ARG CG  HG3  sing N N 26  
ARG CD  NE   sing N N 27  
ARG CD  HD2  sing N N 28  
ARG CD  HD3  sing N N 29  
ARG NE  CZ   sing N N 30  
ARG NE  HE   sing N N 31  
ARG CZ  NH1  sing N N 32  
ARG CZ  NH2  doub N N 33  
ARG NH1 HH11 sing N N 34  
ARG NH1 HH12 sing N N 35  
ARG NH2 HH21 sing N N 36  
ARG NH2 HH22 sing N N 37  
ARG OXT HXT  sing N N 38  
ASN N   CA   sing N N 39  
ASN N   H    sing N N 40  
ASN N   H2   sing N N 41  
ASN CA  C    sing N N 42  
ASN CA  CB   sing N N 43  
ASN CA  HA   sing N N 44  
ASN C   O    doub N N 45  
ASN C   OXT  sing N N 46  
ASN CB  CG   sing N N 47  
ASN CB  HB2  sing N N 48  
ASN CB  HB3  sing N N 49  
ASN CG  OD1  doub N N 50  
ASN CG  ND2  sing N N 51  
ASN ND2 HD21 sing N N 52  
ASN ND2 HD22 sing N N 53  
ASN OXT HXT  sing N N 54  
ASP N   CA   sing N N 55  
ASP N   H    sing N N 56  
ASP N   H2   sing N N 57  
ASP CA  C    sing N N 58  
ASP CA  CB   sing N N 59  
ASP CA  HA   sing N N 60  
ASP C   O    doub N N 61  
ASP C   OXT  sing N N 62  
ASP CB  CG   sing N N 63  
ASP CB  HB2  sing N N 64  
ASP CB  HB3  sing N N 65  
ASP CG  OD1  doub N N 66  
ASP CG  OD2  sing N N 67  
ASP OD2 HD2  sing N N 68  
ASP OXT HXT  sing N N 69  
GLN N   CA   sing N N 70  
GLN N   H    sing N N 71  
GLN N   H2   sing N N 72  
GLN CA  C    sing N N 73  
GLN CA  CB   sing N N 74  
GLN CA  HA   sing N N 75  
GLN C   O    doub N N 76  
GLN C   OXT  sing N N 77  
GLN CB  CG   sing N N 78  
GLN CB  HB2  sing N N 79  
GLN CB  HB3  sing N N 80  
GLN CG  CD   sing N N 81  
GLN CG  HG2  sing N N 82  
GLN CG  HG3  sing N N 83  
GLN CD  OE1  doub N N 84  
GLN CD  NE2  sing N N 85  
GLN NE2 HE21 sing N N 86  
GLN NE2 HE22 sing N N 87  
GLN OXT HXT  sing N N 88  
GLU N   CA   sing N N 89  
GLU N   H    sing N N 90  
GLU N   H2   sing N N 91  
GLU CA  C    sing N N 92  
GLU CA  CB   sing N N 93  
GLU CA  HA   sing N N 94  
GLU C   O    doub N N 95  
GLU C   OXT  sing N N 96  
GLU CB  CG   sing N N 97  
GLU CB  HB2  sing N N 98  
GLU CB  HB3  sing N N 99  
GLU CG  CD   sing N N 100 
GLU CG  HG2  sing N N 101 
GLU CG  HG3  sing N N 102 
GLU CD  OE1  doub N N 103 
GLU CD  OE2  sing N N 104 
GLU OE2 HE2  sing N N 105 
GLU OXT HXT  sing N N 106 
GLY N   CA   sing N N 107 
GLY N   H    sing N N 108 
GLY N   H2   sing N N 109 
GLY CA  C    sing N N 110 
GLY CA  HA2  sing N N 111 
GLY CA  HA3  sing N N 112 
GLY C   O    doub N N 113 
GLY C   OXT  sing N N 114 
GLY OXT HXT  sing N N 115 
HOH O   H1   sing N N 116 
HOH O   H2   sing N N 117 
ILE N   CA   sing N N 118 
ILE N   H    sing N N 119 
ILE N   H2   sing N N 120 
ILE CA  C    sing N N 121 
ILE CA  CB   sing N N 122 
ILE CA  HA   sing N N 123 
ILE C   O    doub N N 124 
ILE C   OXT  sing N N 125 
ILE CB  CG1  sing N N 126 
ILE CB  CG2  sing N N 127 
ILE CB  HB   sing N N 128 
ILE CG1 CD1  sing N N 129 
ILE CG1 HG12 sing N N 130 
ILE CG1 HG13 sing N N 131 
ILE CG2 HG21 sing N N 132 
ILE CG2 HG22 sing N N 133 
ILE CG2 HG23 sing N N 134 
ILE CD1 HD11 sing N N 135 
ILE CD1 HD12 sing N N 136 
ILE CD1 HD13 sing N N 137 
ILE OXT HXT  sing N N 138 
LEU N   CA   sing N N 139 
LEU N   H    sing N N 140 
LEU N   H2   sing N N 141 
LEU CA  C    sing N N 142 
LEU CA  CB   sing N N 143 
LEU CA  HA   sing N N 144 
LEU C   O    doub N N 145 
LEU C   OXT  sing N N 146 
LEU CB  CG   sing N N 147 
LEU CB  HB2  sing N N 148 
LEU CB  HB3  sing N N 149 
LEU CG  CD1  sing N N 150 
LEU CG  CD2  sing N N 151 
LEU CG  HG   sing N N 152 
LEU CD1 HD11 sing N N 153 
LEU CD1 HD12 sing N N 154 
LEU CD1 HD13 sing N N 155 
LEU CD2 HD21 sing N N 156 
LEU CD2 HD22 sing N N 157 
LEU CD2 HD23 sing N N 158 
LEU OXT HXT  sing N N 159 
LYS N   CA   sing N N 160 
LYS N   H    sing N N 161 
LYS N   H2   sing N N 162 
LYS CA  C    sing N N 163 
LYS CA  CB   sing N N 164 
LYS CA  HA   sing N N 165 
LYS C   O    doub N N 166 
LYS C   OXT  sing N N 167 
LYS CB  CG   sing N N 168 
LYS CB  HB2  sing N N 169 
LYS CB  HB3  sing N N 170 
LYS CG  CD   sing N N 171 
LYS CG  HG2  sing N N 172 
LYS CG  HG3  sing N N 173 
LYS CD  CE   sing N N 174 
LYS CD  HD2  sing N N 175 
LYS CD  HD3  sing N N 176 
LYS CE  NZ   sing N N 177 
LYS CE  HE2  sing N N 178 
LYS CE  HE3  sing N N 179 
LYS NZ  HZ1  sing N N 180 
LYS NZ  HZ2  sing N N 181 
LYS NZ  HZ3  sing N N 182 
LYS OXT HXT  sing N N 183 
MSE N   CA   sing N N 184 
MSE N   H    sing N N 185 
MSE N   H2   sing N N 186 
MSE CA  C    sing N N 187 
MSE CA  CB   sing N N 188 
MSE CA  HA   sing N N 189 
MSE C   O    doub N N 190 
MSE C   OXT  sing N N 191 
MSE OXT HXT  sing N N 192 
MSE CB  CG   sing N N 193 
MSE CB  HB2  sing N N 194 
MSE CB  HB3  sing N N 195 
MSE CG  SE   sing N N 196 
MSE CG  HG2  sing N N 197 
MSE CG  HG3  sing N N 198 
MSE SE  CE   sing N N 199 
MSE CE  HE1  sing N N 200 
MSE CE  HE2  sing N N 201 
MSE CE  HE3  sing N N 202 
PHE N   CA   sing N N 203 
PHE N   H    sing N N 204 
PHE N   H2   sing N N 205 
PHE CA  C    sing N N 206 
PHE CA  CB   sing N N 207 
PHE CA  HA   sing N N 208 
PHE C   O    doub N N 209 
PHE C   OXT  sing N N 210 
PHE CB  CG   sing N N 211 
PHE CB  HB2  sing N N 212 
PHE CB  HB3  sing N N 213 
PHE CG  CD1  doub Y N 214 
PHE CG  CD2  sing Y N 215 
PHE CD1 CE1  sing Y N 216 
PHE CD1 HD1  sing N N 217 
PHE CD2 CE2  doub Y N 218 
PHE CD2 HD2  sing N N 219 
PHE CE1 CZ   doub Y N 220 
PHE CE1 HE1  sing N N 221 
PHE CE2 CZ   sing Y N 222 
PHE CE2 HE2  sing N N 223 
PHE CZ  HZ   sing N N 224 
PHE OXT HXT  sing N N 225 
SER N   CA   sing N N 226 
SER N   H    sing N N 227 
SER N   H2   sing N N 228 
SER CA  C    sing N N 229 
SER CA  CB   sing N N 230 
SER CA  HA   sing N N 231 
SER C   O    doub N N 232 
SER C   OXT  sing N N 233 
SER CB  OG   sing N N 234 
SER CB  HB2  sing N N 235 
SER CB  HB3  sing N N 236 
SER OG  HG   sing N N 237 
SER OXT HXT  sing N N 238 
THR N   CA   sing N N 239 
THR N   H    sing N N 240 
THR N   H2   sing N N 241 
THR CA  C    sing N N 242 
THR CA  CB   sing N N 243 
THR CA  HA   sing N N 244 
THR C   O    doub N N 245 
THR C   OXT  sing N N 246 
THR CB  OG1  sing N N 247 
THR CB  CG2  sing N N 248 
THR CB  HB   sing N N 249 
THR OG1 HG1  sing N N 250 
THR CG2 HG21 sing N N 251 
THR CG2 HG22 sing N N 252 
THR CG2 HG23 sing N N 253 
THR OXT HXT  sing N N 254 
TRP N   CA   sing N N 255 
TRP N   H    sing N N 256 
TRP N   H2   sing N N 257 
TRP CA  C    sing N N 258 
TRP CA  CB   sing N N 259 
TRP CA  HA   sing N N 260 
TRP C   O    doub N N 261 
TRP C   OXT  sing N N 262 
TRP CB  CG   sing N N 263 
TRP CB  HB2  sing N N 264 
TRP CB  HB3  sing N N 265 
TRP CG  CD1  doub Y N 266 
TRP CG  CD2  sing Y N 267 
TRP CD1 NE1  sing Y N 268 
TRP CD1 HD1  sing N N 269 
TRP CD2 CE2  doub Y N 270 
TRP CD2 CE3  sing Y N 271 
TRP NE1 CE2  sing Y N 272 
TRP NE1 HE1  sing N N 273 
TRP CE2 CZ2  sing Y N 274 
TRP CE3 CZ3  doub Y N 275 
TRP CE3 HE3  sing N N 276 
TRP CZ2 CH2  doub Y N 277 
TRP CZ2 HZ2  sing N N 278 
TRP CZ3 CH2  sing Y N 279 
TRP CZ3 HZ3  sing N N 280 
TRP CH2 HH2  sing N N 281 
TRP OXT HXT  sing N N 282 
TYR N   CA   sing N N 283 
TYR N   H    sing N N 284 
TYR N   H2   sing N N 285 
TYR CA  C    sing N N 286 
TYR CA  CB   sing N N 287 
TYR CA  HA   sing N N 288 
TYR C   O    doub N N 289 
TYR C   OXT  sing N N 290 
TYR CB  CG   sing N N 291 
TYR CB  HB2  sing N N 292 
TYR CB  HB3  sing N N 293 
TYR CG  CD1  doub Y N 294 
TYR CG  CD2  sing Y N 295 
TYR CD1 CE1  sing Y N 296 
TYR CD1 HD1  sing N N 297 
TYR CD2 CE2  doub Y N 298 
TYR CD2 HD2  sing N N 299 
TYR CE1 CZ   doub Y N 300 
TYR CE1 HE1  sing N N 301 
TYR CE2 CZ   sing Y N 302 
TYR CE2 HE2  sing N N 303 
TYR CZ  OH   sing N N 304 
TYR OH  HH   sing N N 305 
TYR OXT HXT  sing N N 306 
VAL N   CA   sing N N 307 
VAL N   H    sing N N 308 
VAL N   H2   sing N N 309 
VAL CA  C    sing N N 310 
VAL CA  CB   sing N N 311 
VAL CA  HA   sing N N 312 
VAL C   O    doub N N 313 
VAL C   OXT  sing N N 314 
VAL CB  CG1  sing N N 315 
VAL CB  CG2  sing N N 316 
VAL CB  HB   sing N N 317 
VAL CG1 HG11 sing N N 318 
VAL CG1 HG12 sing N N 319 
VAL CG1 HG13 sing N N 320 
VAL CG2 HG21 sing N N 321 
VAL CG2 HG22 sing N N 322 
VAL CG2 HG23 sing N N 323 
VAL OXT HXT  sing N N 324 
# 
_atom_sites.entry_id                    4N6J 
_atom_sites.fract_transf_matrix[1][1]   -0.00435937 
_atom_sites.fract_transf_matrix[1][2]   0.02629475 
_atom_sites.fract_transf_matrix[1][3]   -0.02094479 
_atom_sites.fract_transf_matrix[2][1]   -0.01708570 
_atom_sites.fract_transf_matrix[2][2]   -0.00407603 
_atom_sites.fract_transf_matrix[2][3]   -0.02899205 
_atom_sites.fract_transf_matrix[3][1]   -0.00527804 
_atom_sites.fract_transf_matrix[3][2]   0.00144118 
_atom_sites.fract_transf_matrix[3][3]   0.00290786 
_atom_sites.fract_transf_vector[1]      0.552297 
_atom_sites.fract_transf_vector[2]      0.980434 
_atom_sites.fract_transf_vector[3]      0.441581 
# 
loop_
_atom_type.symbol 
C  
N  
O  
S  
SE 
# 
loop_
_atom_site.group_PDB 
_atom_site.id 
_atom_site.type_symbol 
_atom_site.label_atom_id 
_atom_site.label_alt_id 
_atom_site.label_comp_id 
_atom_site.label_asym_id 
_atom_site.label_entity_id 
_atom_site.label_seq_id 
_atom_site.pdbx_PDB_ins_code 
_atom_site.Cartn_x 
_atom_site.Cartn_y 
_atom_site.Cartn_z 
_atom_site.occupancy 
_atom_site.B_iso_or_equiv 
_atom_site.pdbx_formal_charge 
_atom_site.auth_seq_id 
_atom_site.auth_comp_id 
_atom_site.auth_asym_id 
_atom_site.auth_atom_id 
_atom_site.pdbx_PDB_model_num 
ATOM   1   N  N   . SER A 1 1  ? -37.432 4.666   11.246  1.00 18.11 ? 82  SER A N   1 
ATOM   2   C  CA  . SER A 1 1  ? -37.176 3.631   10.252  1.00 15.50 ? 82  SER A CA  1 
ATOM   3   C  C   . SER A 1 1  ? -35.689 3.329   10.276  1.00 13.99 ? 82  SER A C   1 
ATOM   4   O  O   . SER A 1 1  ? -34.951 3.929   11.049  1.00 14.56 ? 82  SER A O   1 
ATOM   5   C  CB  . SER A 1 1  ? -37.550 4.133   8.867   1.00 14.62 ? 82  SER A CB  1 
ATOM   6   O  OG  . SER A 1 1  ? -36.566 5.052   8.398   1.00 14.56 ? 82  SER A OG  1 
ATOM   7   N  N   . THR A 1 2  ? -35.231 2.415   9.427   1.00 11.33 ? 83  THR A N   1 
ATOM   8   C  CA  . THR A 1 2  ? -33.821 2.043   9.442   1.00 13.17 ? 83  THR A CA  1 
ATOM   9   C  C   . THR A 1 2  ? -32.997 2.888   8.480   1.00 12.69 ? 83  THR A C   1 
ATOM   10  O  O   . THR A 1 2  ? -31.811 2.608   8.256   1.00 12.40 ? 83  THR A O   1 
ATOM   11  C  CB  . THR A 1 2  ? -33.626 0.569   9.065   1.00 12.29 ? 83  THR A CB  1 
ATOM   12  O  OG1 . THR A 1 2  ? -34.148 0.339   7.752   1.00 10.71 ? 83  THR A OG1 1 
ATOM   13  C  CG2 . THR A 1 2  ? -34.344 -0.341  10.067  1.00 12.06 ? 83  THR A CG2 1 
HETATM 14  N  N   . MSE A 1 3  ? -33.617 3.910   7.898   1.00 12.51 ? 84  MSE A N   1 
HETATM 15  C  CA  . MSE A 1 3  ? -32.957 4.617   6.803   1.00 11.94 ? 84  MSE A CA  1 
HETATM 16  C  C   . MSE A 1 3  ? -31.696 5.321   7.239   1.00 13.42 ? 84  MSE A C   1 
HETATM 17  O  O   . MSE A 1 3  ? -30.684 5.244   6.549   1.00 12.86 ? 84  MSE A O   1 
HETATM 18  C  CB  . MSE A 1 3  ? -33.852 5.667   6.161   1.00 10.78 ? 84  MSE A CB  1 
HETATM 19  C  CG  . MSE A 1 3  ? -32.985 6.644   5.380   1.00 15.66 ? 84  MSE A CG  1 
HETATM 20  SE SE  . MSE A 1 3  ? -33.917 7.988   4.462   1.00 39.48 ? 84  MSE A SE  1 
HETATM 21  C  CE  . MSE A 1 3  ? -34.265 9.161   5.984   1.00 17.07 ? 84  MSE A CE  1 
ATOM   22  N  N   . ASP A 1 4  ? -31.758 6.037   8.358   1.00 13.82 ? 85  ASP A N   1 
ATOM   23  C  CA  . ASP A 1 4  ? -30.591 6.802   8.784   1.00 15.71 ? 85  ASP A CA  1 
ATOM   24  C  C   . ASP A 1 4  ? -29.419 5.855   8.959   1.00 13.74 ? 85  ASP A C   1 
ATOM   25  O  O   . ASP A 1 4  ? -28.326 6.120   8.470   1.00 15.13 ? 85  ASP A O   1 
ATOM   26  C  CB  . ASP A 1 4  ? -30.862 7.581   10.074  1.00 16.05 ? 85  ASP A CB  1 
ATOM   27  C  CG  . ASP A 1 4  ? -31.662 8.850   9.833   1.00 18.55 ? 85  ASP A CG  1 
ATOM   28  O  OD1 . ASP A 1 4  ? -31.800 9.266   8.665   1.00 19.19 ? 85  ASP A OD1 1 
ATOM   29  O  OD2 . ASP A 1 4  ? -32.154 9.437   10.814  1.00 24.47 ? 85  ASP A OD2 1 
ATOM   30  N  N   . TRP A 1 5  ? -29.659 4.723   9.605   1.00 13.88 ? 86  TRP A N   1 
ATOM   31  C  CA  . TRP A 1 5  ? -28.581 3.771   9.839   1.00 14.36 ? 86  TRP A CA  1 
ATOM   32  C  C   . TRP A 1 5  ? -28.057 3.135   8.553   1.00 14.12 ? 86  TRP A C   1 
ATOM   33  O  O   . TRP A 1 5  ? -26.848 2.984   8.386   1.00 12.18 ? 86  TRP A O   1 
ATOM   34  C  CB  . TRP A 1 5  ? -29.009 2.670   10.807  1.00 14.22 ? 86  TRP A CB  1 
ATOM   35  C  CG  . TRP A 1 5  ? -28.056 1.512   10.793  1.00 16.66 ? 86  TRP A CG  1 
ATOM   36  C  CD1 . TRP A 1 5  ? -28.322 0.231   10.402  1.00 16.64 ? 86  TRP A CD1 1 
ATOM   37  C  CD2 . TRP A 1 5  ? -26.665 1.542   11.162  1.00 14.96 ? 86  TRP A CD2 1 
ATOM   38  N  NE1 . TRP A 1 5  ? -27.177 -0.542  10.517  1.00 16.05 ? 86  TRP A NE1 1 
ATOM   39  C  CE2 . TRP A 1 5  ? -26.154 0.240   10.983  1.00 13.72 ? 86  TRP A CE2 1 
ATOM   40  C  CE3 . TRP A 1 5  ? -25.809 2.538   11.638  1.00 19.12 ? 86  TRP A CE3 1 
ATOM   41  C  CZ2 . TRP A 1 5  ? -24.819 -0.083  11.261  1.00 16.50 ? 86  TRP A CZ2 1 
ATOM   42  C  CZ3 . TRP A 1 5  ? -24.482 2.214   11.910  1.00 17.63 ? 86  TRP A CZ3 1 
ATOM   43  C  CH2 . TRP A 1 5  ? -24.002 0.920   11.717  1.00 17.26 ? 86  TRP A CH2 1 
ATOM   44  N  N   . GLU A 1 6  ? -28.956 2.747   7.648   1.00 12.39 ? 87  GLU A N   1 
ATOM   45  C  CA  . GLU A 1 6  ? -28.517 2.142   6.396   1.00 11.09 ? 87  GLU A CA  1 
ATOM   46  C  C   . GLU A 1 6  ? -27.627 3.110   5.604   1.00 12.02 ? 87  GLU A C   1 
ATOM   47  O  O   . GLU A 1 6  ? -26.599 2.704   5.040   1.00 10.49 ? 87  GLU A O   1 
ATOM   48  C  CB  . GLU A 1 6  ? -29.708 1.668   5.553   1.00 11.41 ? 87  GLU A CB  1 
ATOM   49  C  CG  . GLU A 1 6  ? -30.426 0.424   6.104   1.00 13.93 ? 87  GLU A CG  1 
ATOM   50  C  CD  . GLU A 1 6  ? -29.548 -0.827  6.117   1.00 15.01 ? 87  GLU A CD  1 
ATOM   51  O  OE1 . GLU A 1 6  ? -28.884 -1.089  5.097   1.00 12.64 ? 87  GLU A OE1 1 
ATOM   52  O  OE2 . GLU A 1 6  ? -29.537 -1.561  7.141   1.00 16.36 ? 87  GLU A OE2 1 
ATOM   53  N  N   . VAL A 1 7  ? -28.014 4.385   5.580   1.00 11.21 ? 88  VAL A N   1 
ATOM   54  C  CA  . VAL A 1 7  ? -27.232 5.426   4.905   1.00 12.08 ? 88  VAL A CA  1 
ATOM   55  C  C   . VAL A 1 7  ? -25.857 5.640   5.550   1.00 12.58 ? 88  VAL A C   1 
ATOM   56  O  O   . VAL A 1 7  ? -24.830 5.699   4.850   1.00 14.69 ? 88  VAL A O   1 
ATOM   57  C  CB  . VAL A 1 7  ? -28.029 6.754   4.847   1.00 12.28 ? 88  VAL A CB  1 
ATOM   58  C  CG1 . VAL A 1 7  ? -27.151 7.905   4.397   1.00 12.33 ? 88  VAL A CG1 1 
ATOM   59  C  CG2 . VAL A 1 7  ? -29.250 6.600   3.916   1.00 11.62 ? 88  VAL A CG2 1 
ATOM   60  N  N   . GLU A 1 8  ? -25.837 5.742   6.877   1.00 12.36 ? 89  GLU A N   1 
ATOM   61  C  CA  . GLU A 1 8  ? -24.591 5.846   7.632   1.00 13.72 ? 89  GLU A CA  1 
ATOM   62  C  C   . GLU A 1 8  ? -23.697 4.627   7.407   1.00 13.89 ? 89  GLU A C   1 
ATOM   63  O  O   . GLU A 1 8  ? -22.495 4.763   7.144   1.00 10.56 ? 89  GLU A O   1 
ATOM   64  C  CB  . GLU A 1 8  ? -24.899 5.993   9.131   1.00 15.50 ? 89  GLU A CB  1 
ATOM   65  C  CG  . GLU A 1 8  ? -23.675 6.307   9.985   1.00 18.60 ? 89  GLU A CG  1 
ATOM   66  C  CD  . GLU A 1 8  ? -23.953 6.247   11.477  1.00 21.53 ? 89  GLU A CD  1 
ATOM   67  O  OE1 . GLU A 1 8  ? -25.129 6.105   11.873  1.00 23.30 ? 89  GLU A OE1 1 
ATOM   68  O  OE2 . GLU A 1 8  ? -22.985 6.336   12.264  1.00 24.60 ? 89  GLU A OE2 1 
ATOM   69  N  N   . ARG A 1 9  ? -24.276 3.433   7.514   1.00 11.24 ? 90  ARG A N   1 
ATOM   70  C  CA  . ARG A 1 9  ? -23.497 2.198   7.379   1.00 13.04 ? 90  ARG A CA  1 
ATOM   71  C  C   . ARG A 1 9  ? -22.874 2.092   5.991   1.00 13.72 ? 90  ARG A C   1 
ATOM   72  O  O   . ARG A 1 9  ? -21.731 1.650   5.839   1.00 12.75 ? 90  ARG A O   1 
ATOM   73  C  CB  . ARG A 1 9  ? -24.381 0.974   7.641   1.00 14.34 ? 90  ARG A CB  1 
ATOM   74  C  CG  . ARG A 1 9  ? -23.622 -0.340  7.653   1.00 14.77 ? 90  ARG A CG  1 
ATOM   75  C  CD  . ARG A 1 9  ? -24.537 -1.545  7.720   1.00 16.04 ? 90  ARG A CD  1 
ATOM   76  N  NE  . ARG A 1 9  ? -23.770 -2.777  7.909   1.00 18.23 ? 90  ARG A NE  1 
ATOM   77  C  CZ  . ARG A 1 9  ? -23.296 -3.529  6.921   1.00 21.43 ? 90  ARG A CZ  1 
ATOM   78  N  NH1 . ARG A 1 9  ? -23.514 -3.190  5.653   1.00 19.46 ? 90  ARG A NH1 1 
ATOM   79  N  NH2 . ARG A 1 9  ? -22.610 -4.633  7.206   1.00 23.53 ? 90  ARG A NH2 1 
ATOM   80  N  N   . ALA A 1 10 ? -23.633 2.503   4.975   1.00 13.09 ? 91  ALA A N   1 
ATOM   81  C  CA  . ALA A 1 10 ? -23.132 2.485   3.606   1.00 14.41 ? 91  ALA A CA  1 
ATOM   82  C  C   . ALA A 1 10 ? -21.971 3.455   3.417   1.00 14.05 ? 91  ALA A C   1 
ATOM   83  O  O   . ALA A 1 10 ? -21.044 3.164   2.672   1.00 14.63 ? 91  ALA A O   1 
ATOM   84  C  CB  . ALA A 1 10 ? -24.248 2.795   2.613   1.00 14.79 ? 91  ALA A CB  1 
ATOM   85  N  N   . GLU A 1 11 ? -22.027 4.619   4.057   1.00 12.70 ? 92  GLU A N   1 
ATOM   86  C  CA  . GLU A 1 11 ? -20.924 5.561   3.915   1.00 17.37 ? 92  GLU A CA  1 
ATOM   87  C  C   . GLU A 1 11 ? -19.671 5.019   4.597   1.00 15.64 ? 92  GLU A C   1 
ATOM   88  O  O   . GLU A 1 11 ? -18.565 5.147   4.072   1.00 16.76 ? 92  GLU A O   1 
ATOM   89  C  CB  . GLU A 1 11 ? -21.276 6.948   4.456   1.00 19.33 ? 92  GLU A CB  1 
ATOM   90  C  CG  . GLU A 1 11 ? -20.044 7.838   4.597   1.00 23.63 ? 92  GLU A CG  1 
ATOM   91  C  CD  . GLU A 1 11 ? -20.369 9.295   4.855   1.00 33.38 ? 92  GLU A CD  1 
ATOM   92  O  OE1 . GLU A 1 11 ? -21.399 9.785   4.333   1.00 34.50 ? 92  GLU A OE1 1 
ATOM   93  O  OE2 . GLU A 1 11 ? -19.576 9.951   5.570   1.00 37.56 ? 92  GLU A OE2 1 
ATOM   94  N  N   . LEU A 1 12 ? -19.845 4.396   5.756   1.00 11.73 ? 93  LEU A N   1 
ATOM   95  C  CA  . LEU A 1 12 ? -18.704 3.815   6.457   1.00 15.28 ? 93  LEU A CA  1 
ATOM   96  C  C   . LEU A 1 12 ? -18.081 2.698   5.620   1.00 14.97 ? 93  LEU A C   1 
ATOM   97  O  O   . LEU A 1 12 ? -16.848 2.601   5.497   1.00 16.18 ? 93  LEU A O   1 
ATOM   98  C  CB  . LEU A 1 12 ? -19.155 3.273   7.812   1.00 13.79 ? 93  LEU A CB  1 
ATOM   99  C  CG  . LEU A 1 12 ? -19.588 4.329   8.824   1.00 14.89 ? 93  LEU A CG  1 
ATOM   100 C  CD1 . LEU A 1 12 ? -20.248 3.661   10.028  1.00 18.03 ? 93  LEU A CD1 1 
ATOM   101 C  CD2 . LEU A 1 12 ? -18.388 5.176   9.254   1.00 18.83 ? 93  LEU A CD2 1 
ATOM   102 N  N   . GLN A 1 13 ? -18.934 1.856   5.039   1.00 12.19 ? 94  GLN A N   1 
ATOM   103 C  CA  . GLN A 1 13 ? -18.460 0.696   4.291   1.00 14.91 ? 94  GLN A CA  1 
ATOM   104 C  C   . GLN A 1 13 ? -17.734 1.146   3.029   1.00 16.25 ? 94  GLN A C   1 
ATOM   105 O  O   . GLN A 1 13 ? -16.749 0.521   2.588   1.00 16.34 ? 94  GLN A O   1 
ATOM   106 C  CB  . GLN A 1 13 ? -19.622 -0.239  3.938   1.00 14.64 ? 94  GLN A CB  1 
ATOM   107 C  CG  . GLN A 1 13 ? -20.182 -1.051  5.120   1.00 16.85 ? 94  GLN A CG  1 
ATOM   108 C  CD  . GLN A 1 13 ? -19.287 -2.221  5.508   1.00 21.76 ? 94  GLN A CD  1 
ATOM   109 O  OE1 . GLN A 1 13 ? -18.086 -2.050  5.743   1.00 21.10 ? 94  GLN A OE1 1 
ATOM   110 N  NE2 . GLN A 1 13 ? -19.871 -3.417  5.573   1.00 23.31 ? 94  GLN A NE2 1 
ATOM   111 N  N   . ALA A 1 14 ? -18.212 2.247   2.461   1.00 14.13 ? 95  ALA A N   1 
ATOM   112 C  CA  . ALA A 1 14 ? -17.587 2.823   1.278   1.00 16.91 ? 95  ALA A CA  1 
ATOM   113 C  C   . ALA A 1 14 ? -16.185 3.350   1.602   1.00 16.64 ? 95  ALA A C   1 
ATOM   114 O  O   . ALA A 1 14 ? -15.247 3.139   0.824   1.00 14.68 ? 95  ALA A O   1 
ATOM   115 C  CB  . ALA A 1 14 ? -18.454 3.928   0.711   1.00 17.56 ? 95  ALA A CB  1 
ATOM   116 N  N   . ARG A 1 15 ? -16.045 4.029   2.740   1.00 13.76 ? 96  ARG A N   1 
ATOM   117 C  CA  . ARG A 1 15 ? -14.742 4.543   3.168   1.00 16.42 ? 96  ARG A CA  1 
ATOM   118 C  C   . ARG A 1 15 ? -13.786 3.389   3.442   1.00 16.85 ? 96  ARG A C   1 
ATOM   119 O  O   . ARG A 1 15 ? -12.595 3.470   3.142   1.00 15.23 ? 96  ARG A O   1 
ATOM   120 C  CB  . ARG A 1 15 ? -14.877 5.416   4.420   1.00 19.27 ? 96  ARG A CB  1 
ATOM   121 C  CG  . ARG A 1 15 ? -15.484 6.795   4.158   1.00 22.47 ? 96  ARG A CG  1 
ATOM   122 C  CD  . ARG A 1 15 ? -15.912 7.474   5.460   1.00 29.67 ? 96  ARG A CD  1 
ATOM   123 N  NE  . ARG A 1 15 ? -14.771 7.763   6.326   1.00 29.33 ? 96  ARG A NE  1 
ATOM   124 C  CZ  . ARG A 1 15 ? -14.874 8.082   7.614   1.00 30.35 ? 96  ARG A CZ  1 
ATOM   125 N  NH1 . ARG A 1 15 ? -16.065 8.148   8.193   1.00 29.31 ? 96  ARG A NH1 1 
ATOM   126 N  NH2 . ARG A 1 15 ? -13.780 8.324   8.328   1.00 35.65 ? 96  ARG A NH2 1 
ATOM   127 N  N   . ILE A 1 16 ? -14.309 2.317   4.028   1.00 15.22 ? 97  ILE A N   1 
ATOM   128 C  CA  . ILE A 1 16 ? -13.514 1.123   4.245   1.00 14.78 ? 97  ILE A CA  1 
ATOM   129 C  C   . ILE A 1 16 ? -13.085 0.549   2.888   1.00 15.64 ? 97  ILE A C   1 
ATOM   130 O  O   . ILE A 1 16 ? -11.923 0.219   2.692   1.00 14.93 ? 97  ILE A O   1 
ATOM   131 C  CB  . ILE A 1 16 ? -14.293 0.090   5.075   1.00 14.11 ? 97  ILE A CB  1 
ATOM   132 C  CG1 . ILE A 1 16 ? -14.406 0.579   6.520   1.00 14.01 ? 97  ILE A CG1 1 
ATOM   133 C  CG2 . ILE A 1 16 ? -13.604 -1.265  5.057   1.00 16.33 ? 97  ILE A CG2 1 
ATOM   134 C  CD1 . ILE A 1 16 ? -15.227 -0.312  7.422   1.00 15.21 ? 97  ILE A CD1 1 
ATOM   135 N  N   . ALA A 1 17 ? -14.018 0.472   1.943   1.00 16.64 ? 98  ALA A N   1 
ATOM   136 C  CA  . ALA A 1 17 ? -13.723 -0.094  0.626   1.00 17.98 ? 98  ALA A CA  1 
ATOM   137 C  C   . ALA A 1 17 ? -12.626 0.677   -0.093  1.00 15.30 ? 98  ALA A C   1 
ATOM   138 O  O   . ALA A 1 17 ? -11.793 0.085   -0.789  1.00 15.75 ? 98  ALA A O   1 
ATOM   139 C  CB  . ALA A 1 17 ? -14.976 -0.142  -0.230  1.00 19.13 ? 98  ALA A CB  1 
HETATM 140 N  N   . MSE A 1 18 ? -12.629 1.997   0.067   1.00 16.20 ? 99  MSE A N   1 
HETATM 141 C  CA  . MSE A 1 18 ? -11.631 2.840   -0.581  1.00 16.27 ? 99  MSE A CA  1 
HETATM 142 C  C   . MSE A 1 18 ? -10.261 2.648   0.058   1.00 17.48 ? 99  MSE A C   1 
HETATM 143 O  O   . MSE A 1 18 ? -9.255  2.537   -0.640  1.00 15.84 ? 99  MSE A O   1 
HETATM 144 C  CB  . MSE A 1 18 ? -12.050 4.312   -0.529  1.00 17.75 ? 99  MSE A CB  1 
HETATM 145 SE SE  . MSE A 1 18 ? -13.118 3.507   -3.865  1.00 52.57 ? 99  MSE A SE  1 
ATOM   146 N  N   . LEU A 1 19 ? -10.234 2.601   1.387   1.00 16.75 ? 100 LEU A N   1 
ATOM   147 C  CA  . LEU A 1 19 ? -8.996  2.356   2.128   1.00 15.72 ? 100 LEU A CA  1 
ATOM   148 C  C   . LEU A 1 19 ? -8.413  0.976   1.825   1.00 15.66 ? 100 LEU A C   1 
ATOM   149 O  O   . LEU A 1 19 ? -7.201  0.842   1.640   1.00 15.59 ? 100 LEU A O   1 
ATOM   150 C  CB  . LEU A 1 19 ? -9.244  2.506   3.632   1.00 13.45 ? 100 LEU A CB  1 
ATOM   151 C  CG  . LEU A 1 19 ? -9.459  3.953   4.081   1.00 18.31 ? 100 LEU A CG  1 
ATOM   152 C  CD1 . LEU A 1 19 ? -10.108 4.025   5.454   1.00 16.19 ? 100 LEU A CD1 1 
ATOM   153 C  CD2 . LEU A 1 19 ? -8.133  4.693   4.070   1.00 17.84 ? 100 LEU A CD2 1 
ATOM   154 N  N   . GLN A 1 20 ? -9.272  -0.041  1.774   1.00 14.37 ? 101 GLN A N   1 
ATOM   155 C  CA  . GLN A 1 20 ? -8.853  -1.407  1.468   1.00 16.90 ? 101 GLN A CA  1 
ATOM   156 C  C   . GLN A 1 20 ? -8.371  -1.544  0.016   1.00 17.77 ? 101 GLN A C   1 
ATOM   157 O  O   . GLN A 1 20 ? -7.429  -2.301  -0.275  1.00 19.46 ? 101 GLN A O   1 
ATOM   158 C  CB  . GLN A 1 20 ? -9.991  -2.401  1.762   1.00 18.51 ? 101 GLN A CB  1 
ATOM   159 C  CG  . GLN A 1 20 ? -10.215 -2.673  3.267   1.00 22.59 ? 101 GLN A CG  1 
ATOM   160 C  CD  . GLN A 1 20 ? -11.386 -3.620  3.541   1.00 24.68 ? 101 GLN A CD  1 
ATOM   161 O  OE1 . GLN A 1 20 ? -12.203 -3.898  2.656   1.00 24.23 ? 101 GLN A OE1 1 
ATOM   162 N  NE2 . GLN A 1 20 ? -11.472 -4.114  4.773   1.00 24.84 ? 101 GLN A NE2 1 
ATOM   163 N  N   . GLY A 1 21 ? -9.013  -0.819  -0.895  1.00 17.21 ? 102 GLY A N   1 
ATOM   164 C  CA  . GLY A 1 21 ? -8.564  -0.782  -2.282  1.00 16.74 ? 102 GLY A CA  1 
ATOM   165 C  C   . GLY A 1 21 ? -7.179  -0.159  -2.430  1.00 18.67 ? 102 GLY A C   1 
ATOM   166 O  O   . GLY A 1 21 ? -6.343  -0.637  -3.222  1.00 17.50 ? 102 GLY A O   1 
ATOM   167 N  N   . GLU A 1 22 ? -6.940  0.914   -1.681  1.00 17.19 ? 103 GLU A N   1 
ATOM   168 C  CA  . GLU A 1 22 ? -5.657  1.603   -1.698  1.00 17.99 ? 103 GLU A CA  1 
ATOM   169 C  C   . GLU A 1 22 ? -4.582  0.695   -1.124  1.00 17.92 ? 103 GLU A C   1 
ATOM   170 O  O   . GLU A 1 22 ? -3.501  0.531   -1.717  1.00 16.39 ? 103 GLU A O   1 
ATOM   171 C  CB  . GLU A 1 22 ? -5.739  2.907   -0.893  1.00 18.63 ? 103 GLU A CB  1 
ATOM   172 C  CG  . GLU A 1 22 ? -4.378  3.589   -0.698  1.00 22.35 ? 103 GLU A CG  1 
ATOM   173 C  CD  . GLU A 1 22 ? -4.492  4.965   -0.069  1.00 27.29 ? 103 GLU A CD  1 
ATOM   174 O  OE1 . GLU A 1 22 ? -5.354  5.136   0.814   1.00 28.35 ? 103 GLU A OE1 1 
ATOM   175 O  OE2 . GLU A 1 22 ? -3.722  5.871   -0.454  1.00 27.03 ? 103 GLU A OE2 1 
ATOM   176 N  N   . ARG A 1 23 ? -4.887  0.092   0.020   1.00 14.14 ? 104 ARG A N   1 
ATOM   177 C  CA  . ARG A 1 23 ? -3.943  -0.794  0.685   1.00 17.91 ? 104 ARG A CA  1 
ATOM   178 C  C   . ARG A 1 23 ? -3.551  -1.966  -0.204  1.00 18.13 ? 104 ARG A C   1 
ATOM   179 O  O   . ARG A 1 23 ? -2.366  -2.286  -0.314  1.00 17.18 ? 104 ARG A O   1 
ATOM   180 C  CB  . ARG A 1 23 ? -4.507  -1.314  2.013   1.00 19.30 ? 104 ARG A CB  1 
ATOM   181 C  CG  . ARG A 1 23 ? -3.591  -2.319  2.699   1.00 23.52 ? 104 ARG A CG  1 
ATOM   182 C  CD  . ARG A 1 23 ? -4.131  -2.755  4.039   1.00 25.42 ? 104 ARG A CD  1 
ATOM   183 N  NE  . ARG A 1 23 ? -5.392  -3.476  3.900   1.00 30.67 ? 104 ARG A NE  1 
ATOM   184 C  CZ  . ARG A 1 23 ? -6.003  -4.103  4.901   1.00 34.24 ? 104 ARG A CZ  1 
ATOM   185 N  NH1 . ARG A 1 23 ? -5.458  -4.101  6.113   1.00 32.15 ? 104 ARG A NH1 1 
ATOM   186 N  NH2 . ARG A 1 23 ? -7.151  -4.734  4.693   1.00 34.57 ? 104 ARG A NH2 1 
ATOM   187 N  N   . LYS A 1 24 ? -4.548  -2.592  -0.830  1.00 16.64 ? 105 LYS A N   1 
ATOM   188 C  CA  . LYS A 1 24 ? -4.334  -3.713  -1.747  1.00 17.09 ? 105 LYS A CA  1 
ATOM   189 C  C   . LYS A 1 24 ? -3.460  -3.288  -2.926  1.00 17.28 ? 105 LYS A C   1 
ATOM   190 O  O   . LYS A 1 24 ? -2.573  -4.028  -3.344  1.00 16.15 ? 105 LYS A O   1 
ATOM   191 C  CB  . LYS A 1 24 ? -5.686  -4.225  -2.258  1.00 21.84 ? 105 LYS A CB  1 
ATOM   192 C  CG  . LYS A 1 24 ? -5.631  -5.309  -3.341  1.00 23.83 ? 105 LYS A CG  1 
ATOM   193 C  CD  . LYS A 1 24 ? -7.059  -5.641  -3.816  1.00 25.44 ? 105 LYS A CD  1 
ATOM   194 C  CE  . LYS A 1 24 ? -7.132  -6.975  -4.555  1.00 28.95 ? 105 LYS A CE  1 
ATOM   195 N  NZ  . LYS A 1 24 ? -6.301  -6.985  -5.786  1.00 30.33 ? 105 LYS A NZ  1 
ATOM   196 N  N   . GLY A 1 25 ? -3.713  -2.094  -3.456  1.00 16.43 ? 106 GLY A N   1 
ATOM   197 C  CA  . GLY A 1 25 ? -2.911  -1.563  -4.541  1.00 16.72 ? 106 GLY A CA  1 
ATOM   198 C  C   . GLY A 1 25 ? -1.474  -1.357  -4.107  1.00 16.71 ? 106 GLY A C   1 
ATOM   199 O  O   . GLY A 1 25 ? -0.545  -1.715  -4.839  1.00 16.48 ? 106 GLY A O   1 
ATOM   200 N  N   . GLN A 1 26 ? -1.290  -0.809  -2.907  1.00 14.70 ? 107 GLN A N   1 
ATOM   201 C  CA  . GLN A 1 26 ? 0.046   -0.562  -2.369  1.00 16.24 ? 107 GLN A CA  1 
ATOM   202 C  C   . GLN A 1 26 ? 0.804   -1.844  -2.055  1.00 15.01 ? 107 GLN A C   1 
ATOM   203 O  O   . GLN A 1 26 ? 2.014   -1.935  -2.285  1.00 14.75 ? 107 GLN A O   1 
ATOM   204 C  CB  . GLN A 1 26 ? -0.038  0.331   -1.130  1.00 18.79 ? 107 GLN A CB  1 
ATOM   205 C  CG  . GLN A 1 26 ? -0.367  1.783   -1.483  1.00 20.08 ? 107 GLN A CG  1 
ATOM   206 C  CD  . GLN A 1 26 ? 0.516   2.291   -2.599  1.00 22.62 ? 107 GLN A CD  1 
ATOM   207 O  OE1 . GLN A 1 26 ? 1.735   2.317   -2.457  1.00 20.67 ? 107 GLN A OE1 1 
ATOM   208 N  NE2 . GLN A 1 26 ? -0.087  2.654   -3.738  1.00 21.79 ? 107 GLN A NE2 1 
ATOM   209 N  N   . GLU A 1 27 ? 0.092   -2.831  -1.526  1.00 16.22 ? 108 GLU A N   1 
ATOM   210 C  CA  . GLU A 1 27 ? 0.678   -4.131  -1.198  1.00 17.70 ? 108 GLU A CA  1 
ATOM   211 C  C   . GLU A 1 27 ? 1.176   -4.821  -2.464  1.00 17.10 ? 108 GLU A C   1 
ATOM   212 O  O   . GLU A 1 27 ? 2.286   -5.372  -2.513  1.00 17.48 ? 108 GLU A O   1 
ATOM   213 C  CB  . GLU A 1 27 ? -0.380  -5.008  -0.509  1.00 18.69 ? 108 GLU A CB  1 
ATOM   214 C  CG  . GLU A 1 27 ? 0.059   -6.433  -0.211  1.00 22.97 ? 108 GLU A CG  1 
ATOM   215 C  CD  . GLU A 1 27 ? 1.088   -6.531  0.917   1.00 30.89 ? 108 GLU A CD  1 
ATOM   216 O  OE1 . GLU A 1 27 ? 1.588   -7.652  1.163   1.00 34.24 ? 108 GLU A OE1 1 
ATOM   217 O  OE2 . GLU A 1 27 ? 1.408   -5.500  1.556   1.00 30.14 ? 108 GLU A OE2 1 
ATOM   218 N  N   . ASN A 1 28 ? 0.349   -4.793  -3.498  1.00 14.70 ? 109 ASN A N   1 
ATOM   219 C  CA  . ASN A 1 28 ? 0.713   -5.438  -4.745  1.00 15.72 ? 109 ASN A CA  1 
ATOM   220 C  C   . ASN A 1 28 ? 1.855   -4.714  -5.437  1.00 15.43 ? 109 ASN A C   1 
ATOM   221 O  O   . ASN A 1 28 ? 2.765   -5.352  -5.995  1.00 15.88 ? 109 ASN A O   1 
ATOM   222 C  CB  . ASN A 1 28 ? -0.513  -5.568  -5.648  1.00 14.66 ? 109 ASN A CB  1 
ATOM   223 C  CG  . ASN A 1 28 ? -1.470  -6.646  -5.157  1.00 17.43 ? 109 ASN A CG  1 
ATOM   224 O  OD1 . ASN A 1 28 ? -1.102  -7.471  -4.320  1.00 17.75 ? 109 ASN A OD1 1 
ATOM   225 N  ND2 . ASN A 1 28 ? -2.695  -6.646  -5.670  1.00 16.38 ? 109 ASN A ND2 1 
ATOM   226 N  N   . LEU A 1 29 ? 1.823   -3.387  -5.400  1.00 12.59 ? 110 LEU A N   1 
ATOM   227 C  CA  . LEU A 1 29 ? 2.915   -2.609  -5.974  1.00 15.60 ? 110 LEU A CA  1 
ATOM   228 C  C   . LEU A 1 29 ? 4.213   -2.883  -5.218  1.00 12.90 ? 110 LEU A C   1 
ATOM   229 O  O   . LEU A 1 29 ? 5.254   -3.083  -5.834  1.00 13.12 ? 110 LEU A O   1 
ATOM   230 C  CB  . LEU A 1 29 ? 2.592   -1.114  -5.958  1.00 15.12 ? 110 LEU A CB  1 
ATOM   231 C  CG  . LEU A 1 29 ? 3.736   -0.213  -6.420  1.00 15.95 ? 110 LEU A CG  1 
ATOM   232 C  CD1 . LEU A 1 29 ? 4.185   -0.622  -7.818  1.00 14.99 ? 110 LEU A CD1 1 
ATOM   233 C  CD2 . LEU A 1 29 ? 3.337   1.271   -6.384  1.00 18.05 ? 110 LEU A CD2 1 
ATOM   234 N  N   . LYS A 1 30 ? 4.153   -2.888  -3.887  1.00 11.19 ? 111 LYS A N   1 
ATOM   235 C  CA  . LYS A 1 30 ? 5.316   -3.220  -3.069  1.00 13.11 ? 111 LYS A CA  1 
ATOM   236 C  C   . LYS A 1 30 ? 5.956   -4.562  -3.450  1.00 13.17 ? 111 LYS A C   1 
ATOM   237 O  O   . LYS A 1 30 ? 7.186   -4.667  -3.574  1.00 13.18 ? 111 LYS A O   1 
ATOM   238 C  CB  . LYS A 1 30 ? 4.949   -3.267  -1.584  1.00 14.14 ? 111 LYS A CB  1 
ATOM   239 C  CG  . LYS A 1 30 ? 6.104   -3.780  -0.754  1.00 18.51 ? 111 LYS A CG  1 
ATOM   240 C  CD  . LYS A 1 30 ? 5.645   -4.339  0.565   1.00 22.16 ? 111 LYS A CD  1 
ATOM   241 C  CE  . LYS A 1 30 ? 4.655   -5.470  0.416   1.00 20.69 ? 111 LYS A CE  1 
ATOM   242 N  NZ  . LYS A 1 30 ? 3.872   -5.567  1.681   1.00 27.40 ? 111 LYS A NZ  1 
ATOM   243 N  N   . LYS A 1 31 ? 5.126   -5.585  -3.632  1.00 11.59 ? 112 LYS A N   1 
ATOM   244 C  CA  . LYS A 1 31 ? 5.623   -6.909  -3.987  1.00 12.88 ? 112 LYS A CA  1 
ATOM   245 C  C   . LYS A 1 31 ? 6.292   -6.922  -5.367  1.00 11.91 ? 112 LYS A C   1 
ATOM   246 O  O   . LYS A 1 31 ? 7.306   -7.605  -5.562  1.00 12.39 ? 112 LYS A O   1 
ATOM   247 C  CB  . LYS A 1 31 ? 4.492   -7.930  -3.935  1.00 17.71 ? 112 LYS A CB  1 
ATOM   248 C  CG  . LYS A 1 31 ? 4.062   -8.294  -2.514  1.00 21.59 ? 112 LYS A CG  1 
ATOM   249 C  CD  . LYS A 1 31 ? 2.799   -9.143  -2.541  1.00 23.09 ? 112 LYS A CD  1 
ATOM   250 C  CE  . LYS A 1 31 ? 2.431   -9.633  -1.157  1.00 27.11 ? 112 LYS A CE  1 
ATOM   251 N  NZ  . LYS A 1 31 ? 0.968   -9.966  -1.078  1.00 30.80 ? 112 LYS A NZ  1 
ATOM   252 N  N   . ASP A 1 32 ? 5.733   -6.170  -6.314  1.00 10.64 ? 113 ASP A N   1 
ATOM   253 C  CA  . ASP A 1 32 ? 6.336   -6.047  -7.638  1.00 13.72 ? 113 ASP A CA  1 
ATOM   254 C  C   . ASP A 1 32 ? 7.656   -5.276  -7.578  1.00 12.36 ? 113 ASP A C   1 
ATOM   255 O  O   . ASP A 1 32 ? 8.612   -5.605  -8.284  1.00 10.79 ? 113 ASP A O   1 
ATOM   256 C  CB  . ASP A 1 32 ? 5.379   -5.352  -8.601  1.00 13.92 ? 113 ASP A CB  1 
ATOM   257 C  CG  . ASP A 1 32 ? 4.126   -6.171  -8.872  1.00 15.93 ? 113 ASP A CG  1 
ATOM   258 O  OD1 . ASP A 1 32 ? 4.080   -7.360  -8.483  1.00 13.90 ? 113 ASP A OD1 1 
ATOM   259 O  OD2 . ASP A 1 32 ? 3.186   -5.622  -9.480  1.00 15.46 ? 113 ASP A OD2 1 
ATOM   260 N  N   . LEU A 1 33 ? 7.709   -4.246  -6.742  1.00 10.78 ? 114 LEU A N   1 
ATOM   261 C  CA  . LEU A 1 33 ? 8.926   -3.454  -6.634  1.00 10.40 ? 114 LEU A CA  1 
ATOM   262 C  C   . LEU A 1 33 ? 10.073  -4.288  -6.069  1.00 11.41 ? 114 LEU A C   1 
ATOM   263 O  O   . LEU A 1 33 ? 11.221  -4.146  -6.497  1.00 9.57  ? 114 LEU A O   1 
ATOM   264 C  CB  . LEU A 1 33 ? 8.695   -2.210  -5.776  1.00 10.76 ? 114 LEU A CB  1 
ATOM   265 C  CG  . LEU A 1 33 ? 7.749   -1.156  -6.362  1.00 10.24 ? 114 LEU A CG  1 
ATOM   266 C  CD1 . LEU A 1 33 ? 7.637   0.028   -5.416  1.00 13.53 ? 114 LEU A CD1 1 
ATOM   267 C  CD2 . LEU A 1 33 ? 8.188   -0.686  -7.729  1.00 10.75 ? 114 LEU A CD2 1 
ATOM   268 N  N   . VAL A 1 34 ? 9.749   -5.167  -5.121  1.00 9.64  ? 115 VAL A N   1 
ATOM   269 C  CA  . VAL A 1 34 ? 10.736  -6.046  -4.503  1.00 11.75 ? 115 VAL A CA  1 
ATOM   270 C  C   . VAL A 1 34 ? 11.358  -6.981  -5.546  1.00 13.35 ? 115 VAL A C   1 
ATOM   271 O  O   . VAL A 1 34 ? 12.578  -7.197  -5.567  1.00 11.15 ? 115 VAL A O   1 
ATOM   272 C  CB  . VAL A 1 34 ? 10.093  -6.879  -3.378  1.00 11.30 ? 115 VAL A CB  1 
ATOM   273 C  CG1 . VAL A 1 34 ? 10.939  -8.099  -3.059  1.00 15.11 ? 115 VAL A CG1 1 
ATOM   274 C  CG2 . VAL A 1 34 ? 9.901   -6.017  -2.133  1.00 12.25 ? 115 VAL A CG2 1 
ATOM   275 N  N   . ARG A 1 35 ? 10.518  -7.536  -6.414  1.00 11.33 ? 116 ARG A N   1 
ATOM   276 C  CA  . ARG A 1 35 ? 11.022  -8.383  -7.494  1.00 11.04 ? 116 ARG A CA  1 
ATOM   277 C  C   . ARG A 1 35 ? 11.906  -7.582  -8.432  1.00 10.62 ? 116 ARG A C   1 
ATOM   278 O  O   . ARG A 1 35 ? 12.955  -8.057  -8.862  1.00 9.55  ? 116 ARG A O   1 
ATOM   279 C  CB  . ARG A 1 35 ? 9.867   -9.033  -8.245  1.00 11.18 ? 116 ARG A CB  1 
ATOM   280 C  CG  . ARG A 1 35 ? 9.083   -9.999  -7.352  1.00 12.85 ? 116 ARG A CG  1 
ATOM   281 C  CD  . ARG A 1 35 ? 8.123   -10.861 -8.140  1.00 14.23 ? 116 ARG A CD  1 
ATOM   282 N  NE  . ARG A 1 35 ? 6.925   -10.144 -8.551  1.00 15.17 ? 116 ARG A NE  1 
ATOM   283 C  CZ  . ARG A 1 35 ? 6.655   -9.844  -9.814  1.00 15.98 ? 116 ARG A CZ  1 
ATOM   284 N  NH1 . ARG A 1 35 ? 7.505   -10.205 -10.766 1.00 16.34 ? 116 ARG A NH1 1 
ATOM   285 N  NH2 . ARG A 1 35 ? 5.541   -9.203  -10.122 1.00 15.42 ? 116 ARG A NH2 1 
ATOM   286 N  N   . ARG A 1 36 ? 11.510  -6.349  -8.726  1.00 10.52 ? 117 ARG A N   1 
ATOM   287 C  CA  . ARG A 1 36 ? 12.322  -5.536  -9.622  1.00 11.98 ? 117 ARG A CA  1 
ATOM   288 C  C   . ARG A 1 36 ? 13.723  -5.302  -9.047  1.00 12.65 ? 117 ARG A C   1 
ATOM   289 O  O   . ARG A 1 36 ? 14.730  -5.382  -9.766  1.00 10.53 ? 117 ARG A O   1 
ATOM   290 C  CB  . ARG A 1 36 ? 11.647  -4.202  -9.903  1.00 14.10 ? 117 ARG A CB  1 
ATOM   291 C  CG  . ARG A 1 36 ? 12.309  -3.441  -11.033 1.00 14.66 ? 117 ARG A CG  1 
ATOM   292 C  CD  . ARG A 1 36 ? 11.599  -2.128  -11.291 1.00 18.19 ? 117 ARG A CD  1 
ATOM   293 N  NE  . ARG A 1 36 ? 12.055  -1.475  -12.514 1.00 23.17 ? 117 ARG A NE  1 
ATOM   294 C  CZ  . ARG A 1 36 ? 11.399  -1.522  -13.671 1.00 25.40 ? 117 ARG A CZ  1 
ATOM   295 N  NH1 . ARG A 1 36 ? 10.264  -2.202  -13.763 1.00 22.41 ? 117 ARG A NH1 1 
ATOM   296 N  NH2 . ARG A 1 36 ? 11.878  -0.888  -14.739 1.00 24.83 ? 117 ARG A NH2 1 
ATOM   297 N  N   . ILE A 1 37 ? 13.771  -5.024  -7.749  1.00 11.43 ? 118 ILE A N   1 
ATOM   298 C  CA  . ILE A 1 37 ? 15.028  -4.780  -7.055  1.00 11.35 ? 118 ILE A CA  1 
ATOM   299 C  C   . ILE A 1 37 ? 15.910  -6.012  -7.113  1.00 10.41 ? 118 ILE A C   1 
ATOM   300 O  O   . ILE A 1 37 ? 17.102  -5.923  -7.449  1.00 10.50 ? 118 ILE A O   1 
ATOM   301 C  CB  . ILE A 1 37 ? 14.774  -4.354  -5.583  1.00 10.75 ? 118 ILE A CB  1 
ATOM   302 C  CG1 . ILE A 1 37 ? 14.180  -2.944  -5.555  1.00 9.56  ? 118 ILE A CG1 1 
ATOM   303 C  CG2 . ILE A 1 37 ? 16.075  -4.384  -4.782  1.00 11.03 ? 118 ILE A CG2 1 
ATOM   304 C  CD1 . ILE A 1 37 ? 13.620  -2.506  -4.204  1.00 10.66 ? 118 ILE A CD1 1 
ATOM   305 N  N   . LYS A 1 38 ? 15.325  -7.170  -6.827  1.00 9.78  ? 119 LYS A N   1 
ATOM   306 C  CA  . LYS A 1 38 ? 16.075  -8.431  -6.899  1.00 12.28 ? 119 LYS A CA  1 
ATOM   307 C  C   . LYS A 1 38 ? 16.687  -8.659  -8.291  1.00 14.02 ? 119 LYS A C   1 
ATOM   308 O  O   . LYS A 1 38 ? 17.842  -9.080  -8.412  1.00 10.23 ? 119 LYS A O   1 
ATOM   309 C  CB  . LYS A 1 38 ? 15.182  -9.612  -6.508  1.00 13.33 ? 119 LYS A CB  1 
ATOM   310 C  CG  . LYS A 1 38 ? 14.682  -9.583  -5.050  1.00 16.01 ? 119 LYS A CG  1 
ATOM   311 C  CD  . LYS A 1 38 ? 15.808  -9.872  -4.078  1.00 15.97 ? 119 LYS A CD  1 
ATOM   312 C  CE  . LYS A 1 38 ? 15.267  -10.251 -2.698  1.00 19.69 ? 119 LYS A CE  1 
ATOM   313 N  NZ  . LYS A 1 38 ? 16.397  -10.381 -1.721  1.00 18.84 ? 119 LYS A NZ  1 
HETATM 314 N  N   . MSE A 1 39 ? 15.914  -8.361  -9.338  1.00 12.76 ? 120 MSE A N   1 
HETATM 315 C  CA  . MSE A 1 39 ? 16.385  -8.566  -10.708 1.00 11.39 ? 120 MSE A CA  1 
HETATM 316 C  C   . MSE A 1 39 ? 17.449  -7.542  -11.125 1.00 12.03 ? 120 MSE A C   1 
HETATM 317 O  O   . MSE A 1 39 ? 18.340  -7.858  -11.918 1.00 11.98 ? 120 MSE A O   1 
HETATM 318 C  CB  . MSE A 1 39 ? 15.209  -8.537  -11.683 1.00 12.03 ? 120 MSE A CB  1 
HETATM 319 C  CG  . MSE A 1 39 ? 14.212  -9.663  -11.461 1.00 10.27 ? 120 MSE A CG  1 
HETATM 320 SE SE  . MSE A 1 39 ? 15.044  -11.437 -11.338 1.00 24.46 ? 120 MSE A SE  1 
HETATM 321 C  CE  . MSE A 1 39 ? 16.179  -11.421 -12.944 1.00 12.74 ? 120 MSE A CE  1 
ATOM   322 N  N   . LEU A 1 40 ? 17.360  -6.326  -10.589 1.00 10.95 ? 121 LEU A N   1 
ATOM   323 C  CA  . LEU A 1 40 ? 18.374  -5.307  -10.860 1.00 13.32 ? 121 LEU A CA  1 
ATOM   324 C  C   . LEU A 1 40 ? 19.686  -5.699  -10.190 1.00 12.57 ? 121 LEU A C   1 
ATOM   325 O  O   . LEU A 1 40 ? 20.778  -5.540  -10.777 1.00 11.17 ? 121 LEU A O   1 
ATOM   326 C  CB  . LEU A 1 40 ? 17.919  -3.939  -10.347 1.00 11.59 ? 121 LEU A CB  1 
ATOM   327 C  CG  . LEU A 1 40 ? 16.906  -3.184  -11.200 1.00 14.02 ? 121 LEU A CG  1 
ATOM   328 C  CD1 . LEU A 1 40 ? 16.293  -2.013  -10.429 1.00 11.89 ? 121 LEU A CD1 1 
ATOM   329 C  CD2 . LEU A 1 40 ? 17.580  -2.693  -12.471 1.00 13.26 ? 121 LEU A CD2 1 
ATOM   330 N  N   . GLU A 1 41 ? 19.574  -6.194  -8.955  1.00 10.84 ? 122 GLU A N   1 
ATOM   331 C  CA  . GLU A 1 41 ? 20.732  -6.705  -8.215  1.00 14.30 ? 122 GLU A CA  1 
ATOM   332 C  C   . GLU A 1 41 ? 21.446  -7.796  -9.017  1.00 13.87 ? 122 GLU A C   1 
ATOM   333 O  O   . GLU A 1 41 ? 22.674  -7.821  -9.099  1.00 13.52 ? 122 GLU A O   1 
ATOM   334 C  CB  . GLU A 1 41 ? 20.311  -7.221  -6.822  1.00 15.05 ? 122 GLU A CB  1 
ATOM   335 C  CG  . GLU A 1 41 ? 20.003  -6.091  -5.810  1.00 14.60 ? 122 GLU A CG  1 
ATOM   336 C  CD  . GLU A 1 41 ? 19.442  -6.584  -4.488  1.00 21.47 ? 122 GLU A CD  1 
ATOM   337 O  OE1 . GLU A 1 41 ? 19.006  -7.761  -4.398  1.00 17.74 ? 122 GLU A OE1 1 
ATOM   338 O  OE2 . GLU A 1 41 ? 19.418  -5.770  -3.532  1.00 27.24 ? 122 GLU A OE2 1 
HETATM 339 N  N   . MSE A 1 42 ? 20.674  -8.705  -9.606  1.00 12.60 ? 123 MSE A N   1 
HETATM 340 C  CA  . MSE A 1 42 ? 21.255  -9.769  -10.425 1.00 14.78 ? 123 MSE A CA  1 
HETATM 341 C  C   . MSE A 1 42 ? 21.876  -9.220  -11.714 1.00 13.54 ? 123 MSE A C   1 
HETATM 342 O  O   . MSE A 1 42 ? 22.980  -9.626  -12.103 1.00 14.71 ? 123 MSE A O   1 
HETATM 343 C  CB  . MSE A 1 42 ? 20.207  -10.836 -10.744 1.00 16.44 ? 123 MSE A CB  1 
HETATM 344 C  CG  . MSE A 1 42 ? 20.751  -12.009 -11.538 1.00 22.87 ? 123 MSE A CG  1 
HETATM 345 SE SE  . MSE A 1 42 ? 19.425  -13.430 -11.653 1.00 44.00 ? 123 MSE A SE  1 
HETATM 346 C  CE  . MSE A 1 42 ? 19.679  -14.179 -9.868  1.00 26.50 ? 123 MSE A CE  1 
ATOM   347 N  N   . ALA A 1 43 ? 21.202  -8.270  -12.359 1.00 11.53 ? 124 ALA A N   1 
ATOM   348 C  CA  . ALA A 1 43 ? 21.780  -7.651  -13.556 1.00 15.35 ? 124 ALA A CA  1 
ATOM   349 C  C   . ALA A 1 43 ? 23.071  -6.885  -13.226 1.00 16.58 ? 124 ALA A C   1 
ATOM   350 O  O   . ALA A 1 43 ? 24.050  -6.933  -13.987 1.00 14.74 ? 124 ALA A O   1 
ATOM   351 C  CB  . ALA A 1 43 ? 20.771  -6.737  -14.236 1.00 13.14 ? 124 ALA A CB  1 
ATOM   352 N  N   . LEU A 1 44 ? 23.078  -6.178  -12.096 1.00 12.43 ? 125 LEU A N   1 
ATOM   353 C  CA  . LEU A 1 44 ? 24.267  -5.423  -11.696 1.00 15.20 ? 125 LEU A CA  1 
ATOM   354 C  C   . LEU A 1 44 ? 25.446  -6.356  -11.430 1.00 16.76 ? 125 LEU A C   1 
ATOM   355 O  O   . LEU A 1 44 ? 26.573  -6.080  -11.854 1.00 17.04 ? 125 LEU A O   1 
ATOM   356 C  CB  . LEU A 1 44 ? 23.988  -4.569  -10.454 1.00 13.66 ? 125 LEU A CB  1 
ATOM   357 C  CG  . LEU A 1 44 ? 25.140  -3.681  -9.966  1.00 14.84 ? 125 LEU A CG  1 
ATOM   358 C  CD1 . LEU A 1 44 ? 25.633  -2.782  -11.079 1.00 15.28 ? 125 LEU A CD1 1 
ATOM   359 C  CD2 . LEU A 1 44 ? 24.694  -2.851  -8.763  1.00 14.03 ? 125 LEU A CD2 1 
ATOM   360 N  N   . LYS A 1 45 ? 25.179  -7.451  -10.723 1.00 14.33 ? 126 LYS A N   1 
ATOM   361 C  CA  . LYS A 1 45 ? 26.208  -8.423  -10.395 1.00 16.56 ? 126 LYS A CA  1 
ATOM   362 C  C   . LYS A 1 45 ? 26.778  -9.046  -11.666 1.00 16.80 ? 126 LYS A C   1 
ATOM   363 O  O   . LYS A 1 45 ? 27.997  -9.134  -11.836 1.00 17.53 ? 126 LYS A O   1 
ATOM   364 C  CB  . LYS A 1 45 ? 25.617  -9.505  -9.494  1.00 17.32 ? 126 LYS A CB  1 
ATOM   365 C  CG  . LYS A 1 45 ? 26.516  -10.727 -9.258  1.00 20.43 ? 126 LYS A CG  1 
ATOM   366 C  CD  . LYS A 1 45 ? 25.722  -11.813 -8.530  1.00 22.33 ? 126 LYS A CD  1 
ATOM   367 C  CE  . LYS A 1 45 ? 26.556  -13.063 -8.268  1.00 34.66 ? 126 LYS A CE  1 
ATOM   368 N  NZ  . LYS A 1 45 ? 25.758  -14.116 -7.551  1.00 38.49 ? 126 LYS A NZ  1 
ATOM   369 N  N   . GLN A 1 46 ? 25.890  -9.473  -12.555 1.00 15.88 ? 127 GLN A N   1 
ATOM   370 C  CA  . GLN A 1 46 ? 26.299  -10.060 -13.829 1.00 16.43 ? 127 GLN A CA  1 
ATOM   371 C  C   . GLN A 1 46 ? 27.086  -9.060  -14.670 1.00 17.09 ? 127 GLN A C   1 
ATOM   372 O  O   . GLN A 1 46 ? 28.123  -9.414  -15.242 1.00 16.71 ? 127 GLN A O   1 
ATOM   373 C  CB  . GLN A 1 46 ? 25.083  -10.632 -14.580 1.00 15.20 ? 127 GLN A CB  1 
ATOM   374 C  CG  . GLN A 1 46 ? 24.561  -11.947 -13.970 1.00 15.21 ? 127 GLN A CG  1 
ATOM   375 C  CD  . GLN A 1 46 ? 23.343  -12.512 -14.687 1.00 16.83 ? 127 GLN A CD  1 
ATOM   376 O  OE1 . GLN A 1 46 ? 22.829  -11.924 -15.649 1.00 15.69 ? 127 GLN A OE1 1 
ATOM   377 N  NE2 . GLN A 1 46 ? 22.863  -13.651 -14.208 1.00 17.15 ? 127 GLN A NE2 1 
ATOM   378 N  N   . GLU A 1 47 ? 26.631  -7.807  -14.715 1.00 15.40 ? 128 GLU A N   1 
ATOM   379 C  CA  . GLU A 1 47 ? 27.345  -6.788  -15.480 1.00 14.74 ? 128 GLU A CA  1 
ATOM   380 C  C   . GLU A 1 47 ? 28.753  -6.574  -14.926 1.00 20.59 ? 128 GLU A C   1 
ATOM   381 O  O   . GLU A 1 47 ? 29.716  -6.360  -15.684 1.00 17.07 ? 128 GLU A O   1 
ATOM   382 C  CB  . GLU A 1 47 ? 26.589  -5.463  -15.487 1.00 17.54 ? 128 GLU A CB  1 
ATOM   383 C  CG  . GLU A 1 47 ? 27.076  -4.487  -16.557 1.00 19.76 ? 128 GLU A CG  1 
ATOM   384 C  CD  . GLU A 1 47 ? 26.845  -5.004  -17.977 1.00 22.30 ? 128 GLU A CD  1 
ATOM   385 O  OE1 . GLU A 1 47 ? 25.854  -5.738  -18.206 1.00 22.48 ? 128 GLU A OE1 1 
ATOM   386 O  OE2 . GLU A 1 47 ? 27.654  -4.676  -18.873 1.00 24.27 ? 128 GLU A OE2 1 
ATOM   387 N  N   . ARG A 1 48 ? 28.877  -6.652  -13.604 1.00 19.36 ? 129 ARG A N   1 
ATOM   388 C  CA  . ARG A 1 48 ? 30.171  -6.432  -12.962 1.00 19.69 ? 129 ARG A CA  1 
ATOM   389 C  C   . ARG A 1 48 ? 31.163  -7.585  -13.186 1.00 20.06 ? 129 ARG A C   1 
ATOM   390 O  O   . ARG A 1 48 ? 32.375  -7.370  -13.166 1.00 23.66 ? 129 ARG A O   1 
ATOM   391 C  CB  . ARG A 1 48 ? 29.996  -6.163  -11.463 1.00 17.07 ? 129 ARG A CB  1 
ATOM   392 C  CG  . ARG A 1 48 ? 29.403  -4.800  -11.128 1.00 17.86 ? 129 ARG A CG  1 
ATOM   393 C  CD  . ARG A 1 48 ? 29.096  -4.702  -9.638  1.00 17.02 ? 129 ARG A CD  1 
ATOM   394 N  NE  . ARG A 1 48 ? 28.853  -3.320  -9.223  1.00 17.47 ? 129 ARG A NE  1 
ATOM   395 C  CZ  . ARG A 1 48 ? 28.421  -2.959  -8.016  1.00 16.92 ? 129 ARG A CZ  1 
ATOM   396 N  NH1 . ARG A 1 48 ? 28.164  -3.872  -7.085  1.00 14.81 ? 129 ARG A NH1 1 
ATOM   397 N  NH2 . ARG A 1 48 ? 28.243  -1.676  -7.744  1.00 16.60 ? 129 ARG A NH2 1 
ATOM   398 N  N   . ALA A 1 49 ? 30.657  -8.794  -13.423 1.00 19.92 ? 130 ALA A N   1 
ATOM   399 C  CA  . ALA A 1 49 ? 31.519  -9.985  -13.528 1.00 19.95 ? 130 ALA A CA  1 
ATOM   400 C  C   . ALA A 1 49 ? 32.190  -10.200 -14.894 1.00 24.14 ? 130 ALA A C   1 
ATOM   401 O  O   . ALA A 1 49 ? 31.922  -9.482  -15.869 1.00 28.83 ? 130 ALA A O   1 
ATOM   402 C  CB  . ALA A 1 49 ? 30.753  -11.235 -13.111 1.00 18.36 ? 130 ALA A CB  1 
HETATM 403 N  N   . MSE B 1 3  ? -29.010 -0.895  19.809  1.00 28.78 ? 84  MSE B N   1 
HETATM 404 C  CA  . MSE B 1 3  ? -27.825 -1.585  20.328  1.00 31.68 ? 84  MSE B CA  1 
HETATM 405 C  C   . MSE B 1 3  ? -26.955 -2.229  19.249  1.00 31.23 ? 84  MSE B C   1 
HETATM 406 O  O   . MSE B 1 3  ? -25.738 -2.007  19.200  1.00 32.43 ? 84  MSE B O   1 
HETATM 407 C  CB  . MSE B 1 3  ? -28.224 -2.653  21.346  1.00 33.08 ? 84  MSE B CB  1 
HETATM 408 C  CG  . MSE B 1 3  ? -27.719 -2.358  22.736  1.00 26.92 ? 84  MSE B CG  1 
HETATM 409 SE SE  . MSE B 1 3  ? -25.929 -2.387  22.794  1.00 25.01 ? 84  MSE B SE  1 
HETATM 410 C  CE  . MSE B 1 3  ? -25.642 -4.163  22.721  1.00 23.00 ? 84  MSE B CE  1 
ATOM   411 N  N   . ASP B 1 4  ? -27.575 -3.036  18.395  1.00 30.88 ? 85  ASP B N   1 
ATOM   412 C  CA  . ASP B 1 4  ? -26.839 -3.791  17.393  1.00 27.57 ? 85  ASP B CA  1 
ATOM   413 C  C   . ASP B 1 4  ? -26.233 -2.889  16.332  1.00 28.55 ? 85  ASP B C   1 
ATOM   414 O  O   . ASP B 1 4  ? -25.281 -3.272  15.650  1.00 27.96 ? 85  ASP B O   1 
ATOM   415 C  CB  . ASP B 1 4  ? -27.738 -4.849  16.764  1.00 33.66 ? 85  ASP B CB  1 
ATOM   416 C  CG  . ASP B 1 4  ? -28.310 -5.792  17.799  1.00 37.23 ? 85  ASP B CG  1 
ATOM   417 O  OD1 . ASP B 1 4  ? -27.802 -5.767  18.943  1.00 41.21 ? 85  ASP B OD1 1 
ATOM   418 O  OD2 . ASP B 1 4  ? -29.249 -6.552  17.472  1.00 39.67 ? 85  ASP B OD2 1 
ATOM   419 N  N   . TRP B 1 5  ? -26.773 -1.684  16.204  1.00 25.30 ? 86  TRP B N   1 
ATOM   420 C  CA  . TRP B 1 5  ? -26.159 -0.690  15.340  1.00 22.50 ? 86  TRP B CA  1 
ATOM   421 C  C   . TRP B 1 5  ? -24.957 -0.064  16.034  1.00 24.64 ? 86  TRP B C   1 
ATOM   422 O  O   . TRP B 1 5  ? -23.924 0.133   15.405  1.00 21.94 ? 86  TRP B O   1 
ATOM   423 C  CB  . TRP B 1 5  ? -27.169 0.378   14.936  1.00 21.27 ? 86  TRP B CB  1 
ATOM   424 C  CG  . TRP B 1 5  ? -28.270 -0.173  14.081  1.00 20.06 ? 86  TRP B CG  1 
ATOM   425 C  CD1 . TRP B 1 5  ? -28.269 -1.360  13.398  1.00 19.90 ? 86  TRP B CD1 1 
ATOM   426 C  CD2 . TRP B 1 5  ? -29.541 0.438   13.825  1.00 16.48 ? 86  TRP B CD2 1 
ATOM   427 N  NE1 . TRP B 1 5  ? -29.469 -1.518  12.732  1.00 21.46 ? 86  TRP B NE1 1 
ATOM   428 C  CE2 . TRP B 1 5  ? -30.265 -0.429  12.983  1.00 17.12 ? 86  TRP B CE2 1 
ATOM   429 C  CE3 . TRP B 1 5  ? -30.137 1.633   14.232  1.00 20.82 ? 86  TRP B CE3 1 
ATOM   430 C  CZ2 . TRP B 1 5  ? -31.552 -0.132  12.534  1.00 17.95 ? 86  TRP B CZ2 1 
ATOM   431 C  CZ3 . TRP B 1 5  ? -31.418 1.925   13.793  1.00 21.85 ? 86  TRP B CZ3 1 
ATOM   432 C  CH2 . TRP B 1 5  ? -32.111 1.047   12.955  1.00 17.52 ? 86  TRP B CH2 1 
ATOM   433 N  N   . GLU B 1 6  ? -25.080 0.230   17.330  1.00 24.45 ? 87  GLU B N   1 
ATOM   434 C  CA  . GLU B 1 6  ? -23.980 0.849   18.071  1.00 24.53 ? 87  GLU B CA  1 
ATOM   435 C  C   . GLU B 1 6  ? -22.710 -0.011  18.066  1.00 22.54 ? 87  GLU B C   1 
ATOM   436 O  O   . GLU B 1 6  ? -21.608 0.516   17.964  1.00 22.82 ? 87  GLU B O   1 
ATOM   437 C  CB  . GLU B 1 6  ? -24.409 1.225   19.500  1.00 29.12 ? 87  GLU B CB  1 
ATOM   438 C  CG  . GLU B 1 6  ? -25.254 2.514   19.576  1.00 26.93 ? 87  GLU B CG  1 
ATOM   439 C  CD  . GLU B 1 6  ? -25.613 2.924   21.005  1.00 31.74 ? 87  GLU B CD  1 
ATOM   440 O  OE1 . GLU B 1 6  ? -24.698 3.022   21.854  1.00 36.26 ? 87  GLU B OE1 1 
ATOM   441 O  OE2 . GLU B 1 6  ? -26.813 3.156   21.280  1.00 30.11 ? 87  GLU B OE2 1 
ATOM   442 N  N   . VAL B 1 7  ? -22.873 -1.329  18.150  1.00 21.37 ? 88  VAL B N   1 
ATOM   443 C  CA  . VAL B 1 7  ? -21.745 -2.258  18.122  1.00 22.49 ? 88  VAL B CA  1 
ATOM   444 C  C   . VAL B 1 7  ? -21.085 -2.343  16.734  1.00 23.18 ? 88  VAL B C   1 
ATOM   445 O  O   . VAL B 1 7  ? -19.856 -2.301  16.613  1.00 19.28 ? 88  VAL B O   1 
ATOM   446 C  CB  . VAL B 1 7  ? -22.187 -3.668  18.567  1.00 26.51 ? 88  VAL B CB  1 
ATOM   447 C  CG1 . VAL B 1 7  ? -21.155 -4.707  18.173  1.00 23.80 ? 88  VAL B CG1 1 
ATOM   448 C  CG2 . VAL B 1 7  ? -22.473 -3.703  20.087  1.00 26.07 ? 88  VAL B CG2 1 
ATOM   449 N  N   . GLU B 1 8  ? -21.893 -2.470  15.685  1.00 21.02 ? 89  GLU B N   1 
ATOM   450 C  CA  . GLU B 1 8  ? -21.338 -2.491  14.339  1.00 20.50 ? 89  GLU B CA  1 
ATOM   451 C  C   . GLU B 1 8  ? -20.704 -1.136  14.026  1.00 18.93 ? 89  GLU B C   1 
ATOM   452 O  O   . GLU B 1 8  ? -19.630 -1.075  13.437  1.00 21.15 ? 89  GLU B O   1 
ATOM   453 C  CB  . GLU B 1 8  ? -22.409 -2.853  13.302  1.00 20.25 ? 89  GLU B CB  1 
ATOM   454 C  CG  . GLU B 1 8  ? -21.862 -2.971  11.881  1.00 18.49 ? 89  GLU B CG  1 
ATOM   455 C  CD  . GLU B 1 8  ? -22.880 -3.471  10.886  1.00 19.15 ? 89  GLU B CD  1 
ATOM   456 O  OE1 . GLU B 1 8  ? -24.099 -3.317  11.129  1.00 21.20 ? 89  GLU B OE1 1 
ATOM   457 O  OE2 . GLU B 1 8  ? -22.462 -4.013  9.844   1.00 25.38 ? 89  GLU B OE2 1 
ATOM   458 N  N   . ARG B 1 9  ? -21.354 -0.056  14.446  1.00 18.00 ? 90  ARG B N   1 
ATOM   459 C  CA  . ARG B 1 9  ? -20.838 1.286   14.200  1.00 20.29 ? 90  ARG B CA  1 
ATOM   460 C  C   . ARG B 1 9  ? -19.440 1.423   14.775  1.00 22.40 ? 90  ARG B C   1 
ATOM   461 O  O   . ARG B 1 9  ? -18.524 1.891   14.100  1.00 20.41 ? 90  ARG B O   1 
ATOM   462 C  CB  . ARG B 1 9  ? -21.752 2.350   14.816  1.00 21.34 ? 90  ARG B CB  1 
ATOM   463 C  CG  . ARG B 1 9  ? -21.260 3.782   14.603  1.00 22.15 ? 90  ARG B CG  1 
ATOM   464 C  CD  . ARG B 1 9  ? -22.303 4.832   15.011  1.00 24.59 ? 90  ARG B CD  1 
ATOM   465 N  NE  . ARG B 1 9  ? -23.672 4.319   14.930  1.00 28.82 ? 90  ARG B NE  1 
ATOM   466 C  CZ  . ARG B 1 9  ? -24.752 5.066   14.709  1.00 27.03 ? 90  ARG B CZ  1 
ATOM   467 N  NH1 . ARG B 1 9  ? -24.643 6.381   14.532  1.00 31.36 ? 90  ARG B NH1 1 
ATOM   468 N  NH2 . ARG B 1 9  ? -25.949 4.498   14.652  1.00 22.61 ? 90  ARG B NH2 1 
ATOM   469 N  N   . ALA B 1 10 ? -19.281 0.990   16.021  1.00 22.40 ? 91  ALA B N   1 
ATOM   470 C  CA  . ALA B 1 10 ? -17.990 1.071   16.691  1.00 22.93 ? 91  ALA B CA  1 
ATOM   471 C  C   . ALA B 1 10 ? -16.920 0.215   15.996  1.00 19.19 ? 91  ALA B C   1 
ATOM   472 O  O   . ALA B 1 10 ? -15.753 0.603   15.945  1.00 21.45 ? 91  ALA B O   1 
ATOM   473 C  CB  . ALA B 1 10 ? -18.133 0.685   18.162  1.00 20.29 ? 91  ALA B CB  1 
ATOM   474 N  N   . GLU B 1 11 ? -17.305 -0.942  15.463  1.00 19.15 ? 92  GLU B N   1 
ATOM   475 C  CA  . GLU B 1 11 ? -16.329 -1.812  14.811  1.00 22.10 ? 92  GLU B CA  1 
ATOM   476 C  C   . GLU B 1 11 ? -15.904 -1.299  13.419  1.00 20.88 ? 92  GLU B C   1 
ATOM   477 O  O   . GLU B 1 11 ? -14.731 -1.404  13.043  1.00 16.67 ? 92  GLU B O   1 
ATOM   478 C  CB  . GLU B 1 11 ? -16.832 -3.265  14.803  1.00 21.45 ? 92  GLU B CB  1 
ATOM   479 C  CG  . GLU B 1 11 ? -17.055 -3.789  16.243  1.00 25.76 ? 92  GLU B CG  1 
ATOM   480 C  CD  . GLU B 1 11 ? -17.588 -5.218  16.323  1.00 31.83 ? 92  GLU B CD  1 
ATOM   481 O  OE1 . GLU B 1 11 ? -17.746 -5.869  15.267  1.00 38.29 ? 92  GLU B OE1 1 
ATOM   482 O  OE2 . GLU B 1 11 ? -17.837 -5.693  17.454  1.00 30.71 ? 92  GLU B OE2 1 
ATOM   483 N  N   . LEU B 1 12 ? -16.851 -0.724  12.677  1.00 18.07 ? 93  LEU B N   1 
ATOM   484 C  CA  . LEU B 1 12 ? -16.564 -0.105  11.383  1.00 18.21 ? 93  LEU B CA  1 
ATOM   485 C  C   . LEU B 1 12 ? -15.704 1.144   11.539  1.00 17.75 ? 93  LEU B C   1 
ATOM   486 O  O   . LEU B 1 12 ? -14.821 1.410   10.709  1.00 19.20 ? 93  LEU B O   1 
ATOM   487 C  CB  . LEU B 1 12 ? -17.860 0.282   10.680  1.00 17.84 ? 93  LEU B CB  1 
ATOM   488 C  CG  . LEU B 1 12 ? -18.778 -0.859  10.264  1.00 18.42 ? 93  LEU B CG  1 
ATOM   489 C  CD1 . LEU B 1 12 ? -20.062 -0.278  9.671   1.00 17.91 ? 93  LEU B CD1 1 
ATOM   490 C  CD2 . LEU B 1 12 ? -18.076 -1.754  9.269   1.00 18.76 ? 93  LEU B CD2 1 
ATOM   491 N  N   . GLN B 1 13 ? -15.961 1.910   12.596  1.00 17.03 ? 94  GLN B N   1 
ATOM   492 C  CA  . GLN B 1 13 ? -15.165 3.103   12.882  1.00 19.88 ? 94  GLN B CA  1 
ATOM   493 C  C   . GLN B 1 13 ? -13.739 2.774   13.348  1.00 17.71 ? 94  GLN B C   1 
ATOM   494 O  O   . GLN B 1 13 ? -12.796 3.468   12.992  1.00 19.27 ? 94  GLN B O   1 
ATOM   495 C  CB  . GLN B 1 13 ? -15.890 4.015   13.887  1.00 21.84 ? 94  GLN B CB  1 
ATOM   496 C  CG  . GLN B 1 13 ? -16.986 4.853   13.238  1.00 20.70 ? 94  GLN B CG  1 
ATOM   497 C  CD  . GLN B 1 13 ? -17.741 5.718   14.228  1.00 25.47 ? 94  GLN B CD  1 
ATOM   498 O  OE1 . GLN B 1 13 ? -17.592 5.571   15.441  1.00 24.49 ? 94  GLN B OE1 1 
ATOM   499 N  NE2 . GLN B 1 13 ? -18.561 6.627   13.711  1.00 20.41 ? 94  GLN B NE2 1 
ATOM   500 N  N   . ALA B 1 14 ? -13.580 1.714   14.131  1.00 18.00 ? 95  ALA B N   1 
ATOM   501 C  CA  . ALA B 1 14 ? -12.246 1.293   14.540  1.00 18.65 ? 95  ALA B CA  1 
ATOM   502 C  C   . ALA B 1 14 ? -11.444 0.860   13.306  1.00 20.62 ? 95  ALA B C   1 
ATOM   503 O  O   . ALA B 1 14 ? -10.246 1.138   13.189  1.00 19.99 ? 95  ALA B O   1 
ATOM   504 C  CB  . ALA B 1 14 ? -12.335 0.157   15.547  1.00 20.18 ? 95  ALA B CB  1 
ATOM   505 N  N   . ARG B 1 15 ? -12.126 0.180   12.387  1.00 19.80 ? 96  ARG B N   1 
ATOM   506 C  CA  . ARG B 1 15 ? -11.524 -0.317  11.158  1.00 19.56 ? 96  ARG B CA  1 
ATOM   507 C  C   . ARG B 1 15 ? -10.995 0.811   10.266  1.00 20.06 ? 96  ARG B C   1 
ATOM   508 O  O   . ARG B 1 15 ? -9.863  0.740   9.767   1.00 19.77 ? 96  ARG B O   1 
ATOM   509 C  CB  . ARG B 1 15 ? -12.551 -1.149  10.391  1.00 18.63 ? 96  ARG B CB  1 
ATOM   510 C  CG  . ARG B 1 15 ? -12.029 -1.731  9.094   1.00 23.18 ? 96  ARG B CG  1 
ATOM   511 C  CD  . ARG B 1 15 ? -11.317 -3.050  9.320   1.00 28.67 ? 96  ARG B CD  1 
ATOM   512 N  NE  . ARG B 1 15 ? -10.565 -3.444  8.131   1.00 32.21 ? 96  ARG B NE  1 
ATOM   513 C  CZ  . ARG B 1 15 ? -9.739  -4.484  8.073   1.00 33.83 ? 96  ARG B CZ  1 
ATOM   514 N  NH1 . ARG B 1 15 ? -9.562  -5.253  9.143   1.00 35.65 ? 96  ARG B NH1 1 
ATOM   515 N  NH2 . ARG B 1 15 ? -9.093  -4.753  6.945   1.00 27.73 ? 96  ARG B NH2 1 
ATOM   516 N  N   . ILE B 1 16 ? -11.820 1.833   10.042  1.00 16.36 ? 97  ILE B N   1 
ATOM   517 C  CA  . ILE B 1 16 ? -11.392 3.011   9.294   1.00 16.63 ? 97  ILE B CA  1 
ATOM   518 C  C   . ILE B 1 16 ? -10.178 3.658   9.963   1.00 19.35 ? 97  ILE B C   1 
ATOM   519 O  O   . ILE B 1 16 ? -9.211  4.016   9.289   1.00 17.99 ? 97  ILE B O   1 
ATOM   520 C  CB  . ILE B 1 16 ? -12.519 4.063   9.178   1.00 17.65 ? 97  ILE B CB  1 
ATOM   521 C  CG1 . ILE B 1 16 ? -13.678 3.519   8.337   1.00 15.22 ? 97  ILE B CG1 1 
ATOM   522 C  CG2 . ILE B 1 16 ? -11.993 5.357   8.564   1.00 18.55 ? 97  ILE B CG2 1 
ATOM   523 C  CD1 . ILE B 1 16 ? -14.850 4.472   8.213   1.00 19.28 ? 97  ILE B CD1 1 
ATOM   524 N  N   . ALA B 1 17 ? -10.233 3.801   11.287  1.00 19.48 ? 98  ALA B N   1 
ATOM   525 C  CA  . ALA B 1 17 ? -9.144  4.419   12.038  1.00 21.17 ? 98  ALA B CA  1 
ATOM   526 C  C   . ALA B 1 17 ? -7.833  3.659   11.851  1.00 21.99 ? 98  ALA B C   1 
ATOM   527 O  O   . ALA B 1 17 ? -6.818  4.251   11.458  1.00 22.09 ? 98  ALA B O   1 
ATOM   528 C  CB  . ALA B 1 17 ? -9.505  4.538   13.527  1.00 22.97 ? 98  ALA B CB  1 
HETATM 529 N  N   . MSE B 1 18 ? -7.839  2.353   12.111  1.00 19.95 ? 99  MSE B N   1 
HETATM 530 C  CA  . MSE B 1 18 ? -6.612  1.578   11.930  1.00 22.59 ? 99  MSE B CA  1 
HETATM 531 C  C   . MSE B 1 18 ? -6.093  1.554   10.479  1.00 22.89 ? 99  MSE B C   1 
HETATM 532 O  O   . MSE B 1 18 ? -4.878  1.559   10.260  1.00 21.15 ? 99  MSE B O   1 
HETATM 533 C  CB  . MSE B 1 18 ? -6.732  0.168   12.516  1.00 23.06 ? 99  MSE B CB  1 
HETATM 534 C  CG  . MSE B 1 18 ? -7.765  -0.736  11.882  1.00 24.98 ? 99  MSE B CG  1 
HETATM 535 SE SE  . MSE B 1 18 ? -7.821  -2.311  12.781  1.00 29.97 ? 99  MSE B SE  1 
HETATM 536 C  CE  . MSE B 1 18 ? -9.185  -1.989  13.918  1.00 22.61 ? 99  MSE B CE  1 
ATOM   537 N  N   . LEU B 1 19 ? -6.990  1.553   9.490   1.00 18.77 ? 100 LEU B N   1 
ATOM   538 C  CA  . LEU B 1 19 ? -6.541  1.625   8.098   1.00 21.68 ? 100 LEU B CA  1 
ATOM   539 C  C   . LEU B 1 19 ? -5.898  2.978   7.762   1.00 19.19 ? 100 LEU B C   1 
ATOM   540 O  O   . LEU B 1 19 ? -4.915  3.038   7.023   1.00 16.74 ? 100 LEU B O   1 
ATOM   541 C  CB  . LEU B 1 19 ? -7.671  1.299   7.114   1.00 17.34 ? 100 LEU B CB  1 
ATOM   542 C  CG  . LEU B 1 19 ? -8.087  -0.173  7.012   1.00 22.06 ? 100 LEU B CG  1 
ATOM   543 C  CD1 . LEU B 1 19 ? -9.425  -0.304  6.280   1.00 18.81 ? 100 LEU B CD1 1 
ATOM   544 C  CD2 . LEU B 1 19 ? -7.009  -1.008  6.322   1.00 21.46 ? 100 LEU B CD2 1 
ATOM   545 N  N   . GLN B 1 20 ? -6.457  4.055   8.307   1.00 19.76 ? 101 GLN B N   1 
ATOM   546 C  CA  . GLN B 1 20 ? -5.907  5.397   8.108   1.00 21.53 ? 101 GLN B CA  1 
ATOM   547 C  C   . GLN B 1 20 ? -4.500  5.508   8.698   1.00 19.99 ? 101 GLN B C   1 
ATOM   548 O  O   . GLN B 1 20 ? -3.614  6.093   8.085   1.00 21.85 ? 101 GLN B O   1 
ATOM   549 C  CB  . GLN B 1 20 ? -6.826  6.466   8.727   1.00 20.15 ? 101 GLN B CB  1 
ATOM   550 C  CG  . GLN B 1 20 ? -8.118  6.723   7.938   1.00 23.51 ? 101 GLN B CG  1 
ATOM   551 C  CD  . GLN B 1 20 ? -9.068  7.709   8.626   1.00 29.28 ? 101 GLN B CD  1 
ATOM   552 O  OE1 . GLN B 1 20 ? -9.286  7.650   9.841   1.00 27.83 ? 101 GLN B OE1 1 
ATOM   553 N  NE2 . GLN B 1 20 ? -9.638  8.617   7.843   1.00 34.56 ? 101 GLN B NE2 1 
ATOM   554 N  N   . GLY B 1 21 ? -4.300  4.929   9.880   1.00 20.04 ? 102 GLY B N   1 
ATOM   555 C  CA  . GLY B 1 21 ? -3.021  5.017   10.562  1.00 20.68 ? 102 GLY B CA  1 
ATOM   556 C  C   . GLY B 1 21 ? -1.899  4.274   9.854   1.00 21.65 ? 102 GLY B C   1 
ATOM   557 O  O   . GLY B 1 21 ? -0.714  4.516   10.129  1.00 20.23 ? 102 GLY B O   1 
ATOM   558 N  N   . GLU B 1 22 ? -2.260  3.375   8.939   1.00 21.75 ? 103 GLU B N   1 
ATOM   559 C  CA  . GLU B 1 22 ? -1.262  2.545   8.261   1.00 19.89 ? 103 GLU B CA  1 
ATOM   560 C  C   . GLU B 1 22 ? -0.825  3.099   6.916   1.00 18.76 ? 103 GLU B C   1 
ATOM   561 O  O   . GLU B 1 22 ? 0.108   2.575   6.300   1.00 21.92 ? 103 GLU B O   1 
ATOM   562 C  CB  . GLU B 1 22 ? -1.789  1.115   8.088   1.00 20.00 ? 103 GLU B CB  1 
ATOM   563 C  CG  . GLU B 1 22 ? -1.863  0.342   9.398   1.00 23.31 ? 103 GLU B CG  1 
ATOM   564 C  CD  . GLU B 1 22 ? -0.566  0.443   10.192  1.00 24.77 ? 103 GLU B CD  1 
ATOM   565 O  OE1 . GLU B 1 22 ? 0.433   -0.200  9.794   1.00 25.35 ? 103 GLU B OE1 1 
ATOM   566 O  OE2 . GLU B 1 22 ? -0.533  1.180   11.206  1.00 24.58 ? 103 GLU B OE2 1 
ATOM   567 N  N   . ARG B 1 23 ? -1.482  4.156   6.454   1.00 18.21 ? 104 ARG B N   1 
ATOM   568 C  CA  . ARG B 1 23 ? -1.198  4.688   5.124   1.00 19.17 ? 104 ARG B CA  1 
ATOM   569 C  C   . ARG B 1 23 ? 0.213   5.238   5.006   1.00 19.94 ? 104 ARG B C   1 
ATOM   570 O  O   . ARG B 1 23 ? 0.909   4.970   4.019   1.00 18.17 ? 104 ARG B O   1 
ATOM   571 C  CB  . ARG B 1 23 ? -2.187  5.787   4.751   1.00 21.20 ? 104 ARG B CB  1 
ATOM   572 C  CG  . ARG B 1 23 ? -3.642  5.353   4.710   1.00 20.48 ? 104 ARG B CG  1 
ATOM   573 C  CD  . ARG B 1 23 ? -4.539  6.581   4.754   1.00 22.54 ? 104 ARG B CD  1 
ATOM   574 N  NE  . ARG B 1 23 ? -5.288  6.777   3.520   1.00 27.56 ? 104 ARG B NE  1 
ATOM   575 C  CZ  . ARG B 1 23 ? -4.833  7.437   2.461   1.00 32.87 ? 104 ARG B CZ  1 
ATOM   576 N  NH1 . ARG B 1 23 ? -3.610  7.957   2.468   1.00 36.85 ? 104 ARG B NH1 1 
ATOM   577 N  NH2 . ARG B 1 23 ? -5.602  7.574   1.386   1.00 36.28 ? 104 ARG B NH2 1 
ATOM   578 N  N   . LYS B 1 24 ? 0.631   6.019   6.000   1.00 17.78 ? 105 LYS B N   1 
ATOM   579 C  CA  . LYS B 1 24 ? 1.925   6.689   5.918   1.00 21.67 ? 105 LYS B CA  1 
ATOM   580 C  C   . LYS B 1 24 ? 3.059   5.666   5.862   1.00 18.07 ? 105 LYS B C   1 
ATOM   581 O  O   . LYS B 1 24 ? 4.023   5.843   5.107   1.00 20.91 ? 105 LYS B O   1 
ATOM   582 C  CB  . LYS B 1 24 ? 2.131   7.685   7.069   1.00 20.76 ? 105 LYS B CB  1 
ATOM   583 C  CG  . LYS B 1 24 ? 3.409   8.526   6.933   1.00 22.48 ? 105 LYS B CG  1 
ATOM   584 N  N   . GLY B 1 25 ? 2.923   4.592   6.636   1.00 18.12 ? 106 GLY B N   1 
ATOM   585 C  CA  . GLY B 1 25 ? 3.885   3.500   6.625   1.00 17.10 ? 106 GLY B CA  1 
ATOM   586 C  C   . GLY B 1 25 ? 3.975   2.770   5.290   1.00 20.63 ? 106 GLY B C   1 
ATOM   587 O  O   . GLY B 1 25 ? 5.081   2.432   4.818   1.00 17.30 ? 106 GLY B O   1 
ATOM   588 N  N   . GLN B 1 26 ? 2.822   2.502   4.680   1.00 15.61 ? 107 GLN B N   1 
ATOM   589 C  CA  . GLN B 1 26 ? 2.804   1.950   3.334   1.00 17.80 ? 107 GLN B CA  1 
ATOM   590 C  C   . GLN B 1 26 ? 3.526   2.885   2.376   1.00 16.74 ? 107 GLN B C   1 
ATOM   591 O  O   . GLN B 1 26 ? 4.301   2.449   1.518   1.00 16.20 ? 107 GLN B O   1 
ATOM   592 C  CB  . GLN B 1 26 ? 1.372   1.811   2.833   1.00 20.96 ? 107 GLN B CB  1 
ATOM   593 C  CG  . GLN B 1 26 ? 0.531   0.744   3.480   1.00 23.05 ? 107 GLN B CG  1 
ATOM   594 C  CD  . GLN B 1 26 ? -0.694  0.437   2.632   1.00 22.89 ? 107 GLN B CD  1 
ATOM   595 O  OE1 . GLN B 1 26 ? -0.785  -0.633  2.022   1.00 26.63 ? 107 GLN B OE1 1 
ATOM   596 N  NE2 . GLN B 1 26 ? -1.626  1.388   2.562   1.00 22.56 ? 107 GLN B NE2 1 
ATOM   597 N  N   . GLU B 1 27 ? 3.249   4.178   2.506   1.00 16.86 ? 108 GLU B N   1 
ATOM   598 C  CA  . GLU B 1 27 ? 3.791   5.153   1.569   1.00 18.88 ? 108 GLU B CA  1 
ATOM   599 C  C   . GLU B 1 27 ? 5.281   5.382   1.843   1.00 18.16 ? 108 GLU B C   1 
ATOM   600 O  O   . GLU B 1 27 ? 6.047   5.660   0.922   1.00 17.61 ? 108 GLU B O   1 
ATOM   601 C  CB  . GLU B 1 27 ? 2.980   6.465   1.600   1.00 19.19 ? 108 GLU B CB  1 
ATOM   602 C  CG  . GLU B 1 27 ? 3.295   7.444   0.455   1.00 25.30 ? 108 GLU B CG  1 
ATOM   603 C  CD  . GLU B 1 27 ? 2.774   6.994   -0.916  1.00 28.06 ? 108 GLU B CD  1 
ATOM   604 O  OE1 . GLU B 1 27 ? 1.853   6.144   -0.981  1.00 33.96 ? 108 GLU B OE1 1 
ATOM   605 O  OE2 . GLU B 1 27 ? 3.279   7.507   -1.939  1.00 31.92 ? 108 GLU B OE2 1 
ATOM   606 N  N   . ASN B 1 28 ? 5.694   5.243   3.102   1.00 18.34 ? 109 ASN B N   1 
ATOM   607 C  CA  . ASN B 1 28 ? 7.117   5.279   3.435   1.00 16.88 ? 109 ASN B CA  1 
ATOM   608 C  C   . ASN B 1 28 ? 7.839   4.143   2.723   1.00 17.03 ? 109 ASN B C   1 
ATOM   609 O  O   . ASN B 1 28 ? 8.860   4.359   2.059   1.00 15.35 ? 109 ASN B O   1 
ATOM   610 C  CB  . ASN B 1 28 ? 7.341   5.125   4.948   1.00 16.38 ? 109 ASN B CB  1 
ATOM   611 C  CG  . ASN B 1 28 ? 7.137   6.424   5.719   1.00 16.82 ? 109 ASN B CG  1 
ATOM   612 O  OD1 . ASN B 1 28 ? 7.057   7.502   5.139   1.00 15.68 ? 109 ASN B OD1 1 
ATOM   613 N  ND2 . ASN B 1 28 ? 7.071   6.315   7.044   1.00 16.80 ? 109 ASN B ND2 1 
ATOM   614 N  N   . LEU B 1 29 ? 7.310   2.929   2.870   1.00 15.52 ? 110 LEU B N   1 
ATOM   615 C  CA  . LEU B 1 29 ? 7.950   1.748   2.295   1.00 15.46 ? 110 LEU B CA  1 
ATOM   616 C  C   . LEU B 1 29 ? 8.012   1.851   0.779   1.00 13.39 ? 110 LEU B C   1 
ATOM   617 O  O   . LEU B 1 29 ? 9.035   1.528   0.177   1.00 16.27 ? 110 LEU B O   1 
ATOM   618 C  CB  . LEU B 1 29 ? 7.231   0.464   2.717   1.00 15.94 ? 110 LEU B CB  1 
ATOM   619 C  CG  . LEU B 1 29 ? 7.856   -0.841  2.215   1.00 14.09 ? 110 LEU B CG  1 
ATOM   620 C  CD1 . LEU B 1 29 ? 9.328   -0.878  2.586   1.00 14.86 ? 110 LEU B CD1 1 
ATOM   621 C  CD2 . LEU B 1 29 ? 7.142   -2.028  2.809   1.00 17.23 ? 110 LEU B CD2 1 
ATOM   622 N  N   . LYS B 1 30 ? 6.940   2.327   0.156   1.00 12.23 ? 111 LYS B N   1 
ATOM   623 C  CA  . LYS B 1 30 ? 6.967   2.543   -1.287  1.00 14.46 ? 111 LYS B CA  1 
ATOM   624 C  C   . LYS B 1 30 ? 8.119   3.491   -1.669  1.00 15.40 ? 111 LYS B C   1 
ATOM   625 O  O   . LYS B 1 30 ? 8.874   3.216   -2.618  1.00 13.44 ? 111 LYS B O   1 
ATOM   626 C  CB  . LYS B 1 30 ? 5.629   3.093   -1.788  1.00 15.32 ? 111 LYS B CB  1 
ATOM   627 C  CG  . LYS B 1 30 ? 5.623   3.428   -3.280  1.00 18.20 ? 111 LYS B CG  1 
ATOM   628 C  CD  . LYS B 1 30 ? 4.355   4.182   -3.667  1.00 21.18 ? 111 LYS B CD  1 
ATOM   629 C  CE  . LYS B 1 30 ? 4.586   5.023   -4.912  1.00 26.23 ? 111 LYS B CE  1 
ATOM   630 N  NZ  . LYS B 1 30 ? 3.498   6.019   -5.118  1.00 31.98 ? 111 LYS B NZ  1 
ATOM   631 N  N   . LYS B 1 31 ? 8.274   4.584   -0.916  1.00 14.23 ? 112 LYS B N   1 
ATOM   632 C  CA  . LYS B 1 31 ? 9.349   5.546   -1.188  1.00 15.12 ? 112 LYS B CA  1 
ATOM   633 C  C   . LYS B 1 31 ? 10.721  4.905   -1.011  1.00 12.58 ? 112 LYS B C   1 
ATOM   634 O  O   . LYS B 1 31 ? 11.638  5.187   -1.774  1.00 16.17 ? 112 LYS B O   1 
ATOM   635 C  CB  . LYS B 1 31 ? 9.246   6.767   -0.274  1.00 15.19 ? 112 LYS B CB  1 
ATOM   636 C  CG  . LYS B 1 31 ? 8.071   7.685   -0.566  1.00 22.16 ? 112 LYS B CG  1 
ATOM   637 C  CD  . LYS B 1 31 ? 7.821   8.583   0.643   1.00 23.62 ? 112 LYS B CD  1 
ATOM   638 C  CE  . LYS B 1 31 ? 6.887   9.735   0.306   1.00 30.27 ? 112 LYS B CE  1 
ATOM   639 N  NZ  . LYS B 1 31 ? 6.681   10.610  1.497   1.00 34.02 ? 112 LYS B NZ  1 
ATOM   640 N  N   . ASP B 1 32 ? 10.856  4.068   0.018   1.00 13.64 ? 113 ASP B N   1 
ATOM   641 C  CA  . ASP B 1 32 ? 12.063  3.284   0.241   1.00 15.22 ? 113 ASP B CA  1 
ATOM   642 C  C   . ASP B 1 32 ? 12.399  2.504   -1.028  1.00 13.15 ? 113 ASP B C   1 
ATOM   643 O  O   . ASP B 1 32 ? 13.496  2.636   -1.589  1.00 12.89 ? 113 ASP B O   1 
ATOM   644 C  CB  . ASP B 1 32 ? 11.850  2.328   1.437   1.00 15.08 ? 113 ASP B CB  1 
ATOM   645 C  CG  . ASP B 1 32 ? 12.996  1.319   1.625   1.00 16.13 ? 113 ASP B CG  1 
ATOM   646 O  OD1 . ASP B 1 32 ? 13.352  0.596   0.674   1.00 14.05 ? 113 ASP B OD1 1 
ATOM   647 O  OD2 . ASP B 1 32 ? 13.534  1.219   2.748   1.00 16.72 ? 113 ASP B OD2 1 
ATOM   648 N  N   . LEU B 1 33 ? 11.456  1.689   -1.481  1.00 12.04 ? 114 LEU B N   1 
ATOM   649 C  CA  . LEU B 1 33 ? 11.739  0.765   -2.574  1.00 11.73 ? 114 LEU B CA  1 
ATOM   650 C  C   . LEU B 1 33 ? 11.987  1.479   -3.907  1.00 12.77 ? 114 LEU B C   1 
ATOM   651 O  O   . LEU B 1 33 ? 12.824  1.042   -4.700  1.00 11.18 ? 114 LEU B O   1 
ATOM   652 C  CB  . LEU B 1 33 ? 10.612  -0.272  -2.697  1.00 11.28 ? 114 LEU B CB  1 
ATOM   653 C  CG  . LEU B 1 33 ? 10.369  -1.044  -1.396  1.00 13.01 ? 114 LEU B CG  1 
ATOM   654 C  CD1 . LEU B 1 33 ? 9.096   -1.854  -1.490  1.00 12.80 ? 114 LEU B CD1 1 
ATOM   655 C  CD2 . LEU B 1 33 ? 11.559  -1.948  -1.050  1.00 12.35 ? 114 LEU B CD2 1 
ATOM   656 N  N   . VAL B 1 34 ? 11.267  2.573   -4.152  1.00 11.40 ? 115 VAL B N   1 
ATOM   657 C  CA  . VAL B 1 34 ? 11.456  3.335   -5.383  1.00 11.94 ? 115 VAL B CA  1 
ATOM   658 C  C   . VAL B 1 34 ? 12.850  3.970   -5.397  1.00 13.92 ? 115 VAL B C   1 
ATOM   659 O  O   . VAL B 1 34 ? 13.502  4.014   -6.436  1.00 11.38 ? 115 VAL B O   1 
ATOM   660 C  CB  . VAL B 1 34 ? 10.364  4.402   -5.555  1.00 14.86 ? 115 VAL B CB  1 
ATOM   661 C  CG1 . VAL B 1 34 ? 10.749  5.427   -6.623  1.00 15.93 ? 115 VAL B CG1 1 
ATOM   662 C  CG2 . VAL B 1 34 ? 9.022   3.733   -5.886  1.00 15.00 ? 115 VAL B CG2 1 
ATOM   663 N  N   . ARG B 1 35 ? 13.316  4.431   -4.236  1.00 11.73 ? 116 ARG B N   1 
ATOM   664 C  CA  . ARG B 1 35 ? 14.659  5.010   -4.140  1.00 13.82 ? 116 ARG B CA  1 
ATOM   665 C  C   . ARG B 1 35 ? 15.731  3.944   -4.406  1.00 12.44 ? 116 ARG B C   1 
ATOM   666 O  O   . ARG B 1 35 ? 16.714  4.216   -5.097  1.00 10.79 ? 116 ARG B O   1 
ATOM   667 C  CB  . ARG B 1 35 ? 14.869  5.662   -2.763  1.00 15.08 ? 116 ARG B CB  1 
ATOM   668 C  CG  . ARG B 1 35 ? 16.257  6.265   -2.540  1.00 18.12 ? 116 ARG B CG  1 
ATOM   669 C  CD  . ARG B 1 35 ? 16.398  7.641   -3.199  1.00 21.39 ? 116 ARG B CD  1 
ATOM   670 N  NE  . ARG B 1 35 ? 17.757  8.180   -3.065  1.00 21.48 ? 116 ARG B NE  1 
ATOM   671 C  CZ  . ARG B 1 35 ? 18.230  8.749   -1.958  1.00 22.76 ? 116 ARG B CZ  1 
ATOM   672 N  NH1 . ARG B 1 35 ? 17.460  8.857   -0.881  1.00 19.84 ? 116 ARG B NH1 1 
ATOM   673 N  NH2 . ARG B 1 35 ? 19.471  9.219   -1.928  1.00 20.59 ? 116 ARG B NH2 1 
ATOM   674 N  N   . ARG B 1 36 ? 15.537  2.740   -3.868  1.00 11.40 ? 117 ARG B N   1 
ATOM   675 C  CA  . ARG B 1 36 ? 16.470  1.632   -4.103  1.00 11.21 ? 117 ARG B CA  1 
ATOM   676 C  C   . ARG B 1 36 ? 16.597  1.344   -5.602  1.00 11.86 ? 117 ARG B C   1 
ATOM   677 O  O   . ARG B 1 36 ? 17.701  1.180   -6.126  1.00 13.83 ? 117 ARG B O   1 
ATOM   678 C  CB  . ARG B 1 36 ? 16.000  0.365   -3.379  1.00 10.57 ? 117 ARG B CB  1 
ATOM   679 C  CG  . ARG B 1 36 ? 16.110  0.411   -1.867  1.00 10.50 ? 117 ARG B CG  1 
ATOM   680 C  CD  . ARG B 1 36 ? 15.657  -0.921  -1.257  1.00 13.25 ? 117 ARG B CD  1 
ATOM   681 N  NE  . ARG B 1 36 ? 15.464  -0.821  0.196   1.00 10.21 ? 117 ARG B NE  1 
ATOM   682 C  CZ  . ARG B 1 36 ? 16.429  -1.073  1.075   1.00 10.91 ? 117 ARG B CZ  1 
ATOM   683 N  NH1 . ARG B 1 36 ? 17.625  -1.448  0.645   1.00 10.86 ? 117 ARG B NH1 1 
ATOM   684 N  NH2 . ARG B 1 36 ? 16.202  -0.968  2.378   1.00 13.13 ? 117 ARG B NH2 1 
ATOM   685 N  N   . ILE B 1 37 ? 15.461  1.290   -6.282  1.00 10.68 ? 118 ILE B N   1 
ATOM   686 C  CA  . ILE B 1 37 ? 15.421  1.052   -7.718  1.00 12.41 ? 118 ILE B CA  1 
ATOM   687 C  C   . ILE B 1 37 ? 16.142  2.167   -8.477  1.00 12.29 ? 118 ILE B C   1 
ATOM   688 O  O   . ILE B 1 37 ? 16.947  1.898   -9.367  1.00 12.87 ? 118 ILE B O   1 
ATOM   689 C  CB  . ILE B 1 37 ? 13.960  0.934   -8.205  1.00 11.33 ? 118 ILE B CB  1 
ATOM   690 C  CG1 . ILE B 1 37 ? 13.318  -0.310  -7.587  1.00 11.33 ? 118 ILE B CG1 1 
ATOM   691 C  CG2 . ILE B 1 37 ? 13.890  0.850   -9.708  1.00 14.30 ? 118 ILE B CG2 1 
ATOM   692 C  CD1 . ILE B 1 37 ? 11.806  -0.381  -7.711  1.00 11.54 ? 118 ILE B CD1 1 
ATOM   693 N  N   . LYS B 1 38 ? 15.846  3.416   -8.136  1.00 12.48 ? 119 LYS B N   1 
ATOM   694 C  CA  . LYS B 1 38 ? 16.515  4.559   -8.768  1.00 14.74 ? 119 LYS B CA  1 
ATOM   695 C  C   . LYS B 1 38 ? 18.038  4.440   -8.712  1.00 14.83 ? 119 LYS B C   1 
ATOM   696 O  O   . LYS B 1 38 ? 18.726  4.641   -9.725  1.00 15.64 ? 119 LYS B O   1 
ATOM   697 C  CB  . LYS B 1 38 ? 16.066  5.857   -8.092  1.00 17.47 ? 119 LYS B CB  1 
ATOM   698 C  CG  . LYS B 1 38 ? 16.722  7.135   -8.625  1.00 19.33 ? 119 LYS B CG  1 
ATOM   699 C  CD  . LYS B 1 38 ? 16.139  8.361   -7.905  1.00 26.10 ? 119 LYS B CD  1 
ATOM   700 C  CE  . LYS B 1 38 ? 16.489  9.661   -8.625  1.00 32.92 ? 119 LYS B CE  1 
ATOM   701 N  NZ  . LYS B 1 38 ? 17.930  10.020  -8.507  1.00 36.84 ? 119 LYS B NZ  1 
HETATM 702 N  N   . MSE B 1 39 ? 18.560  4.088   -7.541  1.00 12.19 ? 120 MSE B N   1 
HETATM 703 C  CA  . MSE B 1 39 ? 20.006  4.018   -7.352  1.00 13.58 ? 120 MSE B CA  1 
HETATM 704 C  C   . MSE B 1 39 ? 20.595  2.779   -8.018  1.00 13.51 ? 120 MSE B C   1 
HETATM 705 O  O   . MSE B 1 39 ? 21.724  2.806   -8.514  1.00 12.83 ? 120 MSE B O   1 
HETATM 706 C  CB  . MSE B 1 39 ? 20.368  4.080   -5.867  1.00 12.86 ? 120 MSE B CB  1 
HETATM 707 C  CG  . MSE B 1 39 ? 19.983  5.402   -5.208  1.00 15.31 ? 120 MSE B CG  1 
HETATM 708 SE SE  . MSE B 1 39 ? 20.785  5.540   -3.419  1.00 27.23 ? 120 MSE B SE  1 
HETATM 709 C  CE  . MSE B 1 39 ? 19.960  3.996   -2.593  1.00 15.27 ? 120 MSE B CE  1 
ATOM   710 N  N   . LEU B 1 40 ? 19.829  1.695   -8.042  1.00 11.61 ? 121 LEU B N   1 
ATOM   711 C  CA  . LEU B 1 40 ? 20.280  0.495   -8.727  1.00 11.95 ? 121 LEU B CA  1 
ATOM   712 C  C   . LEU B 1 40 ? 20.278  0.692   -10.240 1.00 12.89 ? 121 LEU B C   1 
ATOM   713 O  O   . LEU B 1 40 ? 21.161  0.200   -10.939 1.00 13.21 ? 121 LEU B O   1 
ATOM   714 C  CB  . LEU B 1 40 ? 19.412  -0.695  -8.333  1.00 12.29 ? 121 LEU B CB  1 
ATOM   715 C  CG  . LEU B 1 40 ? 19.888  -1.416  -7.077  1.00 10.27 ? 121 LEU B CG  1 
ATOM   716 C  CD1 . LEU B 1 40 ? 18.796  -2.335  -6.570  1.00 11.07 ? 121 LEU B CD1 1 
ATOM   717 C  CD2 . LEU B 1 40 ? 21.156  -2.212  -7.365  1.00 10.92 ? 121 LEU B CD2 1 
ATOM   718 N  N   . GLU B 1 41 ? 19.290  1.421   -10.747 1.00 12.57 ? 122 GLU B N   1 
ATOM   719 C  CA  . GLU B 1 41 ? 19.227  1.696   -12.181 1.00 14.71 ? 122 GLU B CA  1 
ATOM   720 C  C   . GLU B 1 41 ? 20.383  2.587   -12.618 1.00 16.99 ? 122 GLU B C   1 
ATOM   721 O  O   . GLU B 1 41 ? 20.941  2.390   -13.705 1.00 15.04 ? 122 GLU B O   1 
ATOM   722 C  CB  . GLU B 1 41 ? 17.865  2.286   -12.583 1.00 16.03 ? 122 GLU B CB  1 
ATOM   723 C  CG  . GLU B 1 41 ? 16.748  1.230   -12.496 1.00 18.18 ? 122 GLU B CG  1 
ATOM   724 C  CD  . GLU B 1 41 ? 15.377  1.730   -12.941 1.00 22.65 ? 122 GLU B CD  1 
ATOM   725 O  OE1 . GLU B 1 41 ? 15.114  2.956   -12.864 1.00 22.49 ? 122 GLU B OE1 1 
ATOM   726 O  OE2 . GLU B 1 41 ? 14.552  0.873   -13.346 1.00 23.54 ? 122 GLU B OE2 1 
HETATM 727 N  N   . MSE B 1 42 ? 20.744  3.550   -11.769 1.00 15.57 ? 123 MSE B N   1 
HETATM 728 C  CA  . MSE B 1 42 ? 21.894  4.407   -12.041 1.00 19.51 ? 123 MSE B CA  1 
HETATM 729 C  C   . MSE B 1 42 ? 23.157  3.564   -12.025 1.00 18.33 ? 123 MSE B C   1 
HETATM 730 O  O   . MSE B 1 42 ? 24.029  3.707   -12.889 1.00 21.83 ? 123 MSE B O   1 
HETATM 731 C  CB  . MSE B 1 42 ? 21.993  5.558   -11.014 1.00 19.15 ? 123 MSE B CB  1 
HETATM 732 C  CG  . MSE B 1 42 ? 20.824  6.547   -11.089 1.00 24.43 ? 123 MSE B CG  1 
HETATM 733 SE SE  . MSE B 1 42 ? 20.982  8.112   -10.164 1.00 44.21 ? 123 MSE B SE  1 
HETATM 734 C  CE  . MSE B 1 42 ? 21.145  7.526   -8.478  1.00 23.84 ? 123 MSE B CE  1 
ATOM   735 N  N   . ALA B 1 43 ? 23.250  2.672   -11.044 1.00 14.66 ? 124 ALA B N   1 
ATOM   736 C  CA  . ALA B 1 43 ? 24.432  1.839   -10.889 1.00 16.14 ? 124 ALA B CA  1 
ATOM   737 C  C   . ALA B 1 43 ? 24.624  0.950   -12.109 1.00 17.75 ? 124 ALA B C   1 
ATOM   738 O  O   . ALA B 1 43 ? 25.750  0.773   -12.578 1.00 17.40 ? 124 ALA B O   1 
ATOM   739 C  CB  . ALA B 1 43 ? 24.329  0.995   -9.624  1.00 14.18 ? 124 ALA B CB  1 
ATOM   740 N  N   . LEU B 1 44 ? 23.522  0.397   -12.619 1.00 15.44 ? 125 LEU B N   1 
ATOM   741 C  CA  . LEU B 1 44 ? 23.559  -0.496  -13.780 1.00 16.76 ? 125 LEU B CA  1 
ATOM   742 C  C   . LEU B 1 44 ? 23.939  0.269   -15.054 1.00 18.52 ? 125 LEU B C   1 
ATOM   743 O  O   . LEU B 1 44 ? 24.780  -0.192  -15.836 1.00 17.84 ? 125 LEU B O   1 
ATOM   744 C  CB  . LEU B 1 44 ? 22.214  -1.215  -13.951 1.00 14.96 ? 125 LEU B CB  1 
ATOM   745 C  CG  . LEU B 1 44 ? 22.132  -2.313  -15.020 1.00 16.76 ? 125 LEU B CG  1 
ATOM   746 C  CD1 . LEU B 1 44 ? 23.197  -3.356  -14.799 1.00 14.06 ? 125 LEU B CD1 1 
ATOM   747 C  CD2 . LEU B 1 44 ? 20.759  -2.976  -15.039 1.00 14.07 ? 125 LEU B CD2 1 
ATOM   748 N  N   . LYS B 1 45 ? 23.331  1.439   -15.247 1.00 16.27 ? 126 LYS B N   1 
ATOM   749 C  CA  . LYS B 1 45 ? 23.628  2.262   -16.415 1.00 20.32 ? 126 LYS B CA  1 
ATOM   750 C  C   . LYS B 1 45 ? 25.096  2.644   -16.445 1.00 23.55 ? 126 LYS B C   1 
ATOM   751 O  O   . LYS B 1 45 ? 25.762  2.512   -17.484 1.00 24.17 ? 126 LYS B O   1 
ATOM   752 C  CB  . LYS B 1 45 ? 22.798  3.540   -16.421 1.00 22.13 ? 126 LYS B CB  1 
ATOM   753 C  CG  . LYS B 1 45 ? 23.204  4.480   -17.546 1.00 24.19 ? 126 LYS B CG  1 
ATOM   754 C  CD  . LYS B 1 45 ? 22.758  5.903   -17.279 1.00 30.72 ? 126 LYS B CD  1 
ATOM   755 C  CE  . LYS B 1 45 ? 21.259  5.966   -17.180 1.00 31.99 ? 126 LYS B CE  1 
ATOM   756 N  NZ  . LYS B 1 45 ? 20.749  7.268   -16.645 1.00 40.59 ? 126 LYS B NZ  1 
ATOM   757 N  N   . GLN B 1 46 ? 25.600  3.110   -15.303 1.00 21.53 ? 127 GLN B N   1 
ATOM   758 C  CA  . GLN B 1 46 ? 26.992  3.531   -15.211 1.00 21.58 ? 127 GLN B CA  1 
ATOM   759 C  C   . GLN B 1 46 ? 27.944  2.366   -15.462 1.00 23.62 ? 127 GLN B C   1 
ATOM   760 O  O   . GLN B 1 46 ? 28.979  2.528   -16.104 1.00 21.99 ? 127 GLN B O   1 
ATOM   761 C  CB  . GLN B 1 46 ? 27.267  4.220   -13.871 1.00 22.16 ? 127 GLN B CB  1 
ATOM   762 C  CG  . GLN B 1 46 ? 26.589  5.590   -13.770 1.00 26.48 ? 127 GLN B CG  1 
ATOM   763 C  CD  . GLN B 1 46 ? 26.655  6.183   -12.381 1.00 31.59 ? 127 GLN B CD  1 
ATOM   764 O  OE1 . GLN B 1 46 ? 27.335  5.657   -11.498 1.00 33.24 ? 127 GLN B OE1 1 
ATOM   765 N  NE2 . GLN B 1 46 ? 25.934  7.279   -12.175 1.00 37.25 ? 127 GLN B NE2 1 
ATOM   766 N  N   . GLU B 1 47 ? 27.587  1.182   -14.981 1.00 21.82 ? 128 GLU B N   1 
ATOM   767 C  CA  . GLU B 1 47 ? 28.435  0.019   -15.218 1.00 20.75 ? 128 GLU B CA  1 
ATOM   768 C  C   . GLU B 1 47 ? 28.403  -0.409  -16.695 1.00 26.16 ? 128 GLU B C   1 
ATOM   769 O  O   . GLU B 1 47 ? 29.434  -0.801  -17.263 1.00 25.89 ? 128 GLU B O   1 
ATOM   770 C  CB  . GLU B 1 47 ? 28.042  -1.138  -14.300 1.00 19.32 ? 128 GLU B CB  1 
ATOM   771 C  CG  . GLU B 1 47 ? 28.958  -2.341  -14.396 1.00 22.51 ? 128 GLU B CG  1 
ATOM   772 C  CD  . GLU B 1 47 ? 30.300  -2.144  -13.686 1.00 25.91 ? 128 GLU B CD  1 
ATOM   773 O  OE1 . GLU B 1 47 ? 30.481  -1.128  -12.976 1.00 27.77 ? 128 GLU B OE1 1 
ATOM   774 O  OE2 . GLU B 1 47 ? 31.177  -3.022  -13.835 1.00 26.11 ? 128 GLU B OE2 1 
ATOM   775 N  N   . ARG B 1 48 ? 27.229  -0.309  -17.321 1.00 21.88 ? 129 ARG B N   1 
ATOM   776 C  CA  . ARG B 1 48 ? 27.083  -0.641  -18.742 1.00 22.38 ? 129 ARG B CA  1 
ATOM   777 C  C   . ARG B 1 48 ? 27.680  0.409   -19.693 1.00 25.24 ? 129 ARG B C   1 
ATOM   778 O  O   . ARG B 1 48 ? 27.859  0.142   -20.884 1.00 26.89 ? 129 ARG B O   1 
ATOM   779 C  CB  . ARG B 1 48 ? 25.612  -0.892  -19.092 1.00 24.01 ? 129 ARG B CB  1 
ATOM   780 C  CG  . ARG B 1 48 ? 25.103  -2.255  -18.620 1.00 19.17 ? 129 ARG B CG  1 
ATOM   781 C  CD  . ARG B 1 48 ? 23.621  -2.475  -18.862 1.00 17.77 ? 129 ARG B CD  1 
ATOM   782 N  NE  . ARG B 1 48 ? 23.285  -3.841  -18.467 1.00 18.87 ? 129 ARG B NE  1 
ATOM   783 C  CZ  . ARG B 1 48 ? 22.067  -4.371  -18.453 1.00 14.63 ? 129 ARG B CZ  1 
ATOM   784 N  NH1 . ARG B 1 48 ? 21.005  -3.667  -18.810 1.00 13.84 ? 129 ARG B NH1 1 
ATOM   785 N  NH2 . ARG B 1 48 ? 21.922  -5.628  -18.072 1.00 16.07 ? 129 ARG B NH2 1 
ATOM   786 N  N   . ALA B 1 49 ? 27.995  1.590   -19.165 1.00 24.22 ? 130 ALA B N   1 
ATOM   787 C  CA  . ALA B 1 49 ? 28.540  2.680   -19.979 1.00 24.57 ? 130 ALA B CA  1 
ATOM   788 C  C   . ALA B 1 49 ? 30.056  2.574   -20.164 1.00 26.46 ? 130 ALA B C   1 
ATOM   789 O  O   . ALA B 1 49 ? 30.780  2.166   -19.249 1.00 26.98 ? 130 ALA B O   1 
ATOM   790 C  CB  . ALA B 1 49 ? 28.169  4.030   -19.371 1.00 23.45 ? 130 ALA B CB  1 
HETATM 791 O  O   . HOH C 2 .  ? -26.626 0.125   4.307   1.00 12.54 ? 201 HOH A O   1 
HETATM 792 O  O   . HOH C 2 .  ? -36.993 0.853   7.814   1.00 12.13 ? 202 HOH A O   1 
HETATM 793 O  O   . HOH C 2 .  ? -32.161 4.326   11.366  1.00 16.79 ? 203 HOH A O   1 
HETATM 794 O  O   . HOH C 2 .  ? 10.727  -7.800  -11.761 1.00 13.19 ? 204 HOH A O   1 
HETATM 795 O  O   . HOH C 2 .  ? 23.692  -7.527  -16.553 1.00 16.58 ? 205 HOH A O   1 
HETATM 796 O  O   . HOH C 2 .  ? -31.725 -2.269  8.551   1.00 16.19 ? 206 HOH A O   1 
HETATM 797 O  O   . HOH C 2 .  ? 26.725  -6.721  -7.373  1.00 16.85 ? 207 HOH A O   1 
HETATM 798 O  O   . HOH C 2 .  ? 3.532   0.426   -2.147  1.00 15.32 ? 208 HOH A O   1 
HETATM 799 O  O   . HOH C 2 .  ? 8.446   -6.216  -10.817 1.00 13.32 ? 209 HOH A O   1 
HETATM 800 O  O   . HOH C 2 .  ? -21.430 1.240   0.904   1.00 14.01 ? 210 HOH A O   1 
HETATM 801 O  O   . HOH C 2 .  ? 24.162  -6.694  -7.198  1.00 11.54 ? 211 HOH A O   1 
HETATM 802 O  O   . HOH C 2 .  ? -33.811 -2.041  6.695   1.00 9.94  ? 212 HOH A O   1 
HETATM 803 O  O   . HOH C 2 .  ? 17.715  -8.329  -14.653 1.00 14.60 ? 213 HOH A O   1 
HETATM 804 O  O   . HOH C 2 .  ? 3.745   -8.560  -12.536 1.00 19.36 ? 214 HOH A O   1 
HETATM 805 O  O   . HOH C 2 .  ? 19.714  -9.939  -4.607  1.00 20.05 ? 215 HOH A O   1 
HETATM 806 O  O   . HOH C 2 .  ? -24.547 6.832   2.396   1.00 15.84 ? 216 HOH A O   1 
HETATM 807 O  O   . HOH C 2 .  ? 27.406  -4.982  -21.314 1.00 20.04 ? 217 HOH A O   1 
HETATM 808 O  O   . HOH C 2 .  ? -34.306 6.737   9.713   1.00 17.08 ? 218 HOH A O   1 
HETATM 809 O  O   . HOH C 2 .  ? 6.178   -11.137 -4.588  1.00 15.97 ? 219 HOH A O   1 
HETATM 810 O  O   . HOH C 2 .  ? -27.480 8.757   8.093   1.00 16.50 ? 220 HOH A O   1 
HETATM 811 O  O   . HOH C 2 .  ? 7.867   -9.445  -3.986  1.00 13.78 ? 221 HOH A O   1 
HETATM 812 O  O   . HOH C 2 .  ? 29.650  -9.580  -9.941  1.00 19.60 ? 222 HOH A O   1 
HETATM 813 O  O   . HOH C 2 .  ? -3.580  -4.726  -7.210  1.00 21.49 ? 223 HOH A O   1 
HETATM 814 O  O   . HOH C 2 .  ? -5.226  2.529   2.584   1.00 17.96 ? 224 HOH A O   1 
HETATM 815 O  O   . HOH C 2 .  ? 14.430  -5.256  -12.728 1.00 14.12 ? 225 HOH A O   1 
HETATM 816 O  O   . HOH C 2 .  ? -0.778  -2.444  -7.225  1.00 18.04 ? 226 HOH A O   1 
HETATM 817 O  O   . HOH C 2 .  ? 17.890  -7.888  -2.048  1.00 19.89 ? 227 HOH A O   1 
HETATM 818 O  O   . HOH C 2 .  ? -22.491 5.600   0.598   1.00 23.66 ? 228 HOH A O   1 
HETATM 819 O  O   . HOH C 2 .  ? -37.514 6.550   6.669   1.00 18.78 ? 229 HOH A O   1 
HETATM 820 O  O   . HOH C 2 .  ? 1.175   -3.694  -9.070  1.00 18.06 ? 230 HOH A O   1 
HETATM 821 O  O   . HOH C 2 .  ? -16.570 -1.840  2.545   1.00 19.14 ? 231 HOH A O   1 
HETATM 822 O  O   . HOH C 2 .  ? 8.433   -3.525  -11.971 1.00 23.43 ? 232 HOH A O   1 
HETATM 823 O  O   . HOH C 2 .  ? -15.245 7.159   11.087  1.00 25.25 ? 233 HOH A O   1 
HETATM 824 O  O   . HOH C 2 .  ? -6.865  -4.271  1.462   1.00 26.95 ? 234 HOH A O   1 
HETATM 825 O  O   . HOH C 2 .  ? -18.052 -2.601  1.089   1.00 23.69 ? 235 HOH A O   1 
HETATM 826 O  O   . HOH C 2 .  ? 29.895  -12.196 -9.207  1.00 31.28 ? 236 HOH A O   1 
HETATM 827 O  O   . HOH C 2 .  ? -27.608 6.542   12.111  1.00 23.28 ? 237 HOH A O   1 
HETATM 828 O  O   . HOH C 2 .  ? 7.772   -9.057  -1.046  1.00 19.06 ? 238 HOH A O   1 
HETATM 829 O  O   . HOH C 2 .  ? -23.996 9.602   3.793   1.00 24.77 ? 239 HOH A O   1 
HETATM 830 O  O   . HOH C 2 .  ? -22.989 -0.876  1.987   1.00 20.72 ? 240 HOH A O   1 
HETATM 831 O  O   . HOH C 2 .  ? -20.402 7.263   0.242   1.00 25.24 ? 241 HOH A O   1 
HETATM 832 O  O   . HOH C 2 .  ? -27.201 9.557   10.658  1.00 22.35 ? 242 HOH A O   1 
HETATM 833 O  O   . HOH C 2 .  ? 21.939  -11.495 -7.456  1.00 24.15 ? 243 HOH A O   1 
HETATM 834 O  O   . HOH C 2 .  ? 19.077  -10.914 -6.966  1.00 20.38 ? 244 HOH A O   1 
HETATM 835 O  O   . HOH C 2 .  ? 7.031   -9.496  -12.727 1.00 18.61 ? 245 HOH A O   1 
HETATM 836 O  O   . HOH C 2 .  ? 5.978   -8.907  0.337   1.00 24.94 ? 246 HOH A O   1 
HETATM 837 O  O   . HOH C 2 .  ? -11.996 -1.857  -2.272  1.00 23.12 ? 247 HOH A O   1 
HETATM 838 O  O   . HOH C 2 .  ? -20.026 7.004   -1.982  1.00 29.39 ? 248 HOH A O   1 
HETATM 839 O  O   . HOH C 2 .  ? 6.420   -6.254  -12.329 1.00 23.63 ? 249 HOH A O   1 
HETATM 840 O  O   . HOH C 2 .  ? -16.200 6.357   0.061   1.00 23.08 ? 250 HOH A O   1 
HETATM 841 O  O   . HOH C 2 .  ? 31.243  -8.606  -18.275 1.00 33.25 ? 251 HOH A O   1 
HETATM 842 O  O   . HOH C 2 .  ? -34.162 7.137   12.199  1.00 28.02 ? 252 HOH A O   1 
HETATM 843 O  O   . HOH C 2 .  ? -20.692 7.585   10.621  1.00 24.18 ? 253 HOH A O   1 
HETATM 844 O  O   . HOH C 2 .  ? 29.011  -0.374  -10.364 1.00 24.81 ? 254 HOH A O   1 
HETATM 845 O  O   . HOH C 2 .  ? 33.462  -8.887  -17.358 1.00 33.53 ? 255 HOH A O   1 
HETATM 846 O  O   . HOH C 2 .  ? -24.261 -1.329  4.422   1.00 21.20 ? 256 HOH A O   1 
HETATM 847 O  O   . HOH C 2 .  ? 24.413  -8.541  -6.012  1.00 27.76 ? 257 HOH A O   1 
HETATM 848 O  O   . HOH C 2 .  ? -14.761 -4.144  2.723   1.00 26.19 ? 258 HOH A O   1 
HETATM 849 O  O   . HOH C 2 .  ? 25.699  -7.898  -19.772 1.00 26.50 ? 259 HOH A O   1 
HETATM 850 O  O   . HOH C 2 .  ? 22.892  -13.292 -8.396  1.00 30.60 ? 260 HOH A O   1 
HETATM 851 O  O   . HOH C 2 .  ? 10.016  -10.242 -13.527 1.00 2.96  ? 261 HOH A O   1 
HETATM 852 O  O   . HOH C 2 .  ? 4.769   -9.664  -7.000  1.00 18.32 ? 262 HOH A O   1 
HETATM 853 O  O   . HOH C 2 .  ? -29.857 5.780   13.210  1.00 26.57 ? 263 HOH A O   1 
HETATM 854 O  O   . HOH C 2 .  ? 11.716  -12.230 -2.925  1.00 28.90 ? 264 HOH A O   1 
HETATM 855 O  O   . HOH D 2 .  ? 23.616  4.328   -7.556  1.00 16.50 ? 201 HOH B O   1 
HETATM 856 O  O   . HOH D 2 .  ? -26.451 -3.299  10.267  1.00 17.80 ? 202 HOH B O   1 
HETATM 857 O  O   . HOH D 2 .  ? 20.040  0.750   -4.164  1.00 12.58 ? 203 HOH B O   1 
HETATM 858 O  O   . HOH D 2 .  ? 25.889  2.773   -22.300 1.00 25.01 ? 204 HOH B O   1 
HETATM 859 O  O   . HOH D 2 .  ? 24.795  2.605   -20.036 1.00 22.34 ? 205 HOH B O   1 
HETATM 860 O  O   . HOH D 2 .  ? 17.890  5.896   -11.960 1.00 21.15 ? 206 HOH B O   1 
HETATM 861 O  O   . HOH D 2 .  ? -9.225  0.878   15.934  1.00 20.62 ? 207 HOH B O   1 
HETATM 862 O  O   . HOH D 2 .  ? 4.191   -0.126  0.348   1.00 18.83 ? 208 HOH B O   1 
HETATM 863 O  O   . HOH D 2 .  ? 1.414   4.259   9.171   1.00 22.14 ? 209 HOH B O   1 
HETATM 864 O  O   . HOH D 2 .  ? 11.652  7.585   -3.350  1.00 18.51 ? 210 HOH B O   1 
HETATM 865 O  O   . HOH D 2 .  ? -1.158  7.169   7.954   1.00 18.94 ? 211 HOH B O   1 
HETATM 866 O  O   . HOH D 2 .  ? 3.021   -2.122  1.754   1.00 22.38 ? 212 HOH B O   1 
HETATM 867 O  O   . HOH D 2 .  ? -23.654 8.970   13.601  1.00 29.56 ? 213 HOH B O   1 
HETATM 868 O  O   . HOH D 2 .  ? -3.102  1.838   12.560  1.00 21.30 ? 214 HOH B O   1 
HETATM 869 O  O   . HOH D 2 .  ? 2.562   -0.469  10.316  1.00 22.17 ? 215 HOH B O   1 
HETATM 870 O  O   . HOH D 2 .  ? -4.294  1.425   5.066   1.00 20.49 ? 216 HOH B O   1 
HETATM 871 O  O   . HOH D 2 .  ? 12.292  1.054   4.969   1.00 22.14 ? 217 HOH B O   1 
HETATM 872 O  O   . HOH D 2 .  ? 13.413  7.947   -5.423  1.00 20.77 ? 218 HOH B O   1 
HETATM 873 O  O   . HOH D 2 .  ? 18.871  8.911   -6.016  1.00 22.78 ? 219 HOH B O   1 
HETATM 874 O  O   . HOH D 2 .  ? -6.401  2.608   15.374  1.00 27.84 ? 220 HOH B O   1 
HETATM 875 O  O   . HOH D 2 .  ? 19.704  5.951   -14.168 1.00 27.33 ? 221 HOH B O   1 
HETATM 876 O  O   . HOH D 2 .  ? 12.593  4.564   -9.170  1.00 22.86 ? 222 HOH B O   1 
HETATM 877 O  O   . HOH D 2 .  ? 6.687   1.544   6.612   1.00 20.28 ? 223 HOH B O   1 
HETATM 878 O  O   . HOH D 2 .  ? 3.542   -1.861  4.556   1.00 27.23 ? 224 HOH B O   1 
HETATM 879 O  O   . HOH D 2 .  ? 3.439   2.310   10.174  1.00 28.39 ? 225 HOH B O   1 
HETATM 880 O  O   . HOH D 2 .  ? -12.931 6.207   12.474  1.00 21.46 ? 226 HOH B O   1 
HETATM 881 O  O   . HOH D 2 .  ? 20.378  11.108  -0.611  1.00 23.65 ? 227 HOH B O   1 
HETATM 882 O  O   . HOH D 2 .  ? 27.878  1.355   -11.191 1.00 18.90 ? 228 HOH B O   1 
HETATM 883 O  O   . HOH D 2 .  ? -21.240 2.699   18.851  1.00 23.43 ? 229 HOH B O   1 
HETATM 884 O  O   . HOH D 2 .  ? -14.844 2.603   17.374  1.00 21.48 ? 230 HOH B O   1 
HETATM 885 O  O   . HOH D 2 .  ? 19.753  1.079   -16.009 1.00 18.74 ? 231 HOH B O   1 
HETATM 886 O  O   . HOH D 2 .  ? 33.037  -3.443  -12.265 1.00 21.37 ? 232 HOH B O   1 
HETATM 887 O  O   . HOH D 2 .  ? 13.214  1.775   -15.628 1.00 28.14 ? 233 HOH B O   1 
HETATM 888 O  O   . HOH D 2 .  ? -10.990 8.064   4.392   1.00 31.98 ? 234 HOH B O   1 
HETATM 889 O  O   . HOH D 2 .  ? -3.964  3.835   14.420  1.00 32.29 ? 235 HOH B O   1 
HETATM 890 O  O   . HOH D 2 .  ? 7.397   8.279   9.098   1.00 18.05 ? 236 HOH B O   1 
HETATM 891 O  O   . HOH D 2 .  ? 23.283  7.345   -13.359 1.00 30.59 ? 237 HOH B O   1 
HETATM 892 O  O   . HOH D 2 .  ? 7.080   7.023   -7.159  1.00 28.05 ? 238 HOH B O   1 
HETATM 893 O  O   . HOH D 2 .  ? -32.124 -1.290  15.806  1.00 30.39 ? 239 HOH B O   1 
HETATM 894 O  O   . HOH D 2 .  ? -25.070 -5.642  12.542  1.00 23.47 ? 240 HOH B O   1 
HETATM 895 O  O   . HOH D 2 .  ? -1.711  9.591   6.250   1.00 29.74 ? 241 HOH B O   1 
HETATM 896 O  O   . HOH D 2 .  ? 17.443  -0.562  -15.878 1.00 19.56 ? 242 HOH B O   1 
HETATM 897 O  O   . HOH D 2 .  ? 3.900   -0.357  6.126   1.00 23.69 ? 243 HOH B O   1 
HETATM 898 O  O   . HOH D 2 .  ? -0.807  4.490   1.490   1.00 24.21 ? 244 HOH B O   1 
HETATM 899 O  O   . HOH D 2 .  ? 0.986   1.984   12.908  1.00 28.86 ? 245 HOH B O   1 
HETATM 900 O  O   . HOH D 2 .  ? 32.512  0.967   -17.068 1.00 30.97 ? 246 HOH B O   1 
HETATM 901 O  O   . HOH D 2 .  ? -12.586 -3.490  16.899  1.00 19.75 ? 247 HOH B O   1 
HETATM 902 O  O   . HOH D 2 .  ? 20.342  0.748   -18.325 1.00 21.83 ? 248 HOH B O   1 
HETATM 903 O  O   . HOH D 2 .  ? 14.881  10.235  -4.980  1.00 26.49 ? 249 HOH B O   1 
HETATM 904 O  O   . HOH D 2 .  ? -29.660 2.223   17.404  1.00 32.85 ? 250 HOH B O   1 
# 
